data_1CDY
# 
_entry.id   1CDY 
# 
_audit_conform.dict_name       mmcif_pdbx.dic 
_audit_conform.dict_version    5.398 
_audit_conform.dict_location   http://mmcif.pdb.org/dictionaries/ascii/mmcif_pdbx.dic 
# 
loop_
_database_2.database_id 
_database_2.database_code 
_database_2.pdbx_database_accession 
_database_2.pdbx_DOI 
PDB   1CDY         pdb_00001cdy 10.2210/pdb1cdy/pdb 
WWPDB D_1000172269 ?            ?                   
# 
loop_
_pdbx_audit_revision_history.ordinal 
_pdbx_audit_revision_history.data_content_type 
_pdbx_audit_revision_history.major_revision 
_pdbx_audit_revision_history.minor_revision 
_pdbx_audit_revision_history.revision_date 
1 'Structure model' 1 0 1997-04-01 
2 'Structure model' 1 1 2008-03-24 
3 'Structure model' 1 2 2011-07-13 
4 'Structure model' 1 3 2011-11-16 
5 'Structure model' 1 4 2021-11-03 
6 'Structure model' 1 5 2024-11-13 
# 
_pdbx_audit_revision_details.ordinal             1 
_pdbx_audit_revision_details.revision_ordinal    1 
_pdbx_audit_revision_details.data_content_type   'Structure model' 
_pdbx_audit_revision_details.provider            repository 
_pdbx_audit_revision_details.type                'Initial release' 
_pdbx_audit_revision_details.description         ? 
_pdbx_audit_revision_details.details             ? 
# 
loop_
_pdbx_audit_revision_group.ordinal 
_pdbx_audit_revision_group.revision_ordinal 
_pdbx_audit_revision_group.data_content_type 
_pdbx_audit_revision_group.group 
1 2 'Structure model' 'Version format compliance' 
2 3 'Structure model' 'Version format compliance' 
3 4 'Structure model' 'Atomic model'              
4 5 'Structure model' 'Database references'       
5 5 'Structure model' Other                       
6 6 'Structure model' 'Data collection'           
7 6 'Structure model' 'Structure summary'         
# 
loop_
_pdbx_audit_revision_category.ordinal 
_pdbx_audit_revision_category.revision_ordinal 
_pdbx_audit_revision_category.data_content_type 
_pdbx_audit_revision_category.category 
1 5 'Structure model' database_2                
2 5 'Structure model' pdbx_database_status      
3 5 'Structure model' struct_ref_seq_dif        
4 6 'Structure model' chem_comp_atom            
5 6 'Structure model' chem_comp_bond            
6 6 'Structure model' pdbx_entry_details        
7 6 'Structure model' pdbx_modification_feature 
# 
loop_
_pdbx_audit_revision_item.ordinal 
_pdbx_audit_revision_item.revision_ordinal 
_pdbx_audit_revision_item.data_content_type 
_pdbx_audit_revision_item.item 
1 5 'Structure model' '_database_2.pdbx_DOI'                
2 5 'Structure model' '_database_2.pdbx_database_accession' 
3 5 'Structure model' '_pdbx_database_status.process_site'  
4 5 'Structure model' '_struct_ref_seq_dif.details'         
# 
_pdbx_database_status.status_code                     REL 
_pdbx_database_status.entry_id                        1CDY 
_pdbx_database_status.recvd_initial_deposition_date   1996-11-11 
_pdbx_database_status.deposit_site                    ? 
_pdbx_database_status.process_site                    BNL 
_pdbx_database_status.SG_entry                        . 
_pdbx_database_status.pdb_format_compatible           Y 
_pdbx_database_status.status_code_mr                  ? 
_pdbx_database_status.status_code_sf                  ? 
_pdbx_database_status.status_code_cs                  ? 
_pdbx_database_status.status_code_nmr_data            ? 
_pdbx_database_status.methods_development_category    ? 
# 
loop_
_audit_author.name 
_audit_author.pdbx_ordinal 
'Wu, H.'            1 
'Myszka, D.'        2 
'Tendian, S.W.'     3 
'Brouillette, C.G.' 4 
'Sweet, R.W.'       5 
'Chaiken, I.M.'     6 
'Hendrickson, W.A.' 7 
# 
_citation.id                        primary 
_citation.title                     
'Kinetic and structural analysis of mutant CD4 receptors that are defective in HIV gp120 binding.' 
_citation.journal_abbrev            Proc.Natl.Acad.Sci.USA 
_citation.journal_volume            93 
_citation.page_first                15030 
_citation.page_last                 15035 
_citation.year                      1996 
_citation.journal_id_ASTM           PNASA6 
_citation.country                   US 
_citation.journal_id_ISSN           0027-8424 
_citation.journal_id_CSD            0040 
_citation.book_publisher            ? 
_citation.pdbx_database_id_PubMed   8986758 
_citation.pdbx_database_id_DOI      10.1073/pnas.93.26.15030 
# 
loop_
_citation_author.citation_id 
_citation_author.name 
_citation_author.ordinal 
_citation_author.identifier_ORCID 
primary 'Wu, H.'            1 ? 
primary 'Myszka, D.G.'      2 ? 
primary 'Tendian, S.W.'     3 ? 
primary 'Brouillette, C.G.' 4 ? 
primary 'Sweet, R.W.'       5 ? 
primary 'Chaiken, I.M.'     6 ? 
primary 'Hendrickson, W.A.' 7 ? 
# 
loop_
_entity.id 
_entity.type 
_entity.src_method 
_entity.pdbx_description 
_entity.formula_weight 
_entity.pdbx_number_of_molecules 
_entity.pdbx_ec 
_entity.pdbx_mutation 
_entity.pdbx_fragment 
_entity.details 
1 polymer man 'T-CELL SURFACE GLYCOPROTEIN CD4' 19755.441 1   ? G47S 'D1D2 FRAGMENT' ? 
2 water   nat water                             18.015    207 ? ?    ?               ? 
# 
_entity_poly.entity_id                      1 
_entity_poly.type                           'polypeptide(L)' 
_entity_poly.nstd_linkage                   no 
_entity_poly.nstd_monomer                   no 
_entity_poly.pdbx_seq_one_letter_code       
;KKVVLGKKGDTVELTCTASQKKSIQFHWKNSNQIKILGNQGSFLTKSPSKLNDRADSRRSLWDQGNFPLIIKNLKIEDSD
TYICEVEDQKEEVQLLVFGLTANSDTHLLQGQSLTLTLESPPGSSPSVQCRSPRGKNIQGGKTLSVSQLELQDSGTWTCT
VLQNQKKVEFKIDIVVLA
;
_entity_poly.pdbx_seq_one_letter_code_can   
;KKVVLGKKGDTVELTCTASQKKSIQFHWKNSNQIKILGNQGSFLTKSPSKLNDRADSRRSLWDQGNFPLIIKNLKIEDSD
TYICEVEDQKEEVQLLVFGLTANSDTHLLQGQSLTLTLESPPGSSPSVQCRSPRGKNIQGGKTLSVSQLELQDSGTWTCT
VLQNQKKVEFKIDIVVLA
;
_entity_poly.pdbx_strand_id                 A 
_entity_poly.pdbx_target_identifier         ? 
# 
_pdbx_entity_nonpoly.entity_id   2 
_pdbx_entity_nonpoly.name        water 
_pdbx_entity_nonpoly.comp_id     HOH 
# 
loop_
_entity_poly_seq.entity_id 
_entity_poly_seq.num 
_entity_poly_seq.mon_id 
_entity_poly_seq.hetero 
1 1   LYS n 
1 2   LYS n 
1 3   VAL n 
1 4   VAL n 
1 5   LEU n 
1 6   GLY n 
1 7   LYS n 
1 8   LYS n 
1 9   GLY n 
1 10  ASP n 
1 11  THR n 
1 12  VAL n 
1 13  GLU n 
1 14  LEU n 
1 15  THR n 
1 16  CYS n 
1 17  THR n 
1 18  ALA n 
1 19  SER n 
1 20  GLN n 
1 21  LYS n 
1 22  LYS n 
1 23  SER n 
1 24  ILE n 
1 25  GLN n 
1 26  PHE n 
1 27  HIS n 
1 28  TRP n 
1 29  LYS n 
1 30  ASN n 
1 31  SER n 
1 32  ASN n 
1 33  GLN n 
1 34  ILE n 
1 35  LYS n 
1 36  ILE n 
1 37  LEU n 
1 38  GLY n 
1 39  ASN n 
1 40  GLN n 
1 41  GLY n 
1 42  SER n 
1 43  PHE n 
1 44  LEU n 
1 45  THR n 
1 46  LYS n 
1 47  SER n 
1 48  PRO n 
1 49  SER n 
1 50  LYS n 
1 51  LEU n 
1 52  ASN n 
1 53  ASP n 
1 54  ARG n 
1 55  ALA n 
1 56  ASP n 
1 57  SER n 
1 58  ARG n 
1 59  ARG n 
1 60  SER n 
1 61  LEU n 
1 62  TRP n 
1 63  ASP n 
1 64  GLN n 
1 65  GLY n 
1 66  ASN n 
1 67  PHE n 
1 68  PRO n 
1 69  LEU n 
1 70  ILE n 
1 71  ILE n 
1 72  LYS n 
1 73  ASN n 
1 74  LEU n 
1 75  LYS n 
1 76  ILE n 
1 77  GLU n 
1 78  ASP n 
1 79  SER n 
1 80  ASP n 
1 81  THR n 
1 82  TYR n 
1 83  ILE n 
1 84  CYS n 
1 85  GLU n 
1 86  VAL n 
1 87  GLU n 
1 88  ASP n 
1 89  GLN n 
1 90  LYS n 
1 91  GLU n 
1 92  GLU n 
1 93  VAL n 
1 94  GLN n 
1 95  LEU n 
1 96  LEU n 
1 97  VAL n 
1 98  PHE n 
1 99  GLY n 
1 100 LEU n 
1 101 THR n 
1 102 ALA n 
1 103 ASN n 
1 104 SER n 
1 105 ASP n 
1 106 THR n 
1 107 HIS n 
1 108 LEU n 
1 109 LEU n 
1 110 GLN n 
1 111 GLY n 
1 112 GLN n 
1 113 SER n 
1 114 LEU n 
1 115 THR n 
1 116 LEU n 
1 117 THR n 
1 118 LEU n 
1 119 GLU n 
1 120 SER n 
1 121 PRO n 
1 122 PRO n 
1 123 GLY n 
1 124 SER n 
1 125 SER n 
1 126 PRO n 
1 127 SER n 
1 128 VAL n 
1 129 GLN n 
1 130 CYS n 
1 131 ARG n 
1 132 SER n 
1 133 PRO n 
1 134 ARG n 
1 135 GLY n 
1 136 LYS n 
1 137 ASN n 
1 138 ILE n 
1 139 GLN n 
1 140 GLY n 
1 141 GLY n 
1 142 LYS n 
1 143 THR n 
1 144 LEU n 
1 145 SER n 
1 146 VAL n 
1 147 SER n 
1 148 GLN n 
1 149 LEU n 
1 150 GLU n 
1 151 LEU n 
1 152 GLN n 
1 153 ASP n 
1 154 SER n 
1 155 GLY n 
1 156 THR n 
1 157 TRP n 
1 158 THR n 
1 159 CYS n 
1 160 THR n 
1 161 VAL n 
1 162 LEU n 
1 163 GLN n 
1 164 ASN n 
1 165 GLN n 
1 166 LYS n 
1 167 LYS n 
1 168 VAL n 
1 169 GLU n 
1 170 PHE n 
1 171 LYS n 
1 172 ILE n 
1 173 ASP n 
1 174 ILE n 
1 175 VAL n 
1 176 VAL n 
1 177 LEU n 
1 178 ALA n 
# 
_entity_src_gen.entity_id                          1 
_entity_src_gen.pdbx_src_id                        1 
_entity_src_gen.pdbx_alt_source_flag               sample 
_entity_src_gen.pdbx_seq_type                      ? 
_entity_src_gen.pdbx_beg_seq_num                   ? 
_entity_src_gen.pdbx_end_seq_num                   ? 
_entity_src_gen.gene_src_common_name               human 
_entity_src_gen.gene_src_genus                     Homo 
_entity_src_gen.pdbx_gene_src_gene                 ? 
_entity_src_gen.gene_src_species                   ? 
_entity_src_gen.gene_src_strain                    ? 
_entity_src_gen.gene_src_tissue                    ? 
_entity_src_gen.gene_src_tissue_fraction           ? 
_entity_src_gen.gene_src_details                   ? 
_entity_src_gen.pdbx_gene_src_fragment             ? 
_entity_src_gen.pdbx_gene_src_scientific_name      'Homo sapiens' 
_entity_src_gen.pdbx_gene_src_ncbi_taxonomy_id     9606 
_entity_src_gen.pdbx_gene_src_variant              ? 
_entity_src_gen.pdbx_gene_src_cell_line            ? 
_entity_src_gen.pdbx_gene_src_atcc                 ? 
_entity_src_gen.pdbx_gene_src_organ                OVARY 
_entity_src_gen.pdbx_gene_src_organelle            ? 
_entity_src_gen.pdbx_gene_src_cell                 ? 
_entity_src_gen.pdbx_gene_src_cellular_location    ? 
_entity_src_gen.host_org_common_name               'Chinese hamster' 
_entity_src_gen.pdbx_host_org_scientific_name      'Cricetulus griseus' 
_entity_src_gen.pdbx_host_org_ncbi_taxonomy_id     10029 
_entity_src_gen.host_org_genus                     Cricetulus 
_entity_src_gen.pdbx_host_org_gene                 ? 
_entity_src_gen.pdbx_host_org_organ                ? 
_entity_src_gen.host_org_species                   ? 
_entity_src_gen.pdbx_host_org_tissue               ? 
_entity_src_gen.pdbx_host_org_tissue_fraction      ? 
_entity_src_gen.pdbx_host_org_strain               ? 
_entity_src_gen.pdbx_host_org_variant              ? 
_entity_src_gen.pdbx_host_org_cell_line            ? 
_entity_src_gen.pdbx_host_org_atcc                 ? 
_entity_src_gen.pdbx_host_org_culture_collection   ? 
_entity_src_gen.pdbx_host_org_cell                 ? 
_entity_src_gen.pdbx_host_org_organelle            ? 
_entity_src_gen.pdbx_host_org_cellular_location    ? 
_entity_src_gen.pdbx_host_org_vector_type          ? 
_entity_src_gen.pdbx_host_org_vector               ? 
_entity_src_gen.host_org_details                   ? 
_entity_src_gen.expression_system_id               ? 
_entity_src_gen.plasmid_name                       ? 
_entity_src_gen.plasmid_details                    ? 
_entity_src_gen.pdbx_description                   ? 
# 
loop_
_chem_comp.id 
_chem_comp.type 
_chem_comp.mon_nstd_flag 
_chem_comp.name 
_chem_comp.pdbx_synonyms 
_chem_comp.formula 
_chem_comp.formula_weight 
ALA 'L-peptide linking' y ALANINE         ? 'C3 H7 N O2'     89.093  
ARG 'L-peptide linking' y ARGININE        ? 'C6 H15 N4 O2 1' 175.209 
ASN 'L-peptide linking' y ASPARAGINE      ? 'C4 H8 N2 O3'    132.118 
ASP 'L-peptide linking' y 'ASPARTIC ACID' ? 'C4 H7 N O4'     133.103 
CYS 'L-peptide linking' y CYSTEINE        ? 'C3 H7 N O2 S'   121.158 
GLN 'L-peptide linking' y GLUTAMINE       ? 'C5 H10 N2 O3'   146.144 
GLU 'L-peptide linking' y 'GLUTAMIC ACID' ? 'C5 H9 N O4'     147.129 
GLY 'peptide linking'   y GLYCINE         ? 'C2 H5 N O2'     75.067  
HIS 'L-peptide linking' y HISTIDINE       ? 'C6 H10 N3 O2 1' 156.162 
HOH non-polymer         . WATER           ? 'H2 O'           18.015  
ILE 'L-peptide linking' y ISOLEUCINE      ? 'C6 H13 N O2'    131.173 
LEU 'L-peptide linking' y LEUCINE         ? 'C6 H13 N O2'    131.173 
LYS 'L-peptide linking' y LYSINE          ? 'C6 H15 N2 O2 1' 147.195 
PHE 'L-peptide linking' y PHENYLALANINE   ? 'C9 H11 N O2'    165.189 
PRO 'L-peptide linking' y PROLINE         ? 'C5 H9 N O2'     115.130 
SER 'L-peptide linking' y SERINE          ? 'C3 H7 N O3'     105.093 
THR 'L-peptide linking' y THREONINE       ? 'C4 H9 N O3'     119.119 
TRP 'L-peptide linking' y TRYPTOPHAN      ? 'C11 H12 N2 O2'  204.225 
TYR 'L-peptide linking' y TYROSINE        ? 'C9 H11 N O3'    181.189 
VAL 'L-peptide linking' y VALINE          ? 'C5 H11 N O2'    117.146 
# 
loop_
_pdbx_poly_seq_scheme.asym_id 
_pdbx_poly_seq_scheme.entity_id 
_pdbx_poly_seq_scheme.seq_id 
_pdbx_poly_seq_scheme.mon_id 
_pdbx_poly_seq_scheme.ndb_seq_num 
_pdbx_poly_seq_scheme.pdb_seq_num 
_pdbx_poly_seq_scheme.auth_seq_num 
_pdbx_poly_seq_scheme.pdb_mon_id 
_pdbx_poly_seq_scheme.auth_mon_id 
_pdbx_poly_seq_scheme.pdb_strand_id 
_pdbx_poly_seq_scheme.pdb_ins_code 
_pdbx_poly_seq_scheme.hetero 
A 1 1   LYS 1   1   1   LYS LYS A . n 
A 1 2   LYS 2   2   2   LYS LYS A . n 
A 1 3   VAL 3   3   3   VAL VAL A . n 
A 1 4   VAL 4   4   4   VAL VAL A . n 
A 1 5   LEU 5   5   5   LEU LEU A . n 
A 1 6   GLY 6   6   6   GLY GLY A . n 
A 1 7   LYS 7   7   7   LYS LYS A . n 
A 1 8   LYS 8   8   8   LYS LYS A . n 
A 1 9   GLY 9   9   9   GLY GLY A . n 
A 1 10  ASP 10  10  10  ASP ASP A . n 
A 1 11  THR 11  11  11  THR THR A . n 
A 1 12  VAL 12  12  12  VAL VAL A . n 
A 1 13  GLU 13  13  13  GLU GLU A . n 
A 1 14  LEU 14  14  14  LEU LEU A . n 
A 1 15  THR 15  15  15  THR THR A . n 
A 1 16  CYS 16  16  16  CYS CYS A . n 
A 1 17  THR 17  17  17  THR THR A . n 
A 1 18  ALA 18  18  18  ALA ALA A . n 
A 1 19  SER 19  19  19  SER SER A . n 
A 1 20  GLN 20  20  20  GLN GLN A . n 
A 1 21  LYS 21  21  21  LYS LYS A . n 
A 1 22  LYS 22  22  22  LYS LYS A . n 
A 1 23  SER 23  23  23  SER SER A . n 
A 1 24  ILE 24  24  24  ILE ILE A . n 
A 1 25  GLN 25  25  25  GLN GLN A . n 
A 1 26  PHE 26  26  26  PHE PHE A . n 
A 1 27  HIS 27  27  27  HIS HIS A . n 
A 1 28  TRP 28  28  28  TRP TRP A . n 
A 1 29  LYS 29  29  29  LYS LYS A . n 
A 1 30  ASN 30  30  30  ASN ASN A . n 
A 1 31  SER 31  31  31  SER SER A . n 
A 1 32  ASN 32  32  32  ASN ASN A . n 
A 1 33  GLN 33  33  33  GLN GLN A . n 
A 1 34  ILE 34  34  34  ILE ILE A . n 
A 1 35  LYS 35  35  35  LYS LYS A . n 
A 1 36  ILE 36  36  36  ILE ILE A . n 
A 1 37  LEU 37  37  37  LEU LEU A . n 
A 1 38  GLY 38  38  38  GLY GLY A . n 
A 1 39  ASN 39  39  39  ASN ASN A . n 
A 1 40  GLN 40  40  40  GLN GLN A . n 
A 1 41  GLY 41  41  41  GLY GLY A . n 
A 1 42  SER 42  42  42  SER SER A . n 
A 1 43  PHE 43  43  43  PHE PHE A . n 
A 1 44  LEU 44  44  44  LEU LEU A . n 
A 1 45  THR 45  45  45  THR THR A . n 
A 1 46  LYS 46  46  46  LYS LYS A . n 
A 1 47  SER 47  47  47  SER SER A . n 
A 1 48  PRO 48  48  48  PRO PRO A . n 
A 1 49  SER 49  49  49  SER SER A . n 
A 1 50  LYS 50  50  50  LYS LYS A . n 
A 1 51  LEU 51  51  51  LEU LEU A . n 
A 1 52  ASN 52  52  52  ASN ASN A . n 
A 1 53  ASP 53  53  53  ASP ASP A . n 
A 1 54  ARG 54  54  54  ARG ARG A . n 
A 1 55  ALA 55  55  55  ALA ALA A . n 
A 1 56  ASP 56  56  56  ASP ASP A . n 
A 1 57  SER 57  57  57  SER SER A . n 
A 1 58  ARG 58  58  58  ARG ARG A . n 
A 1 59  ARG 59  59  59  ARG ARG A . n 
A 1 60  SER 60  60  60  SER SER A . n 
A 1 61  LEU 61  61  61  LEU LEU A . n 
A 1 62  TRP 62  62  62  TRP TRP A . n 
A 1 63  ASP 63  63  63  ASP ASP A . n 
A 1 64  GLN 64  64  64  GLN GLN A . n 
A 1 65  GLY 65  65  65  GLY GLY A . n 
A 1 66  ASN 66  66  66  ASN ASN A . n 
A 1 67  PHE 67  67  67  PHE PHE A . n 
A 1 68  PRO 68  68  68  PRO PRO A . n 
A 1 69  LEU 69  69  69  LEU LEU A . n 
A 1 70  ILE 70  70  70  ILE ILE A . n 
A 1 71  ILE 71  71  71  ILE ILE A . n 
A 1 72  LYS 72  72  72  LYS LYS A . n 
A 1 73  ASN 73  73  73  ASN ASN A . n 
A 1 74  LEU 74  74  74  LEU LEU A . n 
A 1 75  LYS 75  75  75  LYS LYS A . n 
A 1 76  ILE 76  76  76  ILE ILE A . n 
A 1 77  GLU 77  77  77  GLU GLU A . n 
A 1 78  ASP 78  78  78  ASP ASP A . n 
A 1 79  SER 79  79  79  SER SER A . n 
A 1 80  ASP 80  80  80  ASP ASP A . n 
A 1 81  THR 81  81  81  THR THR A . n 
A 1 82  TYR 82  82  82  TYR TYR A . n 
A 1 83  ILE 83  83  83  ILE ILE A . n 
A 1 84  CYS 84  84  84  CYS CYS A . n 
A 1 85  GLU 85  85  85  GLU GLU A . n 
A 1 86  VAL 86  86  86  VAL VAL A . n 
A 1 87  GLU 87  87  87  GLU GLU A . n 
A 1 88  ASP 88  88  88  ASP ASP A . n 
A 1 89  GLN 89  89  89  GLN GLN A . n 
A 1 90  LYS 90  90  90  LYS LYS A . n 
A 1 91  GLU 91  91  91  GLU GLU A . n 
A 1 92  GLU 92  92  92  GLU GLU A . n 
A 1 93  VAL 93  93  93  VAL VAL A . n 
A 1 94  GLN 94  94  94  GLN GLN A . n 
A 1 95  LEU 95  95  95  LEU LEU A . n 
A 1 96  LEU 96  96  96  LEU LEU A . n 
A 1 97  VAL 97  97  97  VAL VAL A . n 
A 1 98  PHE 98  98  98  PHE PHE A . n 
A 1 99  GLY 99  99  99  GLY GLY A . n 
A 1 100 LEU 100 100 100 LEU LEU A . n 
A 1 101 THR 101 101 101 THR THR A . n 
A 1 102 ALA 102 102 102 ALA ALA A . n 
A 1 103 ASN 103 103 103 ASN ASN A . n 
A 1 104 SER 104 104 104 SER SER A . n 
A 1 105 ASP 105 105 105 ASP ASP A . n 
A 1 106 THR 106 106 106 THR THR A . n 
A 1 107 HIS 107 107 107 HIS HIS A . n 
A 1 108 LEU 108 108 108 LEU LEU A . n 
A 1 109 LEU 109 109 109 LEU LEU A . n 
A 1 110 GLN 110 110 110 GLN GLN A . n 
A 1 111 GLY 111 111 111 GLY GLY A . n 
A 1 112 GLN 112 112 112 GLN GLN A . n 
A 1 113 SER 113 113 113 SER SER A . n 
A 1 114 LEU 114 114 114 LEU LEU A . n 
A 1 115 THR 115 115 115 THR THR A . n 
A 1 116 LEU 116 116 116 LEU LEU A . n 
A 1 117 THR 117 117 117 THR THR A . n 
A 1 118 LEU 118 118 118 LEU LEU A . n 
A 1 119 GLU 119 119 119 GLU GLU A . n 
A 1 120 SER 120 120 120 SER SER A . n 
A 1 121 PRO 121 121 121 PRO PRO A . n 
A 1 122 PRO 122 122 122 PRO PRO A . n 
A 1 123 GLY 123 123 123 GLY GLY A . n 
A 1 124 SER 124 124 124 SER SER A . n 
A 1 125 SER 125 125 125 SER SER A . n 
A 1 126 PRO 126 126 126 PRO PRO A . n 
A 1 127 SER 127 127 127 SER SER A . n 
A 1 128 VAL 128 128 128 VAL VAL A . n 
A 1 129 GLN 129 129 129 GLN GLN A . n 
A 1 130 CYS 130 130 130 CYS CYS A . n 
A 1 131 ARG 131 131 131 ARG ARG A . n 
A 1 132 SER 132 132 132 SER SER A . n 
A 1 133 PRO 133 133 133 PRO PRO A . n 
A 1 134 ARG 134 134 134 ARG ARG A . n 
A 1 135 GLY 135 135 135 GLY GLY A . n 
A 1 136 LYS 136 136 136 LYS LYS A . n 
A 1 137 ASN 137 137 137 ASN ASN A . n 
A 1 138 ILE 138 138 138 ILE ILE A . n 
A 1 139 GLN 139 139 139 GLN GLN A . n 
A 1 140 GLY 140 140 140 GLY GLY A . n 
A 1 141 GLY 141 141 141 GLY GLY A . n 
A 1 142 LYS 142 142 142 LYS LYS A . n 
A 1 143 THR 143 143 143 THR THR A . n 
A 1 144 LEU 144 144 144 LEU LEU A . n 
A 1 145 SER 145 145 145 SER SER A . n 
A 1 146 VAL 146 146 146 VAL VAL A . n 
A 1 147 SER 147 147 147 SER SER A . n 
A 1 148 GLN 148 148 148 GLN GLN A . n 
A 1 149 LEU 149 149 149 LEU LEU A . n 
A 1 150 GLU 150 150 150 GLU GLU A . n 
A 1 151 LEU 151 151 151 LEU LEU A . n 
A 1 152 GLN 152 152 152 GLN GLN A . n 
A 1 153 ASP 153 153 153 ASP ASP A . n 
A 1 154 SER 154 154 154 SER SER A . n 
A 1 155 GLY 155 155 155 GLY GLY A . n 
A 1 156 THR 156 156 156 THR THR A . n 
A 1 157 TRP 157 157 157 TRP TRP A . n 
A 1 158 THR 158 158 158 THR THR A . n 
A 1 159 CYS 159 159 159 CYS CYS A . n 
A 1 160 THR 160 160 160 THR THR A . n 
A 1 161 VAL 161 161 161 VAL VAL A . n 
A 1 162 LEU 162 162 162 LEU LEU A . n 
A 1 163 GLN 163 163 163 GLN GLN A . n 
A 1 164 ASN 164 164 164 ASN ASN A . n 
A 1 165 GLN 165 165 165 GLN GLN A . n 
A 1 166 LYS 166 166 166 LYS LYS A . n 
A 1 167 LYS 167 167 167 LYS LYS A . n 
A 1 168 VAL 168 168 168 VAL VAL A . n 
A 1 169 GLU 169 169 169 GLU GLU A . n 
A 1 170 PHE 170 170 170 PHE PHE A . n 
A 1 171 LYS 171 171 171 LYS LYS A . n 
A 1 172 ILE 172 172 172 ILE ILE A . n 
A 1 173 ASP 173 173 173 ASP ASP A . n 
A 1 174 ILE 174 174 174 ILE ILE A . n 
A 1 175 VAL 175 175 175 VAL VAL A . n 
A 1 176 VAL 176 176 176 VAL VAL A . n 
A 1 177 LEU 177 177 177 LEU LEU A . n 
A 1 178 ALA 178 178 178 ALA ALA A . n 
# 
loop_
_pdbx_nonpoly_scheme.asym_id 
_pdbx_nonpoly_scheme.entity_id 
_pdbx_nonpoly_scheme.mon_id 
_pdbx_nonpoly_scheme.ndb_seq_num 
_pdbx_nonpoly_scheme.pdb_seq_num 
_pdbx_nonpoly_scheme.auth_seq_num 
_pdbx_nonpoly_scheme.pdb_mon_id 
_pdbx_nonpoly_scheme.auth_mon_id 
_pdbx_nonpoly_scheme.pdb_strand_id 
_pdbx_nonpoly_scheme.pdb_ins_code 
B 2 HOH 1   201 201 HOH HOH A . 
B 2 HOH 2   202 202 HOH HOH A . 
B 2 HOH 3   203 203 HOH HOH A . 
B 2 HOH 4   204 204 HOH HOH A . 
B 2 HOH 5   205 205 HOH HOH A . 
B 2 HOH 6   206 206 HOH HOH A . 
B 2 HOH 7   207 207 HOH HOH A . 
B 2 HOH 8   208 208 HOH HOH A . 
B 2 HOH 9   209 209 HOH HOH A . 
B 2 HOH 10  210 210 HOH HOH A . 
B 2 HOH 11  211 211 HOH HOH A . 
B 2 HOH 12  212 212 HOH HOH A . 
B 2 HOH 13  213 213 HOH HOH A . 
B 2 HOH 14  214 214 HOH HOH A . 
B 2 HOH 15  215 215 HOH HOH A . 
B 2 HOH 16  216 216 HOH HOH A . 
B 2 HOH 17  217 217 HOH HOH A . 
B 2 HOH 18  218 218 HOH HOH A . 
B 2 HOH 19  219 219 HOH HOH A . 
B 2 HOH 20  220 220 HOH HOH A . 
B 2 HOH 21  221 221 HOH HOH A . 
B 2 HOH 22  222 222 HOH HOH A . 
B 2 HOH 23  223 223 HOH HOH A . 
B 2 HOH 24  224 224 HOH HOH A . 
B 2 HOH 25  225 225 HOH HOH A . 
B 2 HOH 26  226 226 HOH HOH A . 
B 2 HOH 27  227 227 HOH HOH A . 
B 2 HOH 28  228 228 HOH HOH A . 
B 2 HOH 29  229 229 HOH HOH A . 
B 2 HOH 30  230 230 HOH HOH A . 
B 2 HOH 31  231 231 HOH HOH A . 
B 2 HOH 32  232 232 HOH HOH A . 
B 2 HOH 33  233 233 HOH HOH A . 
B 2 HOH 34  234 234 HOH HOH A . 
B 2 HOH 35  235 235 HOH HOH A . 
B 2 HOH 36  236 236 HOH HOH A . 
B 2 HOH 37  237 237 HOH HOH A . 
B 2 HOH 38  238 238 HOH HOH A . 
B 2 HOH 39  239 239 HOH HOH A . 
B 2 HOH 40  240 240 HOH HOH A . 
B 2 HOH 41  241 241 HOH HOH A . 
B 2 HOH 42  242 242 HOH HOH A . 
B 2 HOH 43  243 243 HOH HOH A . 
B 2 HOH 44  244 244 HOH HOH A . 
B 2 HOH 45  245 245 HOH HOH A . 
B 2 HOH 46  246 246 HOH HOH A . 
B 2 HOH 47  247 247 HOH HOH A . 
B 2 HOH 48  248 248 HOH HOH A . 
B 2 HOH 49  249 249 HOH HOH A . 
B 2 HOH 50  250 250 HOH HOH A . 
B 2 HOH 51  251 251 HOH HOH A . 
B 2 HOH 52  252 252 HOH HOH A . 
B 2 HOH 53  253 253 HOH HOH A . 
B 2 HOH 54  254 254 HOH HOH A . 
B 2 HOH 55  255 255 HOH HOH A . 
B 2 HOH 56  256 256 HOH HOH A . 
B 2 HOH 57  257 257 HOH HOH A . 
B 2 HOH 58  258 258 HOH HOH A . 
B 2 HOH 59  259 259 HOH HOH A . 
B 2 HOH 60  260 260 HOH HOH A . 
B 2 HOH 61  261 261 HOH HOH A . 
B 2 HOH 62  262 262 HOH HOH A . 
B 2 HOH 63  263 263 HOH HOH A . 
B 2 HOH 64  264 264 HOH HOH A . 
B 2 HOH 65  265 265 HOH HOH A . 
B 2 HOH 66  266 266 HOH HOH A . 
B 2 HOH 67  267 267 HOH HOH A . 
B 2 HOH 68  268 268 HOH HOH A . 
B 2 HOH 69  269 269 HOH HOH A . 
B 2 HOH 70  270 270 HOH HOH A . 
B 2 HOH 71  271 271 HOH HOH A . 
B 2 HOH 72  272 272 HOH HOH A . 
B 2 HOH 73  273 273 HOH HOH A . 
B 2 HOH 74  274 274 HOH HOH A . 
B 2 HOH 75  275 275 HOH HOH A . 
B 2 HOH 76  276 276 HOH HOH A . 
B 2 HOH 77  277 277 HOH HOH A . 
B 2 HOH 78  278 278 HOH HOH A . 
B 2 HOH 79  279 279 HOH HOH A . 
B 2 HOH 80  280 280 HOH HOH A . 
B 2 HOH 81  281 281 HOH HOH A . 
B 2 HOH 82  282 282 HOH HOH A . 
B 2 HOH 83  283 283 HOH HOH A . 
B 2 HOH 84  284 284 HOH HOH A . 
B 2 HOH 85  285 285 HOH HOH A . 
B 2 HOH 86  286 286 HOH HOH A . 
B 2 HOH 87  287 287 HOH HOH A . 
B 2 HOH 88  288 288 HOH HOH A . 
B 2 HOH 89  289 289 HOH HOH A . 
B 2 HOH 90  290 290 HOH HOH A . 
B 2 HOH 91  291 291 HOH HOH A . 
B 2 HOH 92  292 292 HOH HOH A . 
B 2 HOH 93  293 293 HOH HOH A . 
B 2 HOH 94  294 294 HOH HOH A . 
B 2 HOH 95  295 295 HOH HOH A . 
B 2 HOH 96  296 296 HOH HOH A . 
B 2 HOH 97  297 297 HOH HOH A . 
B 2 HOH 98  298 298 HOH HOH A . 
B 2 HOH 99  299 299 HOH HOH A . 
B 2 HOH 100 300 300 HOH HOH A . 
B 2 HOH 101 301 301 HOH HOH A . 
B 2 HOH 102 302 302 HOH HOH A . 
B 2 HOH 103 303 303 HOH HOH A . 
B 2 HOH 104 304 304 HOH HOH A . 
B 2 HOH 105 305 305 HOH HOH A . 
B 2 HOH 106 306 306 HOH HOH A . 
B 2 HOH 107 307 307 HOH HOH A . 
B 2 HOH 108 308 308 HOH HOH A . 
B 2 HOH 109 309 309 HOH HOH A . 
B 2 HOH 110 310 310 HOH HOH A . 
B 2 HOH 111 311 311 HOH HOH A . 
B 2 HOH 112 312 312 HOH HOH A . 
B 2 HOH 113 313 313 HOH HOH A . 
B 2 HOH 114 314 314 HOH HOH A . 
B 2 HOH 115 315 315 HOH HOH A . 
B 2 HOH 116 316 316 HOH HOH A . 
B 2 HOH 117 317 317 HOH HOH A . 
B 2 HOH 118 318 318 HOH HOH A . 
B 2 HOH 119 319 319 HOH HOH A . 
B 2 HOH 120 320 320 HOH HOH A . 
B 2 HOH 121 321 321 HOH HOH A . 
B 2 HOH 122 322 322 HOH HOH A . 
B 2 HOH 123 323 323 HOH HOH A . 
B 2 HOH 124 324 324 HOH HOH A . 
B 2 HOH 125 325 325 HOH HOH A . 
B 2 HOH 126 326 326 HOH HOH A . 
B 2 HOH 127 327 327 HOH HOH A . 
B 2 HOH 128 328 328 HOH HOH A . 
B 2 HOH 129 329 329 HOH HOH A . 
B 2 HOH 130 330 330 HOH HOH A . 
B 2 HOH 131 331 331 HOH HOH A . 
B 2 HOH 132 332 332 HOH HOH A . 
B 2 HOH 133 333 333 HOH HOH A . 
B 2 HOH 134 334 334 HOH HOH A . 
B 2 HOH 135 335 335 HOH HOH A . 
B 2 HOH 136 336 336 HOH HOH A . 
B 2 HOH 137 337 337 HOH HOH A . 
B 2 HOH 138 338 338 HOH HOH A . 
B 2 HOH 139 339 339 HOH HOH A . 
B 2 HOH 140 340 340 HOH HOH A . 
B 2 HOH 141 341 341 HOH HOH A . 
B 2 HOH 142 342 342 HOH HOH A . 
B 2 HOH 143 343 343 HOH HOH A . 
B 2 HOH 144 344 344 HOH HOH A . 
B 2 HOH 145 345 345 HOH HOH A . 
B 2 HOH 146 346 346 HOH HOH A . 
B 2 HOH 147 347 347 HOH HOH A . 
B 2 HOH 148 348 348 HOH HOH A . 
B 2 HOH 149 349 349 HOH HOH A . 
B 2 HOH 150 350 350 HOH HOH A . 
B 2 HOH 151 351 351 HOH HOH A . 
B 2 HOH 152 352 352 HOH HOH A . 
B 2 HOH 153 353 353 HOH HOH A . 
B 2 HOH 154 354 354 HOH HOH A . 
B 2 HOH 155 355 355 HOH HOH A . 
B 2 HOH 156 356 356 HOH HOH A . 
B 2 HOH 157 357 357 HOH HOH A . 
B 2 HOH 158 358 358 HOH HOH A . 
B 2 HOH 159 359 359 HOH HOH A . 
B 2 HOH 160 360 360 HOH HOH A . 
B 2 HOH 161 361 361 HOH HOH A . 
B 2 HOH 162 362 362 HOH HOH A . 
B 2 HOH 163 363 363 HOH HOH A . 
B 2 HOH 164 364 364 HOH HOH A . 
B 2 HOH 165 365 365 HOH HOH A . 
B 2 HOH 166 366 366 HOH HOH A . 
B 2 HOH 167 367 367 HOH HOH A . 
B 2 HOH 168 368 368 HOH HOH A . 
B 2 HOH 169 369 369 HOH HOH A . 
B 2 HOH 170 370 370 HOH HOH A . 
B 2 HOH 171 371 371 HOH HOH A . 
B 2 HOH 172 372 372 HOH HOH A . 
B 2 HOH 173 373 373 HOH HOH A . 
B 2 HOH 174 374 374 HOH HOH A . 
B 2 HOH 175 375 375 HOH HOH A . 
B 2 HOH 176 376 376 HOH HOH A . 
B 2 HOH 177 377 377 HOH HOH A . 
B 2 HOH 178 378 378 HOH HOH A . 
B 2 HOH 179 379 379 HOH HOH A . 
B 2 HOH 180 380 380 HOH HOH A . 
B 2 HOH 181 381 381 HOH HOH A . 
B 2 HOH 182 382 382 HOH HOH A . 
B 2 HOH 183 383 383 HOH HOH A . 
B 2 HOH 184 384 384 HOH HOH A . 
B 2 HOH 185 385 385 HOH HOH A . 
B 2 HOH 186 386 386 HOH HOH A . 
B 2 HOH 187 387 387 HOH HOH A . 
B 2 HOH 188 388 388 HOH HOH A . 
B 2 HOH 189 389 389 HOH HOH A . 
B 2 HOH 190 390 390 HOH HOH A . 
B 2 HOH 191 391 391 HOH HOH A . 
B 2 HOH 192 392 392 HOH HOH A . 
B 2 HOH 193 393 393 HOH HOH A . 
B 2 HOH 194 394 394 HOH HOH A . 
B 2 HOH 195 395 395 HOH HOH A . 
B 2 HOH 196 396 396 HOH HOH A . 
B 2 HOH 197 397 397 HOH HOH A . 
B 2 HOH 198 398 398 HOH HOH A . 
B 2 HOH 199 399 399 HOH HOH A . 
B 2 HOH 200 400 400 HOH HOH A . 
B 2 HOH 201 401 401 HOH HOH A . 
B 2 HOH 202 402 402 HOH HOH A . 
B 2 HOH 203 403 403 HOH HOH A . 
B 2 HOH 204 404 404 HOH HOH A . 
B 2 HOH 205 405 405 HOH HOH A . 
B 2 HOH 206 406 406 HOH HOH A . 
B 2 HOH 207 407 407 HOH HOH A . 
# 
_software.name             X-PLOR 
_software.classification   refinement 
_software.version          . 
_software.citation_id      ? 
_software.pdbx_ordinal     1 
# 
_cell.entry_id           1CDY 
_cell.length_a           82.200 
_cell.length_b           29.900 
_cell.length_c           85.500 
_cell.angle_alpha        90.00 
_cell.angle_beta         115.30 
_cell.angle_gamma        90.00 
_cell.Z_PDB              4 
_cell.pdbx_unique_axis   ? 
# 
_symmetry.entry_id                         1CDY 
_symmetry.space_group_name_H-M             'C 1 2 1' 
_symmetry.pdbx_full_space_group_name_H-M   ? 
_symmetry.cell_setting                     ? 
_symmetry.Int_Tables_number                5 
# 
_exptl.entry_id          1CDY 
_exptl.method            'X-RAY DIFFRACTION' 
_exptl.crystals_number   ? 
# 
_exptl_crystal.id                    1 
_exptl_crystal.density_meas          ? 
_exptl_crystal.density_Matthews      2.40 
_exptl_crystal.density_percent_sol   48.82 
_exptl_crystal.description           ? 
# 
_diffrn.id                     1 
_diffrn.ambient_temp           ? 
_diffrn.ambient_temp_details   ? 
_diffrn.crystal_id             1 
# 
_diffrn_radiation.diffrn_id                        1 
_diffrn_radiation.wavelength_id                    1 
_diffrn_radiation.pdbx_monochromatic_or_laue_m_l   ? 
_diffrn_radiation.monochromator                    ? 
_diffrn_radiation.pdbx_diffrn_protocol             ? 
_diffrn_radiation.pdbx_scattering_type             x-ray 
# 
_diffrn_radiation_wavelength.id           1 
_diffrn_radiation_wavelength.wavelength   . 
_diffrn_radiation_wavelength.wt           1.0 
# 
_refine.entry_id                                 1CDY 
_refine.ls_number_reflns_obs                     10876 
_refine.ls_number_reflns_all                     ? 
_refine.pdbx_ls_sigma_I                          ? 
_refine.pdbx_ls_sigma_F                          2. 
_refine.pdbx_data_cutoff_high_absF               ? 
_refine.pdbx_data_cutoff_low_absF                ? 
_refine.pdbx_data_cutoff_high_rms_absF           ? 
_refine.ls_d_res_low                             10. 
_refine.ls_d_res_high                            2.0 
_refine.ls_percent_reflns_obs                    91.0 
_refine.ls_R_factor_obs                          0.202 
_refine.ls_R_factor_all                          ? 
_refine.ls_R_factor_R_work                       0.202 
_refine.ls_R_factor_R_free                       ? 
_refine.ls_R_factor_R_free_error                 ? 
_refine.ls_R_factor_R_free_error_details         ? 
_refine.ls_percent_reflns_R_free                 ? 
_refine.ls_number_reflns_R_free                  ? 
_refine.ls_number_parameters                     ? 
_refine.ls_number_restraints                     ? 
_refine.occupancy_min                            ? 
_refine.occupancy_max                            ? 
_refine.B_iso_mean                               ? 
_refine.aniso_B[1][1]                            ? 
_refine.aniso_B[2][2]                            ? 
_refine.aniso_B[3][3]                            ? 
_refine.aniso_B[1][2]                            ? 
_refine.aniso_B[1][3]                            ? 
_refine.aniso_B[2][3]                            ? 
_refine.solvent_model_details                    ? 
_refine.solvent_model_param_ksol                 ? 
_refine.solvent_model_param_bsol                 ? 
_refine.pdbx_ls_cross_valid_method               ? 
_refine.details                                  ? 
_refine.pdbx_starting_model                      ? 
_refine.pdbx_method_to_determine_struct          ? 
_refine.pdbx_isotropic_thermal_model             ? 
_refine.pdbx_stereochemistry_target_values       ? 
_refine.pdbx_stereochem_target_val_spec_case     ? 
_refine.pdbx_R_Free_selection_details            ? 
_refine.pdbx_overall_ESU_R                       ? 
_refine.pdbx_overall_ESU_R_Free                  ? 
_refine.overall_SU_ML                            ? 
_refine.overall_SU_B                             ? 
_refine.pdbx_refine_id                           'X-RAY DIFFRACTION' 
_refine.pdbx_diffrn_id                           1 
_refine.pdbx_TLS_residual_ADP_flag               ? 
_refine.correlation_coeff_Fo_to_Fc               ? 
_refine.correlation_coeff_Fo_to_Fc_free          ? 
_refine.pdbx_solvent_vdw_probe_radii             ? 
_refine.pdbx_solvent_ion_probe_radii             ? 
_refine.pdbx_solvent_shrinkage_radii             ? 
_refine.pdbx_overall_phase_error                 ? 
_refine.overall_SU_R_Cruickshank_DPI             ? 
_refine.pdbx_overall_SU_R_free_Cruickshank_DPI   ? 
_refine.pdbx_overall_SU_R_Blow_DPI               ? 
_refine.pdbx_overall_SU_R_free_Blow_DPI          ? 
# 
_refine_hist.pdbx_refine_id                   'X-RAY DIFFRACTION' 
_refine_hist.cycle_id                         LAST 
_refine_hist.pdbx_number_atoms_protein        1385 
_refine_hist.pdbx_number_atoms_nucleic_acid   0 
_refine_hist.pdbx_number_atoms_ligand         0 
_refine_hist.number_atoms_solvent             207 
_refine_hist.number_atoms_total               1592 
_refine_hist.d_res_high                       2.0 
_refine_hist.d_res_low                        10. 
# 
loop_
_refine_ls_restr.type 
_refine_ls_restr.dev_ideal 
_refine_ls_restr.dev_ideal_target 
_refine_ls_restr.weight 
_refine_ls_restr.number 
_refine_ls_restr.pdbx_refine_id 
_refine_ls_restr.pdbx_restraint_function 
x_bond_d                0.017 ? ? ? 'X-RAY DIFFRACTION' ? 
x_bond_d_na             ?     ? ? ? 'X-RAY DIFFRACTION' ? 
x_bond_d_prot           ?     ? ? ? 'X-RAY DIFFRACTION' ? 
x_angle_d               ?     ? ? ? 'X-RAY DIFFRACTION' ? 
x_angle_d_na            ?     ? ? ? 'X-RAY DIFFRACTION' ? 
x_angle_d_prot          ?     ? ? ? 'X-RAY DIFFRACTION' ? 
x_angle_deg             2.10  ? ? ? 'X-RAY DIFFRACTION' ? 
x_angle_deg_na          ?     ? ? ? 'X-RAY DIFFRACTION' ? 
x_angle_deg_prot        ?     ? ? ? 'X-RAY DIFFRACTION' ? 
x_dihedral_angle_d      ?     ? ? ? 'X-RAY DIFFRACTION' ? 
x_dihedral_angle_d_na   ?     ? ? ? 'X-RAY DIFFRACTION' ? 
x_dihedral_angle_d_prot ?     ? ? ? 'X-RAY DIFFRACTION' ? 
x_improper_angle_d      ?     ? ? ? 'X-RAY DIFFRACTION' ? 
x_improper_angle_d_na   ?     ? ? ? 'X-RAY DIFFRACTION' ? 
x_improper_angle_d_prot ?     ? ? ? 'X-RAY DIFFRACTION' ? 
x_mcbond_it             ?     ? ? ? 'X-RAY DIFFRACTION' ? 
x_mcangle_it            ?     ? ? ? 'X-RAY DIFFRACTION' ? 
x_scbond_it             ?     ? ? ? 'X-RAY DIFFRACTION' ? 
x_scangle_it            ?     ? ? ? 'X-RAY DIFFRACTION' ? 
# 
_struct.entry_id                  1CDY 
_struct.title                     'STRUCTURE OF T-CELL SURFACE GLYCOPROTEIN CD4 MUTANT WITH GLY 47 REPLACED BY SER' 
_struct.pdbx_model_details        ? 
_struct.pdbx_CASP_flag            ? 
_struct.pdbx_model_type_details   ? 
# 
_struct_keywords.entry_id        1CDY 
_struct_keywords.pdbx_keywords   'T-CELL SURFACE GLYCOPROTEIN' 
_struct_keywords.text            
'IMMUNOGLOBULIN FOLD, TRANSMEMBRANE, GLYCOPROTEIN, T-CELL, MHC, LIPOPROTEIN, T-CELL SURFACE GLYCOPROTEIN' 
# 
loop_
_struct_asym.id 
_struct_asym.pdbx_blank_PDB_chainid_flag 
_struct_asym.pdbx_modified 
_struct_asym.entity_id 
_struct_asym.details 
A N N 1 ? 
B N N 2 ? 
# 
_struct_ref.id                         1 
_struct_ref.db_name                    UNP 
_struct_ref.db_code                    CD4_HUMAN 
_struct_ref.entity_id                  1 
_struct_ref.pdbx_db_accession          P01730 
_struct_ref.pdbx_align_begin           1 
_struct_ref.pdbx_seq_one_letter_code   
;MNRGVPFRHLLLVLQLALLPAATQGKKVVLGKKGDTVELTCTASQKKSIQFHWKNSNQIKILGNQGSFLTKGPSKLNDRA
DSRRSLWDQGNFPLIIKNLKIEDSDTYICEVEDQKEEVQLLVFGLTANSDTHLLQGQSLTLTLESPPGSSPSVQCRSPRG
KNIQGGKTLSVSQLELQDSGTWTCTVLQNQKKVEFKIDIVVLAFQKASSIVYKKEGEQVEFSFPLAFTVEKLTGSGELWW
QAERASSSKSWITFDLKNKEVSVKRVTQDPKLQMGKKLPLHLTLPQALPQYAGSGNLTLALEAKTGKLHQEVNLVVMRAT
QLQKNLTCEVWGPTSPKLMLSLKLENKEAKVSKREKAVWVLNPEAGMWQCLLSDSGQVLLESNIKVLPTWSTPVQPMALI
VLGGVAGLLLFIGLGIFFCVRCRHRRRQAERMSQIKRLLSEKKTCQCPHRFQKTCSPI
;
_struct_ref.pdbx_db_isoform            ? 
# 
_struct_ref_seq.align_id                      1 
_struct_ref_seq.ref_id                        1 
_struct_ref_seq.pdbx_PDB_id_code              1CDY 
_struct_ref_seq.pdbx_strand_id                A 
_struct_ref_seq.seq_align_beg                 1 
_struct_ref_seq.pdbx_seq_align_beg_ins_code   ? 
_struct_ref_seq.seq_align_end                 178 
_struct_ref_seq.pdbx_seq_align_end_ins_code   ? 
_struct_ref_seq.pdbx_db_accession             P01730 
_struct_ref_seq.db_align_beg                  26 
_struct_ref_seq.pdbx_db_align_beg_ins_code    ? 
_struct_ref_seq.db_align_end                  203 
_struct_ref_seq.pdbx_db_align_end_ins_code    ? 
_struct_ref_seq.pdbx_auth_seq_align_beg       1 
_struct_ref_seq.pdbx_auth_seq_align_end       178 
# 
_struct_ref_seq_dif.align_id                     1 
_struct_ref_seq_dif.pdbx_pdb_id_code             1CDY 
_struct_ref_seq_dif.mon_id                       SER 
_struct_ref_seq_dif.pdbx_pdb_strand_id           A 
_struct_ref_seq_dif.seq_num                      47 
_struct_ref_seq_dif.pdbx_pdb_ins_code            ? 
_struct_ref_seq_dif.pdbx_seq_db_name             UNP 
_struct_ref_seq_dif.pdbx_seq_db_accession_code   P01730 
_struct_ref_seq_dif.db_mon_id                    GLY 
_struct_ref_seq_dif.pdbx_seq_db_seq_num          72 
_struct_ref_seq_dif.details                      'engineered mutation' 
_struct_ref_seq_dif.pdbx_auth_seq_num            47 
_struct_ref_seq_dif.pdbx_ordinal                 1 
# 
_pdbx_struct_assembly.id                   1 
_pdbx_struct_assembly.details              author_defined_assembly 
_pdbx_struct_assembly.method_details       ? 
_pdbx_struct_assembly.oligomeric_details   monomeric 
_pdbx_struct_assembly.oligomeric_count     1 
# 
_pdbx_struct_assembly_gen.assembly_id       1 
_pdbx_struct_assembly_gen.oper_expression   1 
_pdbx_struct_assembly_gen.asym_id_list      A,B 
# 
_pdbx_struct_oper_list.id                   1 
_pdbx_struct_oper_list.type                 'identity operation' 
_pdbx_struct_oper_list.name                 1_555 
_pdbx_struct_oper_list.symmetry_operation   x,y,z 
_pdbx_struct_oper_list.matrix[1][1]         1.0000000000 
_pdbx_struct_oper_list.matrix[1][2]         0.0000000000 
_pdbx_struct_oper_list.matrix[1][3]         0.0000000000 
_pdbx_struct_oper_list.vector[1]            0.0000000000 
_pdbx_struct_oper_list.matrix[2][1]         0.0000000000 
_pdbx_struct_oper_list.matrix[2][2]         1.0000000000 
_pdbx_struct_oper_list.matrix[2][3]         0.0000000000 
_pdbx_struct_oper_list.vector[2]            0.0000000000 
_pdbx_struct_oper_list.matrix[3][1]         0.0000000000 
_pdbx_struct_oper_list.matrix[3][2]         0.0000000000 
_pdbx_struct_oper_list.matrix[3][3]         1.0000000000 
_pdbx_struct_oper_list.vector[3]            0.0000000000 
# 
_struct_biol.id   1 
# 
loop_
_struct_conf.conf_type_id 
_struct_conf.id 
_struct_conf.pdbx_PDB_helix_id 
_struct_conf.beg_label_comp_id 
_struct_conf.beg_label_asym_id 
_struct_conf.beg_label_seq_id 
_struct_conf.pdbx_beg_PDB_ins_code 
_struct_conf.end_label_comp_id 
_struct_conf.end_label_asym_id 
_struct_conf.end_label_seq_id 
_struct_conf.pdbx_end_PDB_ins_code 
_struct_conf.beg_auth_comp_id 
_struct_conf.beg_auth_asym_id 
_struct_conf.beg_auth_seq_id 
_struct_conf.end_auth_comp_id 
_struct_conf.end_auth_asym_id 
_struct_conf.end_auth_seq_id 
_struct_conf.pdbx_PDB_helix_class 
_struct_conf.details 
_struct_conf.pdbx_PDB_helix_length 
HELX_P HELX_P1 1 ASN A 52 ? ARG A 54 ? ASN A 52 ARG A 54 5 ? 3 
HELX_P HELX_P2 2 ARG A 59 ? GLN A 64 ? ARG A 59 GLN A 64 1 ? 6 
HELX_P HELX_P3 3 ILE A 76 ? ASP A 78 ? ILE A 76 ASP A 78 5 ? 3 
# 
_struct_conf_type.id          HELX_P 
_struct_conf_type.criteria    ? 
_struct_conf_type.reference   ? 
# 
loop_
_struct_conn.id 
_struct_conn.conn_type_id 
_struct_conn.pdbx_leaving_atom_flag 
_struct_conn.pdbx_PDB_id 
_struct_conn.ptnr1_label_asym_id 
_struct_conn.ptnr1_label_comp_id 
_struct_conn.ptnr1_label_seq_id 
_struct_conn.ptnr1_label_atom_id 
_struct_conn.pdbx_ptnr1_label_alt_id 
_struct_conn.pdbx_ptnr1_PDB_ins_code 
_struct_conn.pdbx_ptnr1_standard_comp_id 
_struct_conn.ptnr1_symmetry 
_struct_conn.ptnr2_label_asym_id 
_struct_conn.ptnr2_label_comp_id 
_struct_conn.ptnr2_label_seq_id 
_struct_conn.ptnr2_label_atom_id 
_struct_conn.pdbx_ptnr2_label_alt_id 
_struct_conn.pdbx_ptnr2_PDB_ins_code 
_struct_conn.ptnr1_auth_asym_id 
_struct_conn.ptnr1_auth_comp_id 
_struct_conn.ptnr1_auth_seq_id 
_struct_conn.ptnr2_auth_asym_id 
_struct_conn.ptnr2_auth_comp_id 
_struct_conn.ptnr2_auth_seq_id 
_struct_conn.ptnr2_symmetry 
_struct_conn.pdbx_ptnr3_label_atom_id 
_struct_conn.pdbx_ptnr3_label_seq_id 
_struct_conn.pdbx_ptnr3_label_comp_id 
_struct_conn.pdbx_ptnr3_label_asym_id 
_struct_conn.pdbx_ptnr3_label_alt_id 
_struct_conn.pdbx_ptnr3_PDB_ins_code 
_struct_conn.details 
_struct_conn.pdbx_dist_value 
_struct_conn.pdbx_value_order 
_struct_conn.pdbx_role 
disulf1 disulf ? ? A CYS 16  SG ? ? ? 1_555 A CYS 84  SG ? ? A CYS 16  A CYS 84  1_555 ? ? ? ? ? ? ? 1.983 ? ? 
disulf2 disulf ? ? A CYS 130 SG ? ? ? 1_555 A CYS 159 SG ? ? A CYS 130 A CYS 159 1_555 ? ? ? ? ? ? ? 2.030 ? ? 
# 
_struct_conn_type.id          disulf 
_struct_conn_type.criteria    ? 
_struct_conn_type.reference   ? 
# 
loop_
_pdbx_modification_feature.ordinal 
_pdbx_modification_feature.label_comp_id 
_pdbx_modification_feature.label_asym_id 
_pdbx_modification_feature.label_seq_id 
_pdbx_modification_feature.label_alt_id 
_pdbx_modification_feature.modified_residue_label_comp_id 
_pdbx_modification_feature.modified_residue_label_asym_id 
_pdbx_modification_feature.modified_residue_label_seq_id 
_pdbx_modification_feature.modified_residue_label_alt_id 
_pdbx_modification_feature.auth_comp_id 
_pdbx_modification_feature.auth_asym_id 
_pdbx_modification_feature.auth_seq_id 
_pdbx_modification_feature.PDB_ins_code 
_pdbx_modification_feature.symmetry 
_pdbx_modification_feature.modified_residue_auth_comp_id 
_pdbx_modification_feature.modified_residue_auth_asym_id 
_pdbx_modification_feature.modified_residue_auth_seq_id 
_pdbx_modification_feature.modified_residue_PDB_ins_code 
_pdbx_modification_feature.modified_residue_symmetry 
_pdbx_modification_feature.comp_id_linking_atom 
_pdbx_modification_feature.modified_residue_id_linking_atom 
_pdbx_modification_feature.modified_residue_id 
_pdbx_modification_feature.ref_pcm_id 
_pdbx_modification_feature.ref_comp_id 
_pdbx_modification_feature.type 
_pdbx_modification_feature.category 
1 CYS A 16  ? CYS A 84  ? CYS A 16  ? 1_555 CYS A 84  ? 1_555 SG SG . . . None 'Disulfide bridge' 
2 CYS A 130 ? CYS A 159 ? CYS A 130 ? 1_555 CYS A 159 ? 1_555 SG SG . . . None 'Disulfide bridge' 
# 
loop_
_struct_sheet.id 
_struct_sheet.type 
_struct_sheet.number_strands 
_struct_sheet.details 
D1A ? 3 ? 
D1B ? 6 ? 
D2A ? 3 ? 
D2B ? 4 ? 
# 
loop_
_struct_sheet_order.sheet_id 
_struct_sheet_order.range_id_1 
_struct_sheet_order.range_id_2 
_struct_sheet_order.offset 
_struct_sheet_order.sense 
D1A 1 2 ? anti-parallel 
D1A 2 3 ? anti-parallel 
D1B 1 2 ? parallel      
D1B 2 3 ? anti-parallel 
D1B 3 4 ? anti-parallel 
D1B 4 5 ? anti-parallel 
D1B 5 6 ? anti-parallel 
D2A 1 2 ? anti-parallel 
D2A 2 3 ? anti-parallel 
D2B 1 2 ? anti-parallel 
D2B 2 3 ? anti-parallel 
D2B 3 4 ? anti-parallel 
# 
loop_
_struct_sheet_range.sheet_id 
_struct_sheet_range.id 
_struct_sheet_range.beg_label_comp_id 
_struct_sheet_range.beg_label_asym_id 
_struct_sheet_range.beg_label_seq_id 
_struct_sheet_range.pdbx_beg_PDB_ins_code 
_struct_sheet_range.end_label_comp_id 
_struct_sheet_range.end_label_asym_id 
_struct_sheet_range.end_label_seq_id 
_struct_sheet_range.pdbx_end_PDB_ins_code 
_struct_sheet_range.beg_auth_comp_id 
_struct_sheet_range.beg_auth_asym_id 
_struct_sheet_range.beg_auth_seq_id 
_struct_sheet_range.end_auth_comp_id 
_struct_sheet_range.end_auth_asym_id 
_struct_sheet_range.end_auth_seq_id 
D1A 1 ARG A 54  ? ARG A 58  ? ARG A 54  ARG A 58  
D1A 2 GLN A 64  ? LYS A 72  ? GLN A 64  LYS A 72  
D1A 3 VAL A 12  ? ALA A 18  ? VAL A 12  ALA A 18  
D1B 1 LYS A 2   ? LYS A 8   ? LYS A 2   LYS A 8   
D1B 2 GLN A 89  ? PHE A 98  ? GLN A 89  PHE A 98  
D1B 3 ASP A 80  ? VAL A 86  ? ASP A 80  VAL A 86  
D1B 4 GLN A 25  ? SER A 31  ? GLN A 25  SER A 31  
D1B 5 ILE A 34  ? GLN A 40  ? ILE A 34  GLN A 40  
D1B 6 PHE A 43  ? SER A 47  ? PHE A 43  SER A 47  
D2A 1 LYS A 142 ? LEU A 149 ? LYS A 142 LEU A 149 
D2A 2 GLY A 111 ? GLU A 119 ? GLY A 111 GLU A 119 
D2A 3 GLY A 99  ? ASN A 103 ? GLY A 99  ASN A 103 
D2B 1 LYS A 166 ? ILE A 174 ? LYS A 166 ILE A 174 
D2B 2 GLY A 155 ? GLN A 163 ? GLY A 155 GLN A 163 
D2B 3 SER A 127 ? SER A 132 ? SER A 127 SER A 132 
D2B 4 LYS A 136 ? GLY A 140 ? LYS A 136 GLY A 140 
# 
_pdbx_entry_details.entry_id                   1CDY 
_pdbx_entry_details.compound_details           ? 
_pdbx_entry_details.source_details             ? 
_pdbx_entry_details.nonpolymer_details         ? 
_pdbx_entry_details.sequence_details           ? 
_pdbx_entry_details.has_ligand_of_interest     ? 
_pdbx_entry_details.has_protein_modification   Y 
# 
loop_
_pdbx_validate_close_contact.id 
_pdbx_validate_close_contact.PDB_model_num 
_pdbx_validate_close_contact.auth_atom_id_1 
_pdbx_validate_close_contact.auth_asym_id_1 
_pdbx_validate_close_contact.auth_comp_id_1 
_pdbx_validate_close_contact.auth_seq_id_1 
_pdbx_validate_close_contact.PDB_ins_code_1 
_pdbx_validate_close_contact.label_alt_id_1 
_pdbx_validate_close_contact.auth_atom_id_2 
_pdbx_validate_close_contact.auth_asym_id_2 
_pdbx_validate_close_contact.auth_comp_id_2 
_pdbx_validate_close_contact.auth_seq_id_2 
_pdbx_validate_close_contact.PDB_ins_code_2 
_pdbx_validate_close_contact.label_alt_id_2 
_pdbx_validate_close_contact.dist 
1 1 CB  A VAL 12  ? ? O A HOH 354 ? ? 1.97 
2 1 O   A HOH 257 ? ? O A HOH 395 ? ? 2.02 
3 1 OE1 A GLN 112 ? ? O A HOH 387 ? ? 2.07 
4 1 NZ  A LYS 142 ? ? O A HOH 332 ? ? 2.18 
# 
loop_
_pdbx_validate_rmsd_angle.id 
_pdbx_validate_rmsd_angle.PDB_model_num 
_pdbx_validate_rmsd_angle.auth_atom_id_1 
_pdbx_validate_rmsd_angle.auth_asym_id_1 
_pdbx_validate_rmsd_angle.auth_comp_id_1 
_pdbx_validate_rmsd_angle.auth_seq_id_1 
_pdbx_validate_rmsd_angle.PDB_ins_code_1 
_pdbx_validate_rmsd_angle.label_alt_id_1 
_pdbx_validate_rmsd_angle.auth_atom_id_2 
_pdbx_validate_rmsd_angle.auth_asym_id_2 
_pdbx_validate_rmsd_angle.auth_comp_id_2 
_pdbx_validate_rmsd_angle.auth_seq_id_2 
_pdbx_validate_rmsd_angle.PDB_ins_code_2 
_pdbx_validate_rmsd_angle.label_alt_id_2 
_pdbx_validate_rmsd_angle.auth_atom_id_3 
_pdbx_validate_rmsd_angle.auth_asym_id_3 
_pdbx_validate_rmsd_angle.auth_comp_id_3 
_pdbx_validate_rmsd_angle.auth_seq_id_3 
_pdbx_validate_rmsd_angle.PDB_ins_code_3 
_pdbx_validate_rmsd_angle.label_alt_id_3 
_pdbx_validate_rmsd_angle.angle_value 
_pdbx_validate_rmsd_angle.angle_target_value 
_pdbx_validate_rmsd_angle.angle_deviation 
_pdbx_validate_rmsd_angle.angle_standard_deviation 
_pdbx_validate_rmsd_angle.linker_flag 
1 1 CA A LEU 37 ? ? CB A LEU 37 ? ? CG A LEU 37 ? ? 135.42 115.30 20.12 2.30 N 
2 1 CA A LEU 74 ? ? CB A LEU 74 ? ? CG A LEU 74 ? ? 130.10 115.30 14.80 2.30 N 
# 
loop_
_pdbx_validate_torsion.id 
_pdbx_validate_torsion.PDB_model_num 
_pdbx_validate_torsion.auth_comp_id 
_pdbx_validate_torsion.auth_asym_id 
_pdbx_validate_torsion.auth_seq_id 
_pdbx_validate_torsion.PDB_ins_code 
_pdbx_validate_torsion.label_alt_id 
_pdbx_validate_torsion.phi 
_pdbx_validate_torsion.psi 
1  1 SER A 19  ? ? -142.41 -54.21  
2  1 GLN A 20  ? ? -58.80  171.79  
3  1 LYS A 21  ? ? -31.84  131.33  
4  1 SER A 23  ? ? 52.32   119.43  
5  1 ILE A 24  ? ? -153.07 -146.42 
6  1 GLN A 33  ? ? 37.55   30.39   
7  1 LYS A 50  ? ? -69.41  2.18    
8  1 ASP A 80  ? ? 178.87  177.53  
9  1 GLU A 87  ? ? 46.86   -117.62 
10 1 SER A 104 ? ? -66.82  65.14   
11 1 ASP A 105 ? ? 48.59   -24.72  
12 1 THR A 106 ? ? 67.74   -14.50  
13 1 PRO A 126 ? ? -119.36 -149.53 
14 1 PRO A 133 ? ? -59.23  -4.34   
15 1 GLN A 152 ? ? -58.35  -7.07   
16 1 GLN A 163 ? ? -171.11 116.41  
17 1 GLN A 165 ? ? 67.46   -27.16  
# 
_pdbx_struct_special_symmetry.id              1 
_pdbx_struct_special_symmetry.PDB_model_num   1 
_pdbx_struct_special_symmetry.auth_asym_id    A 
_pdbx_struct_special_symmetry.auth_comp_id    HOH 
_pdbx_struct_special_symmetry.auth_seq_id     261 
_pdbx_struct_special_symmetry.PDB_ins_code    ? 
_pdbx_struct_special_symmetry.label_asym_id   B 
_pdbx_struct_special_symmetry.label_comp_id   HOH 
_pdbx_struct_special_symmetry.label_seq_id    . 
# 
loop_
_chem_comp_atom.comp_id 
_chem_comp_atom.atom_id 
_chem_comp_atom.type_symbol 
_chem_comp_atom.pdbx_aromatic_flag 
_chem_comp_atom.pdbx_stereo_config 
_chem_comp_atom.pdbx_ordinal 
ALA N    N N N 1   
ALA CA   C N S 2   
ALA C    C N N 3   
ALA O    O N N 4   
ALA CB   C N N 5   
ALA OXT  O N N 6   
ALA H    H N N 7   
ALA H2   H N N 8   
ALA HA   H N N 9   
ALA HB1  H N N 10  
ALA HB2  H N N 11  
ALA HB3  H N N 12  
ALA HXT  H N N 13  
ARG N    N N N 14  
ARG CA   C N S 15  
ARG C    C N N 16  
ARG O    O N N 17  
ARG CB   C N N 18  
ARG CG   C N N 19  
ARG CD   C N N 20  
ARG NE   N N N 21  
ARG CZ   C N N 22  
ARG NH1  N N N 23  
ARG NH2  N N N 24  
ARG OXT  O N N 25  
ARG H    H N N 26  
ARG H2   H N N 27  
ARG HA   H N N 28  
ARG HB2  H N N 29  
ARG HB3  H N N 30  
ARG HG2  H N N 31  
ARG HG3  H N N 32  
ARG HD2  H N N 33  
ARG HD3  H N N 34  
ARG HE   H N N 35  
ARG HH11 H N N 36  
ARG HH12 H N N 37  
ARG HH21 H N N 38  
ARG HH22 H N N 39  
ARG HXT  H N N 40  
ASN N    N N N 41  
ASN CA   C N S 42  
ASN C    C N N 43  
ASN O    O N N 44  
ASN CB   C N N 45  
ASN CG   C N N 46  
ASN OD1  O N N 47  
ASN ND2  N N N 48  
ASN OXT  O N N 49  
ASN H    H N N 50  
ASN H2   H N N 51  
ASN HA   H N N 52  
ASN HB2  H N N 53  
ASN HB3  H N N 54  
ASN HD21 H N N 55  
ASN HD22 H N N 56  
ASN HXT  H N N 57  
ASP N    N N N 58  
ASP CA   C N S 59  
ASP C    C N N 60  
ASP O    O N N 61  
ASP CB   C N N 62  
ASP CG   C N N 63  
ASP OD1  O N N 64  
ASP OD2  O N N 65  
ASP OXT  O N N 66  
ASP H    H N N 67  
ASP H2   H N N 68  
ASP HA   H N N 69  
ASP HB2  H N N 70  
ASP HB3  H N N 71  
ASP HD2  H N N 72  
ASP HXT  H N N 73  
CYS N    N N N 74  
CYS CA   C N R 75  
CYS C    C N N 76  
CYS O    O N N 77  
CYS CB   C N N 78  
CYS SG   S N N 79  
CYS OXT  O N N 80  
CYS H    H N N 81  
CYS H2   H N N 82  
CYS HA   H N N 83  
CYS HB2  H N N 84  
CYS HB3  H N N 85  
CYS HG   H N N 86  
CYS HXT  H N N 87  
GLN N    N N N 88  
GLN CA   C N S 89  
GLN C    C N N 90  
GLN O    O N N 91  
GLN CB   C N N 92  
GLN CG   C N N 93  
GLN CD   C N N 94  
GLN OE1  O N N 95  
GLN NE2  N N N 96  
GLN OXT  O N N 97  
GLN H    H N N 98  
GLN H2   H N N 99  
GLN HA   H N N 100 
GLN HB2  H N N 101 
GLN HB3  H N N 102 
GLN HG2  H N N 103 
GLN HG3  H N N 104 
GLN HE21 H N N 105 
GLN HE22 H N N 106 
GLN HXT  H N N 107 
GLU N    N N N 108 
GLU CA   C N S 109 
GLU C    C N N 110 
GLU O    O N N 111 
GLU CB   C N N 112 
GLU CG   C N N 113 
GLU CD   C N N 114 
GLU OE1  O N N 115 
GLU OE2  O N N 116 
GLU OXT  O N N 117 
GLU H    H N N 118 
GLU H2   H N N 119 
GLU HA   H N N 120 
GLU HB2  H N N 121 
GLU HB3  H N N 122 
GLU HG2  H N N 123 
GLU HG3  H N N 124 
GLU HE2  H N N 125 
GLU HXT  H N N 126 
GLY N    N N N 127 
GLY CA   C N N 128 
GLY C    C N N 129 
GLY O    O N N 130 
GLY OXT  O N N 131 
GLY H    H N N 132 
GLY H2   H N N 133 
GLY HA2  H N N 134 
GLY HA3  H N N 135 
GLY HXT  H N N 136 
HIS N    N N N 137 
HIS CA   C N S 138 
HIS C    C N N 139 
HIS O    O N N 140 
HIS CB   C N N 141 
HIS CG   C Y N 142 
HIS ND1  N Y N 143 
HIS CD2  C Y N 144 
HIS CE1  C Y N 145 
HIS NE2  N Y N 146 
HIS OXT  O N N 147 
HIS H    H N N 148 
HIS H2   H N N 149 
HIS HA   H N N 150 
HIS HB2  H N N 151 
HIS HB3  H N N 152 
HIS HD1  H N N 153 
HIS HD2  H N N 154 
HIS HE1  H N N 155 
HIS HE2  H N N 156 
HIS HXT  H N N 157 
HOH O    O N N 158 
HOH H1   H N N 159 
HOH H2   H N N 160 
ILE N    N N N 161 
ILE CA   C N S 162 
ILE C    C N N 163 
ILE O    O N N 164 
ILE CB   C N S 165 
ILE CG1  C N N 166 
ILE CG2  C N N 167 
ILE CD1  C N N 168 
ILE OXT  O N N 169 
ILE H    H N N 170 
ILE H2   H N N 171 
ILE HA   H N N 172 
ILE HB   H N N 173 
ILE HG12 H N N 174 
ILE HG13 H N N 175 
ILE HG21 H N N 176 
ILE HG22 H N N 177 
ILE HG23 H N N 178 
ILE HD11 H N N 179 
ILE HD12 H N N 180 
ILE HD13 H N N 181 
ILE HXT  H N N 182 
LEU N    N N N 183 
LEU CA   C N S 184 
LEU C    C N N 185 
LEU O    O N N 186 
LEU CB   C N N 187 
LEU CG   C N N 188 
LEU CD1  C N N 189 
LEU CD2  C N N 190 
LEU OXT  O N N 191 
LEU H    H N N 192 
LEU H2   H N N 193 
LEU HA   H N N 194 
LEU HB2  H N N 195 
LEU HB3  H N N 196 
LEU HG   H N N 197 
LEU HD11 H N N 198 
LEU HD12 H N N 199 
LEU HD13 H N N 200 
LEU HD21 H N N 201 
LEU HD22 H N N 202 
LEU HD23 H N N 203 
LEU HXT  H N N 204 
LYS N    N N N 205 
LYS CA   C N S 206 
LYS C    C N N 207 
LYS O    O N N 208 
LYS CB   C N N 209 
LYS CG   C N N 210 
LYS CD   C N N 211 
LYS CE   C N N 212 
LYS NZ   N N N 213 
LYS OXT  O N N 214 
LYS H    H N N 215 
LYS H2   H N N 216 
LYS HA   H N N 217 
LYS HB2  H N N 218 
LYS HB3  H N N 219 
LYS HG2  H N N 220 
LYS HG3  H N N 221 
LYS HD2  H N N 222 
LYS HD3  H N N 223 
LYS HE2  H N N 224 
LYS HE3  H N N 225 
LYS HZ1  H N N 226 
LYS HZ2  H N N 227 
LYS HZ3  H N N 228 
LYS HXT  H N N 229 
PHE N    N N N 230 
PHE CA   C N S 231 
PHE C    C N N 232 
PHE O    O N N 233 
PHE CB   C N N 234 
PHE CG   C Y N 235 
PHE CD1  C Y N 236 
PHE CD2  C Y N 237 
PHE CE1  C Y N 238 
PHE CE2  C Y N 239 
PHE CZ   C Y N 240 
PHE OXT  O N N 241 
PHE H    H N N 242 
PHE H2   H N N 243 
PHE HA   H N N 244 
PHE HB2  H N N 245 
PHE HB3  H N N 246 
PHE HD1  H N N 247 
PHE HD2  H N N 248 
PHE HE1  H N N 249 
PHE HE2  H N N 250 
PHE HZ   H N N 251 
PHE HXT  H N N 252 
PRO N    N N N 253 
PRO CA   C N S 254 
PRO C    C N N 255 
PRO O    O N N 256 
PRO CB   C N N 257 
PRO CG   C N N 258 
PRO CD   C N N 259 
PRO OXT  O N N 260 
PRO H    H N N 261 
PRO HA   H N N 262 
PRO HB2  H N N 263 
PRO HB3  H N N 264 
PRO HG2  H N N 265 
PRO HG3  H N N 266 
PRO HD2  H N N 267 
PRO HD3  H N N 268 
PRO HXT  H N N 269 
SER N    N N N 270 
SER CA   C N S 271 
SER C    C N N 272 
SER O    O N N 273 
SER CB   C N N 274 
SER OG   O N N 275 
SER OXT  O N N 276 
SER H    H N N 277 
SER H2   H N N 278 
SER HA   H N N 279 
SER HB2  H N N 280 
SER HB3  H N N 281 
SER HG   H N N 282 
SER HXT  H N N 283 
THR N    N N N 284 
THR CA   C N S 285 
THR C    C N N 286 
THR O    O N N 287 
THR CB   C N R 288 
THR OG1  O N N 289 
THR CG2  C N N 290 
THR OXT  O N N 291 
THR H    H N N 292 
THR H2   H N N 293 
THR HA   H N N 294 
THR HB   H N N 295 
THR HG1  H N N 296 
THR HG21 H N N 297 
THR HG22 H N N 298 
THR HG23 H N N 299 
THR HXT  H N N 300 
TRP N    N N N 301 
TRP CA   C N S 302 
TRP C    C N N 303 
TRP O    O N N 304 
TRP CB   C N N 305 
TRP CG   C Y N 306 
TRP CD1  C Y N 307 
TRP CD2  C Y N 308 
TRP NE1  N Y N 309 
TRP CE2  C Y N 310 
TRP CE3  C Y N 311 
TRP CZ2  C Y N 312 
TRP CZ3  C Y N 313 
TRP CH2  C Y N 314 
TRP OXT  O N N 315 
TRP H    H N N 316 
TRP H2   H N N 317 
TRP HA   H N N 318 
TRP HB2  H N N 319 
TRP HB3  H N N 320 
TRP HD1  H N N 321 
TRP HE1  H N N 322 
TRP HE3  H N N 323 
TRP HZ2  H N N 324 
TRP HZ3  H N N 325 
TRP HH2  H N N 326 
TRP HXT  H N N 327 
TYR N    N N N 328 
TYR CA   C N S 329 
TYR C    C N N 330 
TYR O    O N N 331 
TYR CB   C N N 332 
TYR CG   C Y N 333 
TYR CD1  C Y N 334 
TYR CD2  C Y N 335 
TYR CE1  C Y N 336 
TYR CE2  C Y N 337 
TYR CZ   C Y N 338 
TYR OH   O N N 339 
TYR OXT  O N N 340 
TYR H    H N N 341 
TYR H2   H N N 342 
TYR HA   H N N 343 
TYR HB2  H N N 344 
TYR HB3  H N N 345 
TYR HD1  H N N 346 
TYR HD2  H N N 347 
TYR HE1  H N N 348 
TYR HE2  H N N 349 
TYR HH   H N N 350 
TYR HXT  H N N 351 
VAL N    N N N 352 
VAL CA   C N S 353 
VAL C    C N N 354 
VAL O    O N N 355 
VAL CB   C N N 356 
VAL CG1  C N N 357 
VAL CG2  C N N 358 
VAL OXT  O N N 359 
VAL H    H N N 360 
VAL H2   H N N 361 
VAL HA   H N N 362 
VAL HB   H N N 363 
VAL HG11 H N N 364 
VAL HG12 H N N 365 
VAL HG13 H N N 366 
VAL HG21 H N N 367 
VAL HG22 H N N 368 
VAL HG23 H N N 369 
VAL HXT  H N N 370 
# 
loop_
_chem_comp_bond.comp_id 
_chem_comp_bond.atom_id_1 
_chem_comp_bond.atom_id_2 
_chem_comp_bond.value_order 
_chem_comp_bond.pdbx_aromatic_flag 
_chem_comp_bond.pdbx_stereo_config 
_chem_comp_bond.pdbx_ordinal 
ALA N   CA   sing N N 1   
ALA N   H    sing N N 2   
ALA N   H2   sing N N 3   
ALA CA  C    sing N N 4   
ALA CA  CB   sing N N 5   
ALA CA  HA   sing N N 6   
ALA C   O    doub N N 7   
ALA C   OXT  sing N N 8   
ALA CB  HB1  sing N N 9   
ALA CB  HB2  sing N N 10  
ALA CB  HB3  sing N N 11  
ALA OXT HXT  sing N N 12  
ARG N   CA   sing N N 13  
ARG N   H    sing N N 14  
ARG N   H2   sing N N 15  
ARG CA  C    sing N N 16  
ARG CA  CB   sing N N 17  
ARG CA  HA   sing N N 18  
ARG C   O    doub N N 19  
ARG C   OXT  sing N N 20  
ARG CB  CG   sing N N 21  
ARG CB  HB2  sing N N 22  
ARG CB  HB3  sing N N 23  
ARG CG  CD   sing N N 24  
ARG CG  HG2  sing N N 25  
ARG CG  HG3  sing N N 26  
ARG CD  NE   sing N N 27  
ARG CD  HD2  sing N N 28  
ARG CD  HD3  sing N N 29  
ARG NE  CZ   sing N N 30  
ARG NE  HE   sing N N 31  
ARG CZ  NH1  sing N N 32  
ARG CZ  NH2  doub N N 33  
ARG NH1 HH11 sing N N 34  
ARG NH1 HH12 sing N N 35  
ARG NH2 HH21 sing N N 36  
ARG NH2 HH22 sing N N 37  
ARG OXT HXT  sing N N 38  
ASN N   CA   sing N N 39  
ASN N   H    sing N N 40  
ASN N   H2   sing N N 41  
ASN CA  C    sing N N 42  
ASN CA  CB   sing N N 43  
ASN CA  HA   sing N N 44  
ASN C   O    doub N N 45  
ASN C   OXT  sing N N 46  
ASN CB  CG   sing N N 47  
ASN CB  HB2  sing N N 48  
ASN CB  HB3  sing N N 49  
ASN CG  OD1  doub N N 50  
ASN CG  ND2  sing N N 51  
ASN ND2 HD21 sing N N 52  
ASN ND2 HD22 sing N N 53  
ASN OXT HXT  sing N N 54  
ASP N   CA   sing N N 55  
ASP N   H    sing N N 56  
ASP N   H2   sing N N 57  
ASP CA  C    sing N N 58  
ASP CA  CB   sing N N 59  
ASP CA  HA   sing N N 60  
ASP C   O    doub N N 61  
ASP C   OXT  sing N N 62  
ASP CB  CG   sing N N 63  
ASP CB  HB2  sing N N 64  
ASP CB  HB3  sing N N 65  
ASP CG  OD1  doub N N 66  
ASP CG  OD2  sing N N 67  
ASP OD2 HD2  sing N N 68  
ASP OXT HXT  sing N N 69  
CYS N   CA   sing N N 70  
CYS N   H    sing N N 71  
CYS N   H2   sing N N 72  
CYS CA  C    sing N N 73  
CYS CA  CB   sing N N 74  
CYS CA  HA   sing N N 75  
CYS C   O    doub N N 76  
CYS C   OXT  sing N N 77  
CYS CB  SG   sing N N 78  
CYS CB  HB2  sing N N 79  
CYS CB  HB3  sing N N 80  
CYS SG  HG   sing N N 81  
CYS OXT HXT  sing N N 82  
GLN N   CA   sing N N 83  
GLN N   H    sing N N 84  
GLN N   H2   sing N N 85  
GLN CA  C    sing N N 86  
GLN CA  CB   sing N N 87  
GLN CA  HA   sing N N 88  
GLN C   O    doub N N 89  
GLN C   OXT  sing N N 90  
GLN CB  CG   sing N N 91  
GLN CB  HB2  sing N N 92  
GLN CB  HB3  sing N N 93  
GLN CG  CD   sing N N 94  
GLN CG  HG2  sing N N 95  
GLN CG  HG3  sing N N 96  
GLN CD  OE1  doub N N 97  
GLN CD  NE2  sing N N 98  
GLN NE2 HE21 sing N N 99  
GLN NE2 HE22 sing N N 100 
GLN OXT HXT  sing N N 101 
GLU N   CA   sing N N 102 
GLU N   H    sing N N 103 
GLU N   H2   sing N N 104 
GLU CA  C    sing N N 105 
GLU CA  CB   sing N N 106 
GLU CA  HA   sing N N 107 
GLU C   O    doub N N 108 
GLU C   OXT  sing N N 109 
GLU CB  CG   sing N N 110 
GLU CB  HB2  sing N N 111 
GLU CB  HB3  sing N N 112 
GLU CG  CD   sing N N 113 
GLU CG  HG2  sing N N 114 
GLU CG  HG3  sing N N 115 
GLU CD  OE1  doub N N 116 
GLU CD  OE2  sing N N 117 
GLU OE2 HE2  sing N N 118 
GLU OXT HXT  sing N N 119 
GLY N   CA   sing N N 120 
GLY N   H    sing N N 121 
GLY N   H2   sing N N 122 
GLY CA  C    sing N N 123 
GLY CA  HA2  sing N N 124 
GLY CA  HA3  sing N N 125 
GLY C   O    doub N N 126 
GLY C   OXT  sing N N 127 
GLY OXT HXT  sing N N 128 
HIS N   CA   sing N N 129 
HIS N   H    sing N N 130 
HIS N   H2   sing N N 131 
HIS CA  C    sing N N 132 
HIS CA  CB   sing N N 133 
HIS CA  HA   sing N N 134 
HIS C   O    doub N N 135 
HIS C   OXT  sing N N 136 
HIS CB  CG   sing N N 137 
HIS CB  HB2  sing N N 138 
HIS CB  HB3  sing N N 139 
HIS CG  ND1  sing Y N 140 
HIS CG  CD2  doub Y N 141 
HIS ND1 CE1  doub Y N 142 
HIS ND1 HD1  sing N N 143 
HIS CD2 NE2  sing Y N 144 
HIS CD2 HD2  sing N N 145 
HIS CE1 NE2  sing Y N 146 
HIS CE1 HE1  sing N N 147 
HIS NE2 HE2  sing N N 148 
HIS OXT HXT  sing N N 149 
HOH O   H1   sing N N 150 
HOH O   H2   sing N N 151 
ILE N   CA   sing N N 152 
ILE N   H    sing N N 153 
ILE N   H2   sing N N 154 
ILE CA  C    sing N N 155 
ILE CA  CB   sing N N 156 
ILE CA  HA   sing N N 157 
ILE C   O    doub N N 158 
ILE C   OXT  sing N N 159 
ILE CB  CG1  sing N N 160 
ILE CB  CG2  sing N N 161 
ILE CB  HB   sing N N 162 
ILE CG1 CD1  sing N N 163 
ILE CG1 HG12 sing N N 164 
ILE CG1 HG13 sing N N 165 
ILE CG2 HG21 sing N N 166 
ILE CG2 HG22 sing N N 167 
ILE CG2 HG23 sing N N 168 
ILE CD1 HD11 sing N N 169 
ILE CD1 HD12 sing N N 170 
ILE CD1 HD13 sing N N 171 
ILE OXT HXT  sing N N 172 
LEU N   CA   sing N N 173 
LEU N   H    sing N N 174 
LEU N   H2   sing N N 175 
LEU CA  C    sing N N 176 
LEU CA  CB   sing N N 177 
LEU CA  HA   sing N N 178 
LEU C   O    doub N N 179 
LEU C   OXT  sing N N 180 
LEU CB  CG   sing N N 181 
LEU CB  HB2  sing N N 182 
LEU CB  HB3  sing N N 183 
LEU CG  CD1  sing N N 184 
LEU CG  CD2  sing N N 185 
LEU CG  HG   sing N N 186 
LEU CD1 HD11 sing N N 187 
LEU CD1 HD12 sing N N 188 
LEU CD1 HD13 sing N N 189 
LEU CD2 HD21 sing N N 190 
LEU CD2 HD22 sing N N 191 
LEU CD2 HD23 sing N N 192 
LEU OXT HXT  sing N N 193 
LYS N   CA   sing N N 194 
LYS N   H    sing N N 195 
LYS N   H2   sing N N 196 
LYS CA  C    sing N N 197 
LYS CA  CB   sing N N 198 
LYS CA  HA   sing N N 199 
LYS C   O    doub N N 200 
LYS C   OXT  sing N N 201 
LYS CB  CG   sing N N 202 
LYS CB  HB2  sing N N 203 
LYS CB  HB3  sing N N 204 
LYS CG  CD   sing N N 205 
LYS CG  HG2  sing N N 206 
LYS CG  HG3  sing N N 207 
LYS CD  CE   sing N N 208 
LYS CD  HD2  sing N N 209 
LYS CD  HD3  sing N N 210 
LYS CE  NZ   sing N N 211 
LYS CE  HE2  sing N N 212 
LYS CE  HE3  sing N N 213 
LYS NZ  HZ1  sing N N 214 
LYS NZ  HZ2  sing N N 215 
LYS NZ  HZ3  sing N N 216 
LYS OXT HXT  sing N N 217 
PHE N   CA   sing N N 218 
PHE N   H    sing N N 219 
PHE N   H2   sing N N 220 
PHE CA  C    sing N N 221 
PHE CA  CB   sing N N 222 
PHE CA  HA   sing N N 223 
PHE C   O    doub N N 224 
PHE C   OXT  sing N N 225 
PHE CB  CG   sing N N 226 
PHE CB  HB2  sing N N 227 
PHE CB  HB3  sing N N 228 
PHE CG  CD1  doub Y N 229 
PHE CG  CD2  sing Y N 230 
PHE CD1 CE1  sing Y N 231 
PHE CD1 HD1  sing N N 232 
PHE CD2 CE2  doub Y N 233 
PHE CD2 HD2  sing N N 234 
PHE CE1 CZ   doub Y N 235 
PHE CE1 HE1  sing N N 236 
PHE CE2 CZ   sing Y N 237 
PHE CE2 HE2  sing N N 238 
PHE CZ  HZ   sing N N 239 
PHE OXT HXT  sing N N 240 
PRO N   CA   sing N N 241 
PRO N   CD   sing N N 242 
PRO N   H    sing N N 243 
PRO CA  C    sing N N 244 
PRO CA  CB   sing N N 245 
PRO CA  HA   sing N N 246 
PRO C   O    doub N N 247 
PRO C   OXT  sing N N 248 
PRO CB  CG   sing N N 249 
PRO CB  HB2  sing N N 250 
PRO CB  HB3  sing N N 251 
PRO CG  CD   sing N N 252 
PRO CG  HG2  sing N N 253 
PRO CG  HG3  sing N N 254 
PRO CD  HD2  sing N N 255 
PRO CD  HD3  sing N N 256 
PRO OXT HXT  sing N N 257 
SER N   CA   sing N N 258 
SER N   H    sing N N 259 
SER N   H2   sing N N 260 
SER CA  C    sing N N 261 
SER CA  CB   sing N N 262 
SER CA  HA   sing N N 263 
SER C   O    doub N N 264 
SER C   OXT  sing N N 265 
SER CB  OG   sing N N 266 
SER CB  HB2  sing N N 267 
SER CB  HB3  sing N N 268 
SER OG  HG   sing N N 269 
SER OXT HXT  sing N N 270 
THR N   CA   sing N N 271 
THR N   H    sing N N 272 
THR N   H2   sing N N 273 
THR CA  C    sing N N 274 
THR CA  CB   sing N N 275 
THR CA  HA   sing N N 276 
THR C   O    doub N N 277 
THR C   OXT  sing N N 278 
THR CB  OG1  sing N N 279 
THR CB  CG2  sing N N 280 
THR CB  HB   sing N N 281 
THR OG1 HG1  sing N N 282 
THR CG2 HG21 sing N N 283 
THR CG2 HG22 sing N N 284 
THR CG2 HG23 sing N N 285 
THR OXT HXT  sing N N 286 
TRP N   CA   sing N N 287 
TRP N   H    sing N N 288 
TRP N   H2   sing N N 289 
TRP CA  C    sing N N 290 
TRP CA  CB   sing N N 291 
TRP CA  HA   sing N N 292 
TRP C   O    doub N N 293 
TRP C   OXT  sing N N 294 
TRP CB  CG   sing N N 295 
TRP CB  HB2  sing N N 296 
TRP CB  HB3  sing N N 297 
TRP CG  CD1  doub Y N 298 
TRP CG  CD2  sing Y N 299 
TRP CD1 NE1  sing Y N 300 
TRP CD1 HD1  sing N N 301 
TRP CD2 CE2  doub Y N 302 
TRP CD2 CE3  sing Y N 303 
TRP NE1 CE2  sing Y N 304 
TRP NE1 HE1  sing N N 305 
TRP CE2 CZ2  sing Y N 306 
TRP CE3 CZ3  doub Y N 307 
TRP CE3 HE3  sing N N 308 
TRP CZ2 CH2  doub Y N 309 
TRP CZ2 HZ2  sing N N 310 
TRP CZ3 CH2  sing Y N 311 
TRP CZ3 HZ3  sing N N 312 
TRP CH2 HH2  sing N N 313 
TRP OXT HXT  sing N N 314 
TYR N   CA   sing N N 315 
TYR N   H    sing N N 316 
TYR N   H2   sing N N 317 
TYR CA  C    sing N N 318 
TYR CA  CB   sing N N 319 
TYR CA  HA   sing N N 320 
TYR C   O    doub N N 321 
TYR C   OXT  sing N N 322 
TYR CB  CG   sing N N 323 
TYR CB  HB2  sing N N 324 
TYR CB  HB3  sing N N 325 
TYR CG  CD1  doub Y N 326 
TYR CG  CD2  sing Y N 327 
TYR CD1 CE1  sing Y N 328 
TYR CD1 HD1  sing N N 329 
TYR CD2 CE2  doub Y N 330 
TYR CD2 HD2  sing N N 331 
TYR CE1 CZ   doub Y N 332 
TYR CE1 HE1  sing N N 333 
TYR CE2 CZ   sing Y N 334 
TYR CE2 HE2  sing N N 335 
TYR CZ  OH   sing N N 336 
TYR OH  HH   sing N N 337 
TYR OXT HXT  sing N N 338 
VAL N   CA   sing N N 339 
VAL N   H    sing N N 340 
VAL N   H2   sing N N 341 
VAL CA  C    sing N N 342 
VAL CA  CB   sing N N 343 
VAL CA  HA   sing N N 344 
VAL C   O    doub N N 345 
VAL C   OXT  sing N N 346 
VAL CB  CG1  sing N N 347 
VAL CB  CG2  sing N N 348 
VAL CB  HB   sing N N 349 
VAL CG1 HG11 sing N N 350 
VAL CG1 HG12 sing N N 351 
VAL CG1 HG13 sing N N 352 
VAL CG2 HG21 sing N N 353 
VAL CG2 HG22 sing N N 354 
VAL CG2 HG23 sing N N 355 
VAL OXT HXT  sing N N 356 
# 
_atom_sites.entry_id                    1CDY 
_atom_sites.fract_transf_matrix[1][1]   -0.00636069 
_atom_sites.fract_transf_matrix[1][2]   0.00908141 
_atom_sites.fract_transf_matrix[1][3]   -0.00762436 
_atom_sites.fract_transf_matrix[2][1]   -0.00087936 
_atom_sites.fract_transf_matrix[2][2]   -0.02185660 
_atom_sites.fract_transf_matrix[2][3]   -0.02529988 
_atom_sites.fract_transf_matrix[3][1]   -0.01291576 
_atom_sites.fract_transf_matrix[3][2]   -0.00027633 
_atom_sites.fract_transf_matrix[3][3]   0.00068765 
_atom_sites.fract_transf_vector[1]      0.456648 
_atom_sites.fract_transf_vector[2]      1.194986 
_atom_sites.fract_transf_vector[3]      0.800698 
# 
loop_
_atom_type.symbol 
C 
N 
O 
S 
# 
loop_
_atom_site.group_PDB 
_atom_site.id 
_atom_site.type_symbol 
_atom_site.label_atom_id 
_atom_site.label_alt_id 
_atom_site.label_comp_id 
_atom_site.label_asym_id 
_atom_site.label_entity_id 
_atom_site.label_seq_id 
_atom_site.pdbx_PDB_ins_code 
_atom_site.Cartn_x 
_atom_site.Cartn_y 
_atom_site.Cartn_z 
_atom_site.occupancy 
_atom_site.B_iso_or_equiv 
_atom_site.pdbx_formal_charge 
_atom_site.auth_seq_id 
_atom_site.auth_comp_id 
_atom_site.auth_asym_id 
_atom_site.auth_atom_id 
_atom_site.pdbx_PDB_model_num 
ATOM   1    N N   . LYS A 1 1   ? -0.740  13.487  9.643   1.00 57.24  ? 1   LYS A N   1 
ATOM   2    C CA  . LYS A 1 1   ? -1.887  12.811  10.293  1.00 56.97  ? 1   LYS A CA  1 
ATOM   3    C C   . LYS A 1 1   ? -1.635  11.307  10.172  1.00 53.84  ? 1   LYS A C   1 
ATOM   4    O O   . LYS A 1 1   ? -0.510  10.827  10.354  1.00 53.01  ? 1   LYS A O   1 
ATOM   5    C CB  . LYS A 1 1   ? -3.196  13.239  9.606   1.00 58.22  ? 1   LYS A CB  1 
ATOM   6    C CG  . LYS A 1 1   ? -4.478  12.876  10.332  1.00 59.94  ? 1   LYS A CG  1 
ATOM   7    C CD  . LYS A 1 1   ? -5.661  13.697  9.836   1.00 65.27  ? 1   LYS A CD  1 
ATOM   8    C CE  . LYS A 1 1   ? -6.970  13.229  10.481  1.00 71.17  ? 1   LYS A CE  1 
ATOM   9    N NZ  . LYS A 1 1   ? -8.042  14.261  10.605  1.00 72.69  ? 1   LYS A NZ  1 
ATOM   10   N N   . LYS A 1 2   ? -2.714  10.582  9.928   1.00 49.93  ? 2   LYS A N   1 
ATOM   11   C CA  . LYS A 1 2   ? -2.693  9.153   9.750   1.00 48.15  ? 2   LYS A CA  1 
ATOM   12   C C   . LYS A 1 2   ? -1.963  8.729   8.432   1.00 48.72  ? 2   LYS A C   1 
ATOM   13   O O   . LYS A 1 2   ? -2.073  9.363   7.367   1.00 48.33  ? 2   LYS A O   1 
ATOM   14   C CB  . LYS A 1 2   ? -4.130  8.682   9.795   1.00 44.55  ? 2   LYS A CB  1 
ATOM   15   C CG  . LYS A 1 2   ? -4.324  7.317   9.351   1.00 39.87  ? 2   LYS A CG  1 
ATOM   16   C CD  . LYS A 1 2   ? -5.735  7.133   9.470   1.00 36.22  ? 2   LYS A CD  1 
ATOM   17   C CE  . LYS A 1 2   ? -6.142  5.821   8.946   1.00 35.49  ? 2   LYS A CE  1 
ATOM   18   N NZ  . LYS A 1 2   ? -7.595  5.883   8.788   1.00 34.59  ? 2   LYS A NZ  1 
ATOM   19   N N   . VAL A 1 3   ? -1.198  7.656   8.536   1.00 46.13  ? 3   VAL A N   1 
ATOM   20   C CA  . VAL A 1 3   ? -0.441  7.118   7.426   1.00 45.23  ? 3   VAL A CA  1 
ATOM   21   C C   . VAL A 1 3   ? -0.911  5.659   7.171   1.00 44.03  ? 3   VAL A C   1 
ATOM   22   O O   . VAL A 1 3   ? -1.156  4.878   8.106   1.00 47.00  ? 3   VAL A O   1 
ATOM   23   C CB  . VAL A 1 3   ? 1.071   7.183   7.758   1.00 45.24  ? 3   VAL A CB  1 
ATOM   24   C CG1 . VAL A 1 3   ? 1.858   6.287   6.823   1.00 46.84  ? 3   VAL A CG1 1 
ATOM   25   C CG2 . VAL A 1 3   ? 1.575   8.609   7.640   1.00 40.41  ? 3   VAL A CG2 1 
ATOM   26   N N   . VAL A 1 4   ? -1.071  5.284   5.913   1.00 39.44  ? 4   VAL A N   1 
ATOM   27   C CA  . VAL A 1 4   ? -1.534  3.960   5.644   1.00 39.23  ? 4   VAL A CA  1 
ATOM   28   C C   . VAL A 1 4   ? -0.625  3.466   4.545   1.00 43.63  ? 4   VAL A C   1 
ATOM   29   O O   . VAL A 1 4   ? -0.366  4.170   3.590   1.00 45.72  ? 4   VAL A O   1 
ATOM   30   C CB  . VAL A 1 4   ? -3.030  3.994   5.191   1.00 39.04  ? 4   VAL A CB  1 
ATOM   31   C CG1 . VAL A 1 4   ? -3.452  2.681   4.511   1.00 36.98  ? 4   VAL A CG1 1 
ATOM   32   C CG2 . VAL A 1 4   ? -3.956  4.319   6.376   1.00 30.05  ? 4   VAL A CG2 1 
ATOM   33   N N   . LEU A 1 5   ? -0.102  2.264   4.719   1.00 45.56  ? 5   LEU A N   1 
ATOM   34   C CA  . LEU A 1 5   ? 0.790   1.656   3.743   1.00 44.79  ? 5   LEU A CA  1 
ATOM   35   C C   . LEU A 1 5   ? 0.017   0.619   2.931   1.00 45.35  ? 5   LEU A C   1 
ATOM   36   O O   . LEU A 1 5   ? -0.806  -0.099  3.468   1.00 46.73  ? 5   LEU A O   1 
ATOM   37   C CB  . LEU A 1 5   ? 1.942   0.984   4.488   1.00 44.87  ? 5   LEU A CB  1 
ATOM   38   C CG  . LEU A 1 5   ? 3.113   1.806   5.017   1.00 44.52  ? 5   LEU A CG  1 
ATOM   39   C CD1 . LEU A 1 5   ? 2.782   3.203   5.303   1.00 42.88  ? 5   LEU A CD1 1 
ATOM   40   C CD2 . LEU A 1 5   ? 3.652   1.142   6.222   1.00 48.05  ? 5   LEU A CD2 1 
ATOM   41   N N   . GLY A 1 6   ? 0.244   0.592   1.626   1.00 46.53  ? 6   GLY A N   1 
ATOM   42   C CA  . GLY A 1 6   ? -0.449  -0.355  0.764   1.00 50.46  ? 6   GLY A CA  1 
ATOM   43   C C   . GLY A 1 6   ? 0.536   -1.017  -0.182  1.00 52.55  ? 6   GLY A C   1 
ATOM   44   O O   . GLY A 1 6   ? 1.623   -0.523  -0.348  1.00 54.00  ? 6   GLY A O   1 
ATOM   45   N N   . LYS A 1 7   ? 0.180   -2.127  -0.789  1.00 51.56  ? 7   LYS A N   1 
ATOM   46   C CA  . LYS A 1 7   ? 1.093   -2.821  -1.666  1.00 50.57  ? 7   LYS A CA  1 
ATOM   47   C C   . LYS A 1 7   ? 0.772   -2.606  -3.128  1.00 50.30  ? 7   LYS A C   1 
ATOM   48   O O   . LYS A 1 7   ? -0.391  -2.556  -3.513  1.00 51.11  ? 7   LYS A O   1 
ATOM   49   C CB  . LYS A 1 7   ? 1.080   -4.324  -1.355  1.00 54.37  ? 7   LYS A CB  1 
ATOM   50   C CG  . LYS A 1 7   ? 1.996   -4.777  -0.257  1.00 55.72  ? 7   LYS A CG  1 
ATOM   51   C CD  . LYS A 1 7   ? 1.473   -4.388  1.077   1.00 57.98  ? 7   LYS A CD  1 
ATOM   52   C CE  . LYS A 1 7   ? 0.418   -5.374  1.550   1.00 61.86  ? 7   LYS A CE  1 
ATOM   53   N NZ  . LYS A 1 7   ? -0.405  -4.715  2.601   1.00 65.17  ? 7   LYS A NZ  1 
ATOM   54   N N   . LYS A 1 8   ? 1.816   -2.505  -3.939  1.00 47.36  ? 8   LYS A N   1 
ATOM   55   C CA  . LYS A 1 8   ? 1.686   -2.325  -5.368  1.00 47.06  ? 8   LYS A CA  1 
ATOM   56   C C   . LYS A 1 8   ? 0.776   -3.403  -5.886  1.00 46.41  ? 8   LYS A C   1 
ATOM   57   O O   . LYS A 1 8   ? 0.928   -4.547  -5.521  1.00 47.68  ? 8   LYS A O   1 
ATOM   58   C CB  . LYS A 1 8   ? 3.071   -2.454  -6.006  1.00 50.78  ? 8   LYS A CB  1 
ATOM   59   C CG  . LYS A 1 8   ? 3.108   -2.504  -7.529  1.00 54.39  ? 8   LYS A CG  1 
ATOM   60   C CD  . LYS A 1 8   ? 3.470   -3.903  -8.063  1.00 57.46  ? 8   LYS A CD  1 
ATOM   61   C CE  . LYS A 1 8   ? 2.267   -4.861  -8.248  1.00 57.12  ? 8   LYS A CE  1 
ATOM   62   N NZ  . LYS A 1 8   ? 1.350   -4.540  -9.388  1.00 54.45  ? 8   LYS A NZ  1 
ATOM   63   N N   . GLY A 1 9   ? -0.210  -3.037  -6.701  1.00 44.30  ? 9   GLY A N   1 
ATOM   64   C CA  . GLY A 1 9   ? -1.097  -4.020  -7.270  1.00 45.89  ? 9   GLY A CA  1 
ATOM   65   C C   . GLY A 1 9   ? -2.229  -4.485  -6.424  1.00 48.04  ? 9   GLY A C   1 
ATOM   66   O O   . GLY A 1 9   ? -3.152  -5.076  -6.941  1.00 46.27  ? 9   GLY A O   1 
ATOM   67   N N   . ASP A 1 10  ? -2.171  -4.216  -5.119  1.00 51.04  ? 10  ASP A N   1 
ATOM   68   C CA  . ASP A 1 10  ? -3.242  -4.583  -4.171  1.00 49.57  ? 10  ASP A CA  1 
ATOM   69   C C   . ASP A 1 10  ? -4.284  -3.484  -4.021  1.00 46.39  ? 10  ASP A C   1 
ATOM   70   O O   . ASP A 1 10  ? -4.249  -2.419  -4.672  1.00 45.49  ? 10  ASP A O   1 
ATOM   71   C CB  . ASP A 1 10  ? -2.682  -4.870  -2.775  1.00 55.38  ? 10  ASP A CB  1 
ATOM   72   C CG  . ASP A 1 10  ? -2.300  -6.314  -2.569  1.00 60.67  ? 10  ASP A CG  1 
ATOM   73   O OD1 . ASP A 1 10  ? -1.910  -7.033  -3.515  1.00 62.87  ? 10  ASP A OD1 1 
ATOM   74   O OD2 . ASP A 1 10  ? -2.388  -6.729  -1.409  1.00 64.55  ? 10  ASP A OD2 1 
ATOM   75   N N   . THR A 1 11  ? -5.202  -3.742  -3.114  1.00 43.18  ? 11  THR A N   1 
ATOM   76   C CA  . THR A 1 11  ? -6.293  -2.814  -2.845  1.00 44.75  ? 11  THR A CA  1 
ATOM   77   C C   . THR A 1 11  ? -6.060  -2.241  -1.462  1.00 42.99  ? 11  THR A C   1 
ATOM   78   O O   . THR A 1 11  ? -5.466  -2.899  -0.642  1.00 44.41  ? 11  THR A O   1 
ATOM   79   C CB  . THR A 1 11  ? -7.647  -3.605  -2.847  1.00 44.41  ? 11  THR A CB  1 
ATOM   80   O OG1 . THR A 1 11  ? -7.866  -4.172  -4.144  1.00 44.96  ? 11  THR A OG1 1 
ATOM   81   C CG2 . THR A 1 11  ? -8.841  -2.740  -2.445  1.00 43.58  ? 11  THR A CG2 1 
ATOM   82   N N   . VAL A 1 12  ? -6.443  -1.007  -1.219  1.00 39.87  ? 12  VAL A N   1 
ATOM   83   C CA  . VAL A 1 12  ? -6.293  -0.448  0.116   1.00 40.14  ? 12  VAL A CA  1 
ATOM   84   C C   . VAL A 1 12  ? -7.604  0.284   0.299   1.00 38.60  ? 12  VAL A C   1 
ATOM   85   O O   . VAL A 1 12  ? -8.311  0.607   -0.677  1.00 35.11  ? 12  VAL A O   1 
ATOM   86   C CB  . VAL A 1 12  ? -5.046  0.518   0.242   1.00 43.72  ? 12  VAL A CB  1 
ATOM   87   C CG1 . VAL A 1 12  ? -4.818  0.995   1.676   1.00 38.95  ? 12  VAL A CG1 1 
ATOM   88   C CG2 . VAL A 1 12  ? -3.836  -0.224  -0.071  1.00 48.06  ? 12  VAL A CG2 1 
ATOM   89   N N   . GLU A 1 13  ? -8.005  0.382   1.560   1.00 35.63  ? 13  GLU A N   1 
ATOM   90   C CA  . GLU A 1 13  ? -9.205  1.051   1.914   1.00 36.80  ? 13  GLU A CA  1 
ATOM   91   C C   . GLU A 1 13  ? -8.821  2.091   2.948   1.00 37.51  ? 13  GLU A C   1 
ATOM   92   O O   . GLU A 1 13  ? -8.213  1.714   3.932   1.00 42.33  ? 13  GLU A O   1 
ATOM   93   C CB  . GLU A 1 13  ? -10.228 0.024   2.444   1.00 35.98  ? 13  GLU A CB  1 
ATOM   94   C CG  . GLU A 1 13  ? -11.516 0.643   3.008   1.00 38.40  ? 13  GLU A CG  1 
ATOM   95   C CD  . GLU A 1 13  ? -12.612 -0.357  3.233   1.00 39.08  ? 13  GLU A CD  1 
ATOM   96   O OE1 . GLU A 1 13  ? -12.618 -1.401  2.575   1.00 38.98  ? 13  GLU A OE1 1 
ATOM   97   O OE2 . GLU A 1 13  ? -13.513 -0.084  4.035   1.00 37.11  ? 13  GLU A OE2 1 
ATOM   98   N N   . LEU A 1 14  ? -9.013  3.395   2.673   1.00 34.06  ? 14  LEU A N   1 
ATOM   99   C CA  . LEU A 1 14  ? -8.663  4.465   3.648   1.00 32.69  ? 14  LEU A CA  1 
ATOM   100  C C   . LEU A 1 14  ? -9.907  4.773   4.407   1.00 34.45  ? 14  LEU A C   1 
ATOM   101  O O   . LEU A 1 14  ? -10.978 4.912   3.832   1.00 41.05  ? 14  LEU A O   1 
ATOM   102  C CB  . LEU A 1 14  ? -8.196  5.732   2.940   1.00 33.22  ? 14  LEU A CB  1 
ATOM   103  C CG  . LEU A 1 14  ? -7.114  5.456   1.896   1.00 34.03  ? 14  LEU A CG  1 
ATOM   104  C CD1 . LEU A 1 14  ? -6.847  6.675   0.961   1.00 29.74  ? 14  LEU A CD1 1 
ATOM   105  C CD2 . LEU A 1 14  ? -5.854  4.945   2.569   1.00 34.46  ? 14  LEU A CD2 1 
ATOM   106  N N   . THR A 1 15  ? -9.824  4.854   5.703   1.00 36.17  ? 15  THR A N   1 
ATOM   107  C CA  . THR A 1 15  ? -11.023 5.090   6.484   1.00 37.48  ? 15  THR A CA  1 
ATOM   108  C C   . THR A 1 15  ? -11.509 6.580   6.706   1.00 35.93  ? 15  THR A C   1 
ATOM   109  O O   . THR A 1 15  ? -10.711 7.537   6.705   1.00 35.79  ? 15  THR A O   1 
ATOM   110  C CB  . THR A 1 15  ? -10.886 4.305   7.811   1.00 36.97  ? 15  THR A CB  1 
ATOM   111  O OG1 . THR A 1 15  ? -12.172 4.097   8.351   1.00 44.59  ? 15  THR A OG1 1 
ATOM   112  C CG2 . THR A 1 15  ? -10.107 5.045   8.802   1.00 34.83  ? 15  THR A CG2 1 
ATOM   113  N N   . CYS A 1 16  ? -12.817 6.746   6.815   1.00 33.41  ? 16  CYS A N   1 
ATOM   114  C CA  . CYS A 1 16  ? -13.412 8.026   7.082   1.00 36.61  ? 16  CYS A CA  1 
ATOM   115  C C   . CYS A 1 16  ? -14.708 7.800   7.883   1.00 34.35  ? 16  CYS A C   1 
ATOM   116  O O   . CYS A 1 16  ? -15.740 7.422   7.342   1.00 34.59  ? 16  CYS A O   1 
ATOM   117  C CB  . CYS A 1 16  ? -13.656 8.836   5.814   1.00 38.52  ? 16  CYS A CB  1 
ATOM   118  S SG  . CYS A 1 16  ? -14.021 10.589  6.218   1.00 43.01  ? 16  CYS A SG  1 
ATOM   119  N N   . THR A 1 17  ? -14.627 8.076   9.185   1.00 35.93  ? 17  THR A N   1 
ATOM   120  C CA  . THR A 1 17  ? -15.729 7.905   10.126  1.00 36.58  ? 17  THR A CA  1 
ATOM   121  C C   . THR A 1 17  ? -16.211 9.243   10.654  1.00 38.08  ? 17  THR A C   1 
ATOM   122  O O   . THR A 1 17  ? -15.411 10.059  11.035  1.00 37.48  ? 17  THR A O   1 
ATOM   123  C CB  . THR A 1 17  ? -15.316 7.033   11.324  1.00 32.50  ? 17  THR A CB  1 
ATOM   124  O OG1 . THR A 1 17  ? -14.666 5.864   10.851  1.00 29.98  ? 17  THR A OG1 1 
ATOM   125  C CG2 . THR A 1 17  ? -16.548 6.623   12.023  1.00 31.73  ? 17  THR A CG2 1 
ATOM   126  N N   . ALA A 1 18  ? -17.510 9.473   10.637  1.00 40.93  ? 18  ALA A N   1 
ATOM   127  C CA  . ALA A 1 18  ? -18.058 10.739  11.103  1.00 49.31  ? 18  ALA A CA  1 
ATOM   128  C C   . ALA A 1 18  ? -18.178 10.662  12.578  1.00 54.39  ? 18  ALA A C   1 
ATOM   129  O O   . ALA A 1 18  ? -17.638 9.760   13.184  1.00 56.47  ? 18  ALA A O   1 
ATOM   130  C CB  . ALA A 1 18  ? -19.445 11.015  10.492  1.00 48.02  ? 18  ALA A CB  1 
ATOM   131  N N   . SER A 1 19  ? -18.845 11.652  13.145  1.00 62.77  ? 19  SER A N   1 
ATOM   132  C CA  . SER A 1 19  ? -19.111 11.749  14.574  1.00 68.44  ? 19  SER A CA  1 
ATOM   133  C C   . SER A 1 19  ? -20.527 12.330  14.688  1.00 72.69  ? 19  SER A C   1 
ATOM   134  O O   . SER A 1 19  ? -21.439 11.711  15.244  1.00 73.87  ? 19  SER A O   1 
ATOM   135  C CB  . SER A 1 19  ? -18.069 12.646  15.259  1.00 69.60  ? 19  SER A CB  1 
ATOM   136  O OG  . SER A 1 19  ? -16.790 12.026  15.304  1.00 71.71  ? 19  SER A OG  1 
ATOM   137  N N   . GLN A 1 20  ? -20.720 13.477  14.032  1.00 76.53  ? 20  GLN A N   1 
ATOM   138  C CA  . GLN A 1 20  ? -22.002 14.167  14.032  1.00 80.41  ? 20  GLN A CA  1 
ATOM   139  C C   . GLN A 1 20  ? -23.046 13.220  13.461  1.00 81.87  ? 20  GLN A C   1 
ATOM   140  O O   . GLN A 1 20  ? -22.692 12.141  12.970  1.00 80.26  ? 20  GLN A O   1 
ATOM   141  C CB  . GLN A 1 20  ? -21.929 15.502  13.248  1.00 81.58  ? 20  GLN A CB  1 
ATOM   142  C CG  . GLN A 1 20  ? -21.580 15.387  11.761  1.00 82.79  ? 20  GLN A CG  1 
ATOM   143  C CD  . GLN A 1 20  ? -20.243 16.010  11.413  1.00 83.41  ? 20  GLN A CD  1 
ATOM   144  O OE1 . GLN A 1 20  ? -20.184 17.138  10.927  1.00 84.33  ? 20  GLN A OE1 1 
ATOM   145  N NE2 . GLN A 1 20  ? -19.161 15.251  11.583  1.00 81.58  ? 20  GLN A NE2 1 
ATOM   146  N N   . LYS A 1 21  ? -24.317 13.633  13.546  1.00 85.44  ? 21  LYS A N   1 
ATOM   147  C CA  . LYS A 1 21  ? -25.460 12.838  13.085  1.00 88.10  ? 21  LYS A CA  1 
ATOM   148  C C   . LYS A 1 21  ? -25.144 11.947  11.886  1.00 88.84  ? 21  LYS A C   1 
ATOM   149  O O   . LYS A 1 21  ? -24.581 12.415  10.873  1.00 90.76  ? 21  LYS A O   1 
ATOM   150  C CB  . LYS A 1 21  ? -26.698 13.706  12.796  1.00 88.50  ? 21  LYS A CB  1 
ATOM   151  C CG  . LYS A 1 21  ? -27.782 12.888  12.138  1.00 89.53  ? 21  LYS A CG  1 
ATOM   152  C CD  . LYS A 1 21  ? -29.045 13.624  11.863  1.00 90.09  ? 21  LYS A CD  1 
ATOM   153  C CE  . LYS A 1 21  ? -30.088 12.603  11.446  1.00 91.85  ? 21  LYS A CE  1 
ATOM   154  N NZ  . LYS A 1 21  ? -30.319 11.541  12.494  1.00 93.16  ? 21  LYS A NZ  1 
ATOM   155  N N   . LYS A 1 22  ? -25.545 10.674  12.018  1.00 86.20  ? 22  LYS A N   1 
ATOM   156  C CA  . LYS A 1 22  ? -25.298 9.653   11.013  1.00 83.39  ? 22  LYS A CA  1 
ATOM   157  C C   . LYS A 1 22  ? -25.727 9.938   9.563   1.00 82.92  ? 22  LYS A C   1 
ATOM   158  O O   . LYS A 1 22  ? -26.830 10.493  9.303   1.00 80.39  ? 22  LYS A O   1 
ATOM   159  C CB  . LYS A 1 22  ? -25.790 8.290   11.512  1.00 81.54  ? 22  LYS A CB  1 
ATOM   160  C CG  . LYS A 1 22  ? -24.925 7.712   12.648  1.00 77.34  ? 22  LYS A CG  1 
ATOM   161  C CD  . LYS A 1 22  ? -25.485 6.367   13.135  1.00 72.33  ? 22  LYS A CD  1 
ATOM   162  C CE  . LYS A 1 22  ? -24.818 5.155   12.468  1.00 66.32  ? 22  LYS A CE  1 
ATOM   163  N NZ  . LYS A 1 22  ? -25.638 3.915   12.542  1.00 58.18  ? 22  LYS A NZ  1 
ATOM   164  N N   . SER A 1 23  ? -24.763 9.620   8.676   1.00 80.65  ? 23  SER A N   1 
ATOM   165  C CA  . SER A 1 23  ? -24.804 9.755   7.213   1.00 77.39  ? 23  SER A CA  1 
ATOM   166  C C   . SER A 1 23  ? -25.184 11.093  6.603   1.00 73.55  ? 23  SER A C   1 
ATOM   167  O O   . SER A 1 23  ? -26.288 11.595  6.819   1.00 75.54  ? 23  SER A O   1 
ATOM   168  C CB  . SER A 1 23  ? -25.693 8.678   6.587   1.00 79.45  ? 23  SER A CB  1 
ATOM   169  O OG  . SER A 1 23  ? -25.530 8.636   5.171   1.00 79.62  ? 23  SER A OG  1 
ATOM   170  N N   . ILE A 1 24  ? -24.283 11.679  5.829   1.00 68.82  ? 24  ILE A N   1 
ATOM   171  C CA  . ILE A 1 24  ? -24.617 12.933  5.161   1.00 64.79  ? 24  ILE A CA  1 
ATOM   172  C C   . ILE A 1 24  ? -23.783 13.105  3.840   1.00 61.23  ? 24  ILE A C   1 
ATOM   173  O O   . ILE A 1 24  ? -23.451 12.129  3.137   1.00 57.63  ? 24  ILE A O   1 
ATOM   174  C CB  . ILE A 1 24  ? -24.434 14.217  6.111   1.00 64.59  ? 24  ILE A CB  1 
ATOM   175  C CG1 . ILE A 1 24  ? -24.664 13.908  7.594   1.00 65.21  ? 24  ILE A CG1 1 
ATOM   176  C CG2 . ILE A 1 24  ? -25.386 15.363  5.670   1.00 62.27  ? 24  ILE A CG2 1 
ATOM   177  C CD1 . ILE A 1 24  ? -26.076 14.120  8.065   1.00 63.95  ? 24  ILE A CD1 1 
ATOM   178  N N   . GLN A 1 25  ? -23.460 14.365  3.552   1.00 57.18  ? 25  GLN A N   1 
ATOM   179  C CA  . GLN A 1 25  ? -22.700 14.823  2.423   1.00 49.48  ? 25  GLN A CA  1 
ATOM   180  C C   . GLN A 1 25  ? -21.240 14.520  2.646   1.00 42.64  ? 25  GLN A C   1 
ATOM   181  O O   . GLN A 1 25  ? -20.710 14.819  3.699   1.00 42.58  ? 25  GLN A O   1 
ATOM   182  C CB  . GLN A 1 25  ? -22.873 16.330  2.349   1.00 49.72  ? 25  GLN A CB  1 
ATOM   183  C CG  . GLN A 1 25  ? -24.272 16.771  1.958   1.00 51.92  ? 25  GLN A CG  1 
ATOM   184  C CD  . GLN A 1 25  ? -24.528 16.628  0.463   1.00 53.79  ? 25  GLN A CD  1 
ATOM   185  O OE1 . GLN A 1 25  ? -25.655 16.633  0.046   1.00 56.65  ? 25  GLN A OE1 1 
ATOM   186  N NE2 . GLN A 1 25  ? -23.481 16.508  -0.335  1.00 55.33  ? 25  GLN A NE2 1 
ATOM   187  N N   . PHE A 1 26  ? -20.559 14.002  1.630   1.00 36.59  ? 26  PHE A N   1 
ATOM   188  C CA  . PHE A 1 26  ? -19.143 13.689  1.786   1.00 33.24  ? 26  PHE A CA  1 
ATOM   189  C C   . PHE A 1 26  ? -18.367 13.680  0.454   1.00 33.46  ? 26  PHE A C   1 
ATOM   190  O O   . PHE A 1 26  ? -18.954 13.612  -0.610  1.00 30.10  ? 26  PHE A O   1 
ATOM   191  C CB  . PHE A 1 26  ? -18.991 12.285  2.501   1.00 31.01  ? 26  PHE A CB  1 
ATOM   192  C CG  . PHE A 1 26  ? -18.786 11.125  1.549   1.00 27.95  ? 26  PHE A CG  1 
ATOM   193  C CD1 . PHE A 1 26  ? -19.886 10.478  0.964   1.00 27.78  ? 26  PHE A CD1 1 
ATOM   194  C CD2 . PHE A 1 26  ? -17.482 10.720  1.175   1.00 22.19  ? 26  PHE A CD2 1 
ATOM   195  C CE1 . PHE A 1 26  ? -19.692 9.402   0.008   1.00 25.03  ? 26  PHE A CE1 1 
ATOM   196  C CE2 . PHE A 1 26  ? -17.288 9.677   0.246   1.00 21.93  ? 26  PHE A CE2 1 
ATOM   197  C CZ  . PHE A 1 26  ? -18.396 9.010   -0.341  1.00 24.09  ? 26  PHE A CZ  1 
ATOM   198  N N   . HIS A 1 27  ? -17.046 13.724  0.538   1.00 32.86  ? 27  HIS A N   1 
ATOM   199  C CA  . HIS A 1 27  ? -16.249 13.586  -0.649  1.00 33.33  ? 27  HIS A CA  1 
ATOM   200  C C   . HIS A 1 27  ? -14.786 13.381  -0.304  1.00 30.00  ? 27  HIS A C   1 
ATOM   201  O O   . HIS A 1 27  ? -14.339 13.818  0.762   1.00 29.01  ? 27  HIS A O   1 
ATOM   202  C CB  . HIS A 1 27  ? -16.442 14.763  -1.636  1.00 36.42  ? 27  HIS A CB  1 
ATOM   203  C CG  . HIS A 1 27  ? -15.955 16.094  -1.161  1.00 38.92  ? 27  HIS A CG  1 
ATOM   204  N ND1 . HIS A 1 27  ? -14.728 16.264  -0.552  1.00 38.87  ? 27  HIS A ND1 1 
ATOM   205  C CD2 . HIS A 1 27  ? -16.484 17.331  -1.282  1.00 41.18  ? 27  HIS A CD2 1 
ATOM   206  C CE1 . HIS A 1 27  ? -14.533 17.561  -0.332  1.00 40.86  ? 27  HIS A CE1 1 
ATOM   207  N NE2 . HIS A 1 27  ? -15.575 18.220  -0.762  1.00 38.54  ? 27  HIS A NE2 1 
ATOM   208  N N   . TRP A 1 28  ? -14.068 12.662  -1.198  1.00 30.57  ? 28  TRP A N   1 
ATOM   209  C CA  . TRP A 1 28  ? -12.627 12.480  -1.081  1.00 32.68  ? 28  TRP A CA  1 
ATOM   210  C C   . TRP A 1 28  ? -11.924 13.295  -2.216  1.00 35.15  ? 28  TRP A C   1 
ATOM   211  O O   . TRP A 1 28  ? -12.380 13.364  -3.338  1.00 35.85  ? 28  TRP A O   1 
ATOM   212  C CB  . TRP A 1 28  ? -12.236 11.031  -1.226  1.00 30.06  ? 28  TRP A CB  1 
ATOM   213  C CG  . TRP A 1 28  ? -12.512 10.248  -0.025  1.00 29.87  ? 28  TRP A CG  1 
ATOM   214  C CD1 . TRP A 1 28  ? -13.668 9.688   0.275   1.00 30.04  ? 28  TRP A CD1 1 
ATOM   215  C CD2 . TRP A 1 28  ? -11.571 9.856   0.993   1.00 28.01  ? 28  TRP A CD2 1 
ATOM   216  N NE1 . TRP A 1 28  ? -13.560 8.957   1.421   1.00 29.91  ? 28  TRP A NE1 1 
ATOM   217  C CE2 . TRP A 1 28  ? -12.294 9.053   1.911   1.00 32.35  ? 28  TRP A CE2 1 
ATOM   218  C CE3 . TRP A 1 28  ? -10.241 10.121  1.262   1.00 31.26  ? 28  TRP A CE3 1 
ATOM   219  C CZ2 . TRP A 1 28  ? -11.690 8.429   2.998   1.00 33.11  ? 28  TRP A CZ2 1 
ATOM   220  C CZ3 . TRP A 1 28  ? -9.643  9.518   2.324   1.00 33.17  ? 28  TRP A CZ3 1 
ATOM   221  C CH2 . TRP A 1 28  ? -10.381 8.698   3.213   1.00 31.72  ? 28  TRP A CH2 1 
ATOM   222  N N   . LYS A 1 29  ? -10.785 13.865  -1.896  1.00 38.80  ? 29  LYS A N   1 
ATOM   223  C CA  . LYS A 1 29  ? -9.968  14.638  -2.789  1.00 40.25  ? 29  LYS A CA  1 
ATOM   224  C C   . LYS A 1 29  ? -8.499  14.260  -2.552  1.00 39.90  ? 29  LYS A C   1 
ATOM   225  O O   . LYS A 1 29  ? -8.122  13.640  -1.557  1.00 39.20  ? 29  LYS A O   1 
ATOM   226  C CB  . LYS A 1 29  ? -10.142 16.110  -2.473  1.00 41.58  ? 29  LYS A CB  1 
ATOM   227  C CG  . LYS A 1 29  ? -11.467 16.665  -2.858  1.00 45.18  ? 29  LYS A CG  1 
ATOM   228  C CD  . LYS A 1 29  ? -11.558 18.141  -2.477  1.00 49.47  ? 29  LYS A CD  1 
ATOM   229  C CE  . LYS A 1 29  ? -12.662 18.842  -3.279  1.00 51.26  ? 29  LYS A CE  1 
ATOM   230  N NZ  . LYS A 1 29  ? -14.022 18.212  -3.167  1.00 53.81  ? 29  LYS A NZ  1 
ATOM   231  N N   . ASN A 1 30  ? -7.671  14.505  -3.555  1.00 41.98  ? 30  ASN A N   1 
ATOM   232  C CA  . ASN A 1 30  ? -6.250  14.222  -3.410  1.00 43.89  ? 30  ASN A CA  1 
ATOM   233  C C   . ASN A 1 30  ? -5.675  15.540  -2.908  1.00 42.94  ? 30  ASN A C   1 
ATOM   234  O O   . ASN A 1 30  ? -6.419  16.494  -2.724  1.00 39.65  ? 30  ASN A O   1 
ATOM   235  C CB  . ASN A 1 30  ? -5.633  13.761  -4.757  1.00 43.97  ? 30  ASN A CB  1 
ATOM   236  C CG  . ASN A 1 30  ? -5.148  14.922  -5.636  1.00 47.24  ? 30  ASN A CG  1 
ATOM   237  O OD1 . ASN A 1 30  ? -5.879  15.874  -5.935  1.00 47.44  ? 30  ASN A OD1 1 
ATOM   238  N ND2 . ASN A 1 30  ? -3.886  14.856  -6.020  1.00 50.02  ? 30  ASN A ND2 1 
ATOM   239  N N   . SER A 1 31  ? -4.377  15.561  -2.619  1.00 45.75  ? 31  SER A N   1 
ATOM   240  C CA  . SER A 1 31  ? -3.650  16.754  -2.163  1.00 49.11  ? 31  SER A CA  1 
ATOM   241  C C   . SER A 1 31  ? -4.109  18.035  -2.820  1.00 52.50  ? 31  SER A C   1 
ATOM   242  O O   . SER A 1 31  ? -4.400  18.993  -2.140  1.00 54.87  ? 31  SER A O   1 
ATOM   243  C CB  . SER A 1 31  ? -2.165  16.613  -2.460  1.00 49.41  ? 31  SER A CB  1 
ATOM   244  O OG  . SER A 1 31  ? -1.681  15.433  -1.920  1.00 52.50  ? 31  SER A OG  1 
ATOM   245  N N   . ASN A 1 32  ? -4.142  18.078  -4.146  1.00 52.92  ? 32  ASN A N   1 
ATOM   246  C CA  . ASN A 1 32  ? -4.578  19.294  -4.757  1.00 53.18  ? 32  ASN A CA  1 
ATOM   247  C C   . ASN A 1 32  ? -6.012  19.462  -5.150  1.00 55.06  ? 32  ASN A C   1 
ATOM   248  O O   . ASN A 1 32  ? -6.300  19.701  -6.311  1.00 58.32  ? 32  ASN A O   1 
ATOM   249  C CB  . ASN A 1 32  ? -3.680  19.709  -5.897  1.00 55.76  ? 32  ASN A CB  1 
ATOM   250  C CG  . ASN A 1 32  ? -3.417  18.630  -6.825  1.00 56.22  ? 32  ASN A CG  1 
ATOM   251  O OD1 . ASN A 1 32  ? -2.346  18.064  -6.819  1.00 59.83  ? 32  ASN A OD1 1 
ATOM   252  N ND2 . ASN A 1 32  ? -4.364  18.328  -7.671  1.00 55.98  ? 32  ASN A ND2 1 
ATOM   253  N N   . GLN A 1 33  ? -6.888  19.463  -4.137  1.00 54.68  ? 33  GLN A N   1 
ATOM   254  C CA  . GLN A 1 33  ? -8.322  19.665  -4.262  1.00 51.65  ? 33  GLN A CA  1 
ATOM   255  C C   . GLN A 1 33  ? -8.984  19.036  -5.495  1.00 52.41  ? 33  GLN A C   1 
ATOM   256  O O   . GLN A 1 33  ? -9.933  19.594  -6.057  1.00 55.01  ? 33  GLN A O   1 
ATOM   257  C CB  . GLN A 1 33  ? -8.587  21.145  -4.239  1.00 51.30  ? 33  GLN A CB  1 
ATOM   258  C CG  . GLN A 1 33  ? -8.049  21.784  -3.039  1.00 54.90  ? 33  GLN A CG  1 
ATOM   259  C CD  . GLN A 1 33  ? -8.730  21.300  -1.780  1.00 58.44  ? 33  GLN A CD  1 
ATOM   260  O OE1 . GLN A 1 33  ? -9.897  20.883  -1.798  1.00 59.69  ? 33  GLN A OE1 1 
ATOM   261  N NE2 . GLN A 1 33  ? -8.010  21.340  -0.659  1.00 60.89  ? 33  GLN A NE2 1 
ATOM   262  N N   . ILE A 1 34  ? -8.453  17.925  -5.989  1.00 48.03  ? 34  ILE A N   1 
ATOM   263  C CA  . ILE A 1 34  ? -9.094  17.276  -7.121  1.00 48.10  ? 34  ILE A CA  1 
ATOM   264  C C   . ILE A 1 34  ? -10.049 16.186  -6.572  1.00 46.54  ? 34  ILE A C   1 
ATOM   265  O O   . ILE A 1 34  ? -9.620  15.194  -5.972  1.00 42.95  ? 34  ILE A O   1 
ATOM   266  C CB  . ILE A 1 34  ? -8.041  16.681  -8.064  1.00 50.60  ? 34  ILE A CB  1 
ATOM   267  C CG1 . ILE A 1 34  ? -7.231  17.811  -8.662  1.00 51.12  ? 34  ILE A CG1 1 
ATOM   268  C CG2 . ILE A 1 34  ? -8.689  15.869  -9.168  1.00 51.47  ? 34  ILE A CG2 1 
ATOM   269  C CD1 . ILE A 1 34  ? -6.425  17.398  -9.787  1.00 55.05  ? 34  ILE A CD1 1 
ATOM   270  N N   . LYS A 1 35  ? -11.352 16.457  -6.673  1.00 46.54  ? 35  LYS A N   1 
ATOM   271  C CA  . LYS A 1 35  ? -12.346 15.530  -6.197  1.00 44.75  ? 35  LYS A CA  1 
ATOM   272  C C   . LYS A 1 35  ? -12.091 14.190  -6.857  1.00 44.83  ? 35  LYS A C   1 
ATOM   273  O O   . LYS A 1 35  ? -11.702 14.116  -8.036  1.00 45.19  ? 35  LYS A O   1 
ATOM   274  C CB  . LYS A 1 35  ? -13.749 16.016  -6.545  1.00 46.49  ? 35  LYS A CB  1 
ATOM   275  C CG  . LYS A 1 35  ? -14.914 15.212  -5.957  1.00 51.01  ? 35  LYS A CG  1 
ATOM   276  C CD  . LYS A 1 35  ? -15.605 15.954  -4.799  1.00 54.54  ? 35  LYS A CD  1 
ATOM   277  C CE  . LYS A 1 35  ? -17.119 16.180  -4.995  1.00 56.75  ? 35  LYS A CE  1 
ATOM   278  N NZ  . LYS A 1 35  ? -18.050 14.944  -4.920  1.00 55.73  ? 35  LYS A NZ  1 
ATOM   279  N N   . ILE A 1 36  ? -12.188 13.140  -6.048  1.00 41.92  ? 36  ILE A N   1 
ATOM   280  C CA  . ILE A 1 36  ? -12.020 11.784  -6.508  1.00 39.15  ? 36  ILE A CA  1 
ATOM   281  C C   . ILE A 1 36  ? -13.423 11.211  -6.534  1.00 39.36  ? 36  ILE A C   1 
ATOM   282  O O   . ILE A 1 36  ? -13.861 10.727  -7.584  1.00 39.96  ? 36  ILE A O   1 
ATOM   283  C CB  . ILE A 1 36  ? -11.108 10.990  -5.596  1.00 40.41  ? 36  ILE A CB  1 
ATOM   284  C CG1 . ILE A 1 36  ? -9.727  11.680  -5.532  1.00 40.72  ? 36  ILE A CG1 1 
ATOM   285  C CG2 . ILE A 1 36  ? -11.049 9.566   -6.091  1.00 37.36  ? 36  ILE A CG2 1 
ATOM   286  C CD1 . ILE A 1 36  ? -8.617  10.917  -4.888  1.00 40.12  ? 36  ILE A CD1 1 
ATOM   287  N N   . LEU A 1 37  ? -14.149 11.281  -5.407  1.00 36.60  ? 37  LEU A N   1 
ATOM   288  C CA  . LEU A 1 37  ? -15.506 10.794  -5.408  1.00 34.40  ? 37  LEU A CA  1 
ATOM   289  C C   . LEU A 1 37  ? -16.228 11.383  -4.254  1.00 33.58  ? 37  LEU A C   1 
ATOM   290  O O   . LEU A 1 37  ? -15.604 11.973  -3.412  1.00 35.52  ? 37  LEU A O   1 
ATOM   291  C CB  . LEU A 1 37  ? -15.584 9.248   -5.420  1.00 35.92  ? 37  LEU A CB  1 
ATOM   292  C CG  . LEU A 1 37  ? -15.348 8.120   -4.379  1.00 36.54  ? 37  LEU A CG  1 
ATOM   293  C CD1 . LEU A 1 37  ? -14.100 7.427   -4.625  1.00 33.00  ? 37  LEU A CD1 1 
ATOM   294  C CD2 . LEU A 1 37  ? -15.472 8.563   -2.971  1.00 32.86  ? 37  LEU A CD2 1 
ATOM   295  N N   . GLY A 1 38  ? -17.557 11.244  -4.265  1.00 34.37  ? 38  GLY A N   1 
ATOM   296  C CA  . GLY A 1 38  ? -18.440 11.708  -3.207  1.00 35.35  ? 38  GLY A CA  1 
ATOM   297  C C   . GLY A 1 38  ? -19.865 11.198  -3.454  1.00 38.57  ? 38  GLY A C   1 
ATOM   298  O O   . GLY A 1 38  ? -20.089 10.282  -4.216  1.00 39.00  ? 38  GLY A O   1 
ATOM   299  N N   . ASN A 1 39  ? -20.849 11.796  -2.818  1.00 42.23  ? 39  ASN A N   1 
ATOM   300  C CA  . ASN A 1 39  ? -22.235 11.390  -3.024  1.00 46.75  ? 39  ASN A CA  1 
ATOM   301  C C   . ASN A 1 39  ? -23.083 12.439  -3.823  1.00 48.61  ? 39  ASN A C   1 
ATOM   302  O O   . ASN A 1 39  ? -22.728 13.623  -3.902  1.00 48.42  ? 39  ASN A O   1 
ATOM   303  C CB  . ASN A 1 39  ? -22.924 11.058  -1.662  1.00 44.73  ? 39  ASN A CB  1 
ATOM   304  C CG  . ASN A 1 39  ? -23.272 12.322  -0.822  1.00 45.43  ? 39  ASN A CG  1 
ATOM   305  O OD1 . ASN A 1 39  ? -22.367 12.942  -0.267  1.00 43.17  ? 39  ASN A OD1 1 
ATOM   306  N ND2 . ASN A 1 39  ? -24.583 12.658  -0.729  1.00 43.97  ? 39  ASN A ND2 1 
ATOM   307  N N   . GLN A 1 40  ? -24.158 11.953  -4.454  1.00 50.96  ? 40  GLN A N   1 
ATOM   308  C CA  . GLN A 1 40  ? -25.123 12.742  -5.180  1.00 53.38  ? 40  GLN A CA  1 
ATOM   309  C C   . GLN A 1 40  ? -26.358 12.173  -4.493  1.00 53.42  ? 40  GLN A C   1 
ATOM   310  O O   . GLN A 1 40  ? -26.796 11.076  -4.837  1.00 53.83  ? 40  GLN A O   1 
ATOM   311  C CB  . GLN A 1 40  ? -25.146 12.334  -6.648  1.00 56.86  ? 40  GLN A CB  1 
ATOM   312  C CG  . GLN A 1 40  ? -26.078 13.170  -7.527  1.00 58.91  ? 40  GLN A CG  1 
ATOM   313  C CD  . GLN A 1 40  ? -25.492 14.511  -7.846  1.00 61.00  ? 40  GLN A CD  1 
ATOM   314  O OE1 . GLN A 1 40  ? -26.204 15.419  -8.256  1.00 63.80  ? 40  GLN A OE1 1 
ATOM   315  N NE2 . GLN A 1 40  ? -24.174 14.649  -7.684  1.00 61.22  ? 40  GLN A NE2 1 
ATOM   316  N N   . GLY A 1 41  ? -26.840 12.846  -3.455  1.00 54.04  ? 41  GLY A N   1 
ATOM   317  C CA  . GLY A 1 41  ? -27.984 12.326  -2.745  1.00 54.33  ? 41  GLY A CA  1 
ATOM   318  C C   . GLY A 1 41  ? -27.621 11.011  -2.076  1.00 56.17  ? 41  GLY A C   1 
ATOM   319  O O   . GLY A 1 41  ? -26.714 10.970  -1.238  1.00 56.48  ? 41  GLY A O   1 
ATOM   320  N N   . SER A 1 42  ? -28.270 9.921   -2.495  1.00 57.87  ? 42  SER A N   1 
ATOM   321  C CA  . SER A 1 42  ? -28.024 8.580   -1.920  1.00 57.60  ? 42  SER A CA  1 
ATOM   322  C C   . SER A 1 42  ? -27.046 7.746   -2.698  1.00 55.32  ? 42  SER A C   1 
ATOM   323  O O   . SER A 1 42  ? -26.779 6.585   -2.347  1.00 49.80  ? 42  SER A O   1 
ATOM   324  C CB  . SER A 1 42  ? -29.315 7.783   -1.847  1.00 58.03  ? 42  SER A CB  1 
ATOM   325  O OG  . SER A 1 42  ? -30.101 8.226   -0.762  1.00 63.70  ? 42  SER A OG  1 
ATOM   326  N N   . PHE A 1 43  ? -26.491 8.372   -3.734  1.00 54.12  ? 43  PHE A N   1 
ATOM   327  C CA  . PHE A 1 43  ? -25.600 7.675   -4.624  1.00 53.59  ? 43  PHE A CA  1 
ATOM   328  C C   . PHE A 1 43  ? -24.197 8.208   -4.677  1.00 48.25  ? 43  PHE A C   1 
ATOM   329  O O   . PHE A 1 43  ? -23.905 9.267   -4.157  1.00 42.95  ? 43  PHE A O   1 
ATOM   330  C CB  . PHE A 1 43  ? -26.196 7.644   -6.027  1.00 59.59  ? 43  PHE A CB  1 
ATOM   331  C CG  . PHE A 1 43  ? -27.690 7.498   -6.058  1.00 66.06  ? 43  PHE A CG  1 
ATOM   332  C CD1 . PHE A 1 43  ? -28.515 8.581   -5.775  1.00 68.87  ? 43  PHE A CD1 1 
ATOM   333  C CD2 . PHE A 1 43  ? -28.270 6.290   -6.387  1.00 68.85  ? 43  PHE A CD2 1 
ATOM   334  C CE1 . PHE A 1 43  ? -29.899 8.459   -5.839  1.00 71.86  ? 43  PHE A CE1 1 
ATOM   335  C CE2 . PHE A 1 43  ? -29.647 6.156   -6.458  1.00 71.36  ? 43  PHE A CE2 1 
ATOM   336  C CZ  . PHE A 1 43  ? -30.463 7.236   -6.180  1.00 73.10  ? 43  PHE A CZ  1 
ATOM   337  N N   . LEU A 1 44  ? -23.345 7.395   -5.281  1.00 46.89  ? 44  LEU A N   1 
ATOM   338  C CA  . LEU A 1 44  ? -21.949 7.688   -5.462  1.00 44.93  ? 44  LEU A CA  1 
ATOM   339  C C   . LEU A 1 44  ? -21.748 8.275   -6.845  1.00 45.90  ? 44  LEU A C   1 
ATOM   340  O O   . LEU A 1 44  ? -22.445 7.935   -7.797  1.00 43.72  ? 44  LEU A O   1 
ATOM   341  C CB  . LEU A 1 44  ? -21.107 6.412   -5.311  1.00 40.50  ? 44  LEU A CB  1 
ATOM   342  C CG  . LEU A 1 44  ? -19.595 6.404   -5.521  1.00 40.25  ? 44  LEU A CG  1 
ATOM   343  C CD1 . LEU A 1 44  ? -18.896 7.008   -4.376  1.00 38.44  ? 44  LEU A CD1 1 
ATOM   344  C CD2 . LEU A 1 44  ? -19.096 4.984   -5.741  1.00 39.77  ? 44  LEU A CD2 1 
ATOM   345  N N   . THR A 1 45  ? -20.760 9.144   -6.915  1.00 46.85  ? 45  THR A N   1 
ATOM   346  C CA  . THR A 1 45  ? -20.351 9.830   -8.123  1.00 45.69  ? 45  THR A CA  1 
ATOM   347  C C   . THR A 1 45  ? -18.839 9.878   -8.162  1.00 41.79  ? 45  THR A C   1 
ATOM   348  O O   . THR A 1 45  ? -18.173 10.178  -7.159  1.00 38.49  ? 45  THR A O   1 
ATOM   349  C CB  . THR A 1 45  ? -20.926 11.282  -8.172  1.00 48.03  ? 45  THR A CB  1 
ATOM   350  O OG1 . THR A 1 45  ? -20.385 12.066  -7.096  1.00 50.78  ? 45  THR A OG1 1 
ATOM   351  C CG2 . THR A 1 45  ? -22.415 11.211  -7.967  1.00 49.43  ? 45  THR A CG2 1 
ATOM   352  N N   . LYS A 1 46  ? -18.297 9.405   -9.266  1.00 42.09  ? 46  LYS A N   1 
ATOM   353  C CA  . LYS A 1 46  ? -16.851 9.457   -9.431  1.00 45.78  ? 46  LYS A CA  1 
ATOM   354  C C   . LYS A 1 46  ? -16.511 10.624  -10.436 1.00 46.10  ? 46  LYS A C   1 
ATOM   355  O O   . LYS A 1 46  ? -17.107 10.728  -11.505 1.00 42.19  ? 46  LYS A O   1 
ATOM   356  C CB  . LYS A 1 46  ? -16.282 8.129   -9.931  1.00 45.29  ? 46  LYS A CB  1 
ATOM   357  C CG  . LYS A 1 46  ? -16.683 6.860   -9.151  1.00 50.70  ? 46  LYS A CG  1 
ATOM   358  C CD  . LYS A 1 46  ? -15.660 5.726   -9.363  1.00 53.58  ? 46  LYS A CD  1 
ATOM   359  C CE  . LYS A 1 46  ? -16.282 4.322   -9.357  1.00 57.41  ? 46  LYS A CE  1 
ATOM   360  N NZ  . LYS A 1 46  ? -17.023 3.858   -8.110  1.00 58.79  ? 46  LYS A NZ  1 
ATOM   361  N N   . SER A 1 47  ? -15.593 11.515  -9.989  1.00 45.19  ? 47  SER A N   1 
ATOM   362  C CA  . SER A 1 47  ? -15.169 12.623  -10.793 1.00 48.28  ? 47  SER A CA  1 
ATOM   363  C C   . SER A 1 47  ? -14.200 12.058  -11.777 1.00 49.63  ? 47  SER A C   1 
ATOM   364  O O   . SER A 1 47  ? -13.709 10.896  -11.661 1.00 49.94  ? 47  SER A O   1 
ATOM   365  C CB  . SER A 1 47  ? -14.400 13.598  -9.976  1.00 46.92  ? 47  SER A CB  1 
ATOM   366  O OG  . SER A 1 47  ? -13.023 13.190  -9.839  1.00 55.48  ? 47  SER A OG  1 
ATOM   367  N N   . PRO A 1 48  ? -13.805 12.816  -12.808 1.00 47.93  ? 48  PRO A N   1 
ATOM   368  C CA  . PRO A 1 48  ? -12.950 12.232  -13.796 1.00 49.31  ? 48  PRO A CA  1 
ATOM   369  C C   . PRO A 1 48  ? -11.514 12.266  -13.297 1.00 50.61  ? 48  PRO A C   1 
ATOM   370  O O   . PRO A 1 48  ? -10.661 12.912  -13.928 1.00 52.59  ? 48  PRO A O   1 
ATOM   371  C CB  . PRO A 1 48  ? -13.141 13.139  -15.020 1.00 49.19  ? 48  PRO A CB  1 
ATOM   372  C CG  . PRO A 1 48  ? -14.305 14.038  -14.689 1.00 48.37  ? 48  PRO A CG  1 
ATOM   373  C CD  . PRO A 1 48  ? -14.281 14.160  -13.204 1.00 47.39  ? 48  PRO A CD  1 
ATOM   374  N N   . SER A 1 49  ? -11.199 11.536  -12.237 1.00 49.75  ? 49  SER A N   1 
ATOM   375  C CA  . SER A 1 49  ? -9.831  11.556  -11.770 1.00 46.66  ? 49  SER A CA  1 
ATOM   376  C C   . SER A 1 49  ? -8.953  10.550  -12.452 1.00 48.02  ? 49  SER A C   1 
ATOM   377  O O   . SER A 1 49  ? -9.419  9.640   -13.135 1.00 48.91  ? 49  SER A O   1 
ATOM   378  C CB  . SER A 1 49  ? -9.725  11.386  -10.272 1.00 43.84  ? 49  SER A CB  1 
ATOM   379  O OG  . SER A 1 49  ? -9.996  10.059  -9.954  1.00 44.41  ? 49  SER A OG  1 
ATOM   380  N N   . LYS A 1 50  ? -7.667  10.674  -12.188 1.00 51.91  ? 50  LYS A N   1 
ATOM   381  C CA  . LYS A 1 50  ? -6.665  9.795   -12.749 1.00 52.69  ? 50  LYS A CA  1 
ATOM   382  C C   . LYS A 1 50  ? -6.832  8.368   -12.105 1.00 55.19  ? 50  LYS A C   1 
ATOM   383  O O   . LYS A 1 50  ? -6.043  7.436   -12.363 1.00 57.72  ? 50  LYS A O   1 
ATOM   384  C CB  . LYS A 1 50  ? -5.302  10.396  -12.427 1.00 52.11  ? 50  LYS A CB  1 
ATOM   385  C CG  . LYS A 1 50  ? -4.210  9.959   -13.341 1.00 57.45  ? 50  LYS A CG  1 
ATOM   386  C CD  . LYS A 1 50  ? -4.398  10.407  -14.785 1.00 59.51  ? 50  LYS A CD  1 
ATOM   387  C CE  . LYS A 1 50  ? -3.529  11.642  -15.148 1.00 63.38  ? 50  LYS A CE  1 
ATOM   388  N NZ  . LYS A 1 50  ? -4.268  12.942  -14.993 1.00 63.67  ? 50  LYS A NZ  1 
ATOM   389  N N   . LEU A 1 51  ? -7.831  8.200   -11.244 1.00 52.34  ? 51  LEU A N   1 
ATOM   390  C CA  . LEU A 1 51  ? -8.026  6.906   -10.623 1.00 52.91  ? 51  LEU A CA  1 
ATOM   391  C C   . LEU A 1 51  ? -9.442  6.341   -10.759 1.00 52.85  ? 51  LEU A C   1 
ATOM   392  O O   . LEU A 1 51  ? -9.751  5.294   -10.192 1.00 53.65  ? 51  LEU A O   1 
ATOM   393  C CB  . LEU A 1 51  ? -7.748  7.013   -9.134  1.00 53.53  ? 51  LEU A CB  1 
ATOM   394  C CG  . LEU A 1 51  ? -6.805  7.965   -8.429  1.00 52.52  ? 51  LEU A CG  1 
ATOM   395  C CD1 . LEU A 1 51  ? -7.625  9.009   -7.804  1.00 52.63  ? 51  LEU A CD1 1 
ATOM   396  C CD2 . LEU A 1 51  ? -6.077  7.183   -7.368  1.00 52.00  ? 51  LEU A CD2 1 
ATOM   397  N N   . ASN A 1 52  ? -10.316 7.074   -11.438 1.00 49.79  ? 52  ASN A N   1 
ATOM   398  C CA  . ASN A 1 52  ? -11.694 6.685   -11.603 1.00 47.78  ? 52  ASN A CA  1 
ATOM   399  C C   . ASN A 1 52  ? -11.984 5.218   -11.729 1.00 47.16  ? 52  ASN A C   1 
ATOM   400  O O   . ASN A 1 52  ? -12.680 4.659   -10.906 1.00 51.39  ? 52  ASN A O   1 
ATOM   401  C CB  . ASN A 1 52  ? -12.325 7.428   -12.762 1.00 47.88  ? 52  ASN A CB  1 
ATOM   402  C CG  . ASN A 1 52  ? -13.705 6.958   -13.071 1.00 49.24  ? 52  ASN A CG  1 
ATOM   403  O OD1 . ASN A 1 52  ? -13.877 5.994   -13.796 1.00 54.32  ? 52  ASN A OD1 1 
ATOM   404  N ND2 . ASN A 1 52  ? -14.699 7.639   -12.549 1.00 46.79  ? 52  ASN A ND2 1 
ATOM   405  N N   . ASP A 1 53  ? -11.446 4.563   -12.730 1.00 43.29  ? 53  ASP A N   1 
ATOM   406  C CA  . ASP A 1 53  ? -11.776 3.172   -12.860 1.00 45.15  ? 53  ASP A CA  1 
ATOM   407  C C   . ASP A 1 53  ? -11.115 2.218   -11.837 1.00 47.21  ? 53  ASP A C   1 
ATOM   408  O O   . ASP A 1 53  ? -11.147 0.997   -12.033 1.00 48.12  ? 53  ASP A O   1 
ATOM   409  C CB  . ASP A 1 53  ? -11.529 2.747   -14.292 1.00 45.40  ? 53  ASP A CB  1 
ATOM   410  C CG  . ASP A 1 53  ? -10.079 2.878   -14.709 1.00 47.60  ? 53  ASP A CG  1 
ATOM   411  O OD1 . ASP A 1 53  ? -9.199  3.183   -13.846 1.00 50.69  ? 53  ASP A OD1 1 
ATOM   412  O OD2 . ASP A 1 53  ? -9.811  2.638   -15.910 1.00 50.33  ? 53  ASP A OD2 1 
ATOM   413  N N   . ARG A 1 54  ? -10.493 2.765   -10.785 1.00 45.41  ? 54  ARG A N   1 
ATOM   414  C CA  . ARG A 1 54  ? -9.894  1.954   -9.716  1.00 40.56  ? 54  ARG A CA  1 
ATOM   415  C C   . ARG A 1 54  ? -10.278 2.468   -8.328  1.00 43.09  ? 54  ARG A C   1 
ATOM   416  O O   . ARG A 1 54  ? -9.881  1.843   -7.351  1.00 42.75  ? 54  ARG A O   1 
ATOM   417  C CB  . ARG A 1 54  ? -8.387  1.890   -9.811  1.00 38.48  ? 54  ARG A CB  1 
ATOM   418  C CG  . ARG A 1 54  ? -7.846  1.384   -11.135 1.00 38.07  ? 54  ARG A CG  1 
ATOM   419  C CD  . ARG A 1 54  ? -6.302  1.363   -11.126 1.00 37.26  ? 54  ARG A CD  1 
ATOM   420  N NE  . ARG A 1 54  ? -5.711  2.705   -11.129 1.00 38.38  ? 54  ARG A NE  1 
ATOM   421  C CZ  . ARG A 1 54  ? -4.909  3.184   -10.180 1.00 38.45  ? 54  ARG A CZ  1 
ATOM   422  N NH1 . ARG A 1 54  ? -4.599  2.424   -9.145  1.00 42.57  ? 54  ARG A NH1 1 
ATOM   423  N NH2 . ARG A 1 54  ? -4.408  4.411   -10.256 1.00 33.20  ? 54  ARG A NH2 1 
ATOM   424  N N   . ALA A 1 55  ? -11.047 3.567   -8.257  1.00 43.28  ? 55  ALA A N   1 
ATOM   425  C CA  . ALA A 1 55  ? -11.520 4.225   -7.011  1.00 41.55  ? 55  ALA A CA  1 
ATOM   426  C C   . ALA A 1 55  ? -12.934 3.823   -6.684  1.00 41.20  ? 55  ALA A C   1 
ATOM   427  O O   . ALA A 1 55  ? -13.744 3.715   -7.591  1.00 43.24  ? 55  ALA A O   1 
ATOM   428  C CB  . ALA A 1 55  ? -11.467 5.741   -7.171  1.00 42.77  ? 55  ALA A CB  1 
ATOM   429  N N   . ASP A 1 56  ? -13.259 3.674   -5.398  1.00 40.20  ? 56  ASP A N   1 
ATOM   430  C CA  . ASP A 1 56  ? -14.618 3.277   -4.998  1.00 40.19  ? 56  ASP A CA  1 
ATOM   431  C C   . ASP A 1 56  ? -14.893 3.493   -3.530  1.00 36.13  ? 56  ASP A C   1 
ATOM   432  O O   . ASP A 1 56  ? -14.010 3.866   -2.813  1.00 34.67  ? 56  ASP A O   1 
ATOM   433  C CB  . ASP A 1 56  ? -14.830 1.791   -5.290  1.00 44.75  ? 56  ASP A CB  1 
ATOM   434  C CG  . ASP A 1 56  ? -16.269 1.437   -5.587  1.00 50.43  ? 56  ASP A CG  1 
ATOM   435  O OD1 . ASP A 1 56  ? -17.175 2.312   -5.583  1.00 50.93  ? 56  ASP A OD1 1 
ATOM   436  O OD2 . ASP A 1 56  ? -16.466 0.247   -5.865  1.00 53.27  ? 56  ASP A OD2 1 
ATOM   437  N N   . SER A 1 57  ? -16.126 3.325   -3.119  1.00 34.58  ? 57  SER A N   1 
ATOM   438  C CA  . SER A 1 57  ? -16.488 3.434   -1.705  1.00 37.57  ? 57  SER A CA  1 
ATOM   439  C C   . SER A 1 57  ? -17.411 2.242   -1.379  1.00 38.75  ? 57  SER A C   1 
ATOM   440  O O   . SER A 1 57  ? -17.469 1.273   -2.145  1.00 36.05  ? 57  SER A O   1 
ATOM   441  C CB  . SER A 1 57  ? -17.192 4.771   -1.396  1.00 37.17  ? 57  SER A CB  1 
ATOM   442  O OG  . SER A 1 57  ? -17.322 5.016   0.007   1.00 31.68  ? 57  SER A OG  1 
ATOM   443  N N   . ARG A 1 58  ? -18.055 2.272   -0.216  1.00 39.35  ? 58  ARG A N   1 
ATOM   444  C CA  . ARG A 1 58  ? -18.995 1.230   0.195   1.00 39.00  ? 58  ARG A CA  1 
ATOM   445  C C   . ARG A 1 58  ? -20.286 1.901   0.744   1.00 37.75  ? 58  ARG A C   1 
ATOM   446  O O   . ARG A 1 58  ? -20.340 2.315   1.910   1.00 36.40  ? 58  ARG A O   1 
ATOM   447  C CB  . ARG A 1 58  ? -18.353 0.311   1.216   1.00 35.83  ? 58  ARG A CB  1 
ATOM   448  C CG  . ARG A 1 58  ? -19.203 -0.907  1.538   1.00 40.53  ? 58  ARG A CG  1 
ATOM   449  C CD  . ARG A 1 58  ? -18.465 -1.859  2.489   1.00 42.43  ? 58  ARG A CD  1 
ATOM   450  N NE  . ARG A 1 58  ? -17.237 -2.368  1.878   1.00 40.64  ? 58  ARG A NE  1 
ATOM   451  C CZ  . ARG A 1 58  ? -16.016 -2.029  2.223   1.00 38.87  ? 58  ARG A CZ  1 
ATOM   452  N NH1 . ARG A 1 58  ? -15.783 -1.199  3.255   1.00 37.09  ? 58  ARG A NH1 1 
ATOM   453  N NH2 . ARG A 1 58  ? -15.002 -2.575  1.560   1.00 37.32  ? 58  ARG A NH2 1 
ATOM   454  N N   . ARG A 1 59  ? -21.277 2.056   -0.122  1.00 35.72  ? 59  ARG A N   1 
ATOM   455  C CA  . ARG A 1 59  ? -22.543 2.725   0.194   1.00 38.77  ? 59  ARG A CA  1 
ATOM   456  C C   . ARG A 1 59  ? -23.239 2.339   1.490   1.00 38.33  ? 59  ARG A C   1 
ATOM   457  O O   . ARG A 1 59  ? -23.739 3.213   2.183   1.00 41.06  ? 59  ARG A O   1 
ATOM   458  C CB  . ARG A 1 59  ? -23.548 2.624   -0.963  1.00 42.60  ? 59  ARG A CB  1 
ATOM   459  C CG  . ARG A 1 59  ? -23.332 3.484   -2.190  1.00 50.54  ? 59  ARG A CG  1 
ATOM   460  C CD  . ARG A 1 59  ? -24.565 3.242   -3.072  1.00 56.51  ? 59  ARG A CD  1 
ATOM   461  N NE  . ARG A 1 59  ? -24.536 3.760   -4.432  1.00 62.87  ? 59  ARG A NE  1 
ATOM   462  C CZ  . ARG A 1 59  ? -23.612 3.484   -5.340  1.00 63.49  ? 59  ARG A CZ  1 
ATOM   463  N NH1 . ARG A 1 59  ? -22.552 2.740   -5.025  1.00 61.65  ? 59  ARG A NH1 1 
ATOM   464  N NH2 . ARG A 1 59  ? -23.738 4.015   -6.565  1.00 63.95  ? 59  ARG A NH2 1 
ATOM   465  N N   . SER A 1 60  ? -23.299 1.060   1.818   1.00 37.87  ? 60  SER A N   1 
ATOM   466  C CA  . SER A 1 60  ? -23.944 0.615   3.066   1.00 40.39  ? 60  SER A CA  1 
ATOM   467  C C   . SER A 1 60  ? -23.380 1.272   4.339   1.00 38.63  ? 60  SER A C   1 
ATOM   468  O O   . SER A 1 60  ? -24.098 1.517   5.305   1.00 39.51  ? 60  SER A O   1 
ATOM   469  C CB  . SER A 1 60  ? -23.840 -0.902  3.161   1.00 42.91  ? 60  SER A CB  1 
ATOM   470  O OG  . SER A 1 60  ? -22.539 -1.354  2.796   1.00 46.17  ? 60  SER A OG  1 
ATOM   471  N N   . LEU A 1 61  ? -22.095 1.588   4.305   1.00 37.14  ? 61  LEU A N   1 
ATOM   472  C CA  . LEU A 1 61  ? -21.427 2.185   5.429   1.00 36.85  ? 61  LEU A CA  1 
ATOM   473  C C   . LEU A 1 61  ? -21.820 3.613   5.689   1.00 37.91  ? 61  LEU A C   1 
ATOM   474  O O   . LEU A 1 61  ? -21.765 4.090   6.817   1.00 37.11  ? 61  LEU A O   1 
ATOM   475  C CB  . LEU A 1 61  ? -19.921 2.097   5.245   1.00 37.34  ? 61  LEU A CB  1 
ATOM   476  C CG  . LEU A 1 61  ? -19.289 0.694   5.183   1.00 41.30  ? 61  LEU A CG  1 
ATOM   477  C CD1 . LEU A 1 61  ? -17.887 0.799   5.839   1.00 41.19  ? 61  LEU A CD1 1 
ATOM   478  C CD2 . LEU A 1 61  ? -20.113 -0.432  5.851   1.00 39.31  ? 61  LEU A CD2 1 
ATOM   479  N N   . TRP A 1 62  ? -22.183 4.312   4.634   1.00 39.10  ? 62  TRP A N   1 
ATOM   480  C CA  . TRP A 1 62  ? -22.586 5.708   4.747   1.00 39.99  ? 62  TRP A CA  1 
ATOM   481  C C   . TRP A 1 62  ? -23.611 5.976   5.900   1.00 40.56  ? 62  TRP A C   1 
ATOM   482  O O   . TRP A 1 62  ? -23.483 6.986   6.624   1.00 43.71  ? 62  TRP A O   1 
ATOM   483  C CB  . TRP A 1 62  ? -23.081 6.254   3.375   1.00 35.54  ? 62  TRP A CB  1 
ATOM   484  C CG  . TRP A 1 62  ? -22.072 6.155   2.256   1.00 33.64  ? 62  TRP A CG  1 
ATOM   485  C CD1 . TRP A 1 62  ? -20.806 5.632   2.320   1.00 33.19  ? 62  TRP A CD1 1 
ATOM   486  C CD2 . TRP A 1 62  ? -22.279 6.577   0.939   1.00 33.18  ? 62  TRP A CD2 1 
ATOM   487  N NE1 . TRP A 1 62  ? -20.214 5.699   1.096   1.00 30.06  ? 62  TRP A NE1 1 
ATOM   488  C CE2 . TRP A 1 62  ? -21.093 6.279   0.225   1.00 35.45  ? 62  TRP A CE2 1 
ATOM   489  C CE3 . TRP A 1 62  ? -23.339 7.181   0.252   1.00 34.50  ? 62  TRP A CE3 1 
ATOM   490  C CZ2 . TRP A 1 62  ? -20.963 6.598   -1.136  1.00 36.00  ? 62  TRP A CZ2 1 
ATOM   491  C CZ3 . TRP A 1 62  ? -23.213 7.486   -1.077  1.00 33.68  ? 62  TRP A CZ3 1 
ATOM   492  C CH2 . TRP A 1 62  ? -22.033 7.190   -1.760  1.00 36.29  ? 62  TRP A CH2 1 
ATOM   493  N N   . ASP A 1 63  ? -24.603 5.077   6.069   1.00 40.36  ? 63  ASP A N   1 
ATOM   494  C CA  . ASP A 1 63  ? -25.655 5.156   7.118   1.00 40.07  ? 63  ASP A CA  1 
ATOM   495  C C   . ASP A 1 63  ? -25.034 5.075   8.511   1.00 37.98  ? 63  ASP A C   1 
ATOM   496  O O   . ASP A 1 63  ? -25.680 5.392   9.485   1.00 36.20  ? 63  ASP A O   1 
ATOM   497  C CB  . ASP A 1 63  ? -26.546 3.909   7.111   1.00 48.36  ? 63  ASP A CB  1 
ATOM   498  C CG  . ASP A 1 63  ? -27.368 3.749   5.880   1.00 55.66  ? 63  ASP A CG  1 
ATOM   499  O OD1 . ASP A 1 63  ? -26.799 3.620   4.772   1.00 60.17  ? 63  ASP A OD1 1 
ATOM   500  O OD2 . ASP A 1 63  ? -28.608 3.654   6.044   1.00 58.62  ? 63  ASP A OD2 1 
ATOM   501  N N   . GLN A 1 64  ? -23.854 4.479   8.605   1.00 34.24  ? 64  GLN A N   1 
ATOM   502  C CA  . GLN A 1 64  ? -23.167 4.303   9.868   1.00 33.30  ? 64  GLN A CA  1 
ATOM   503  C C   . GLN A 1 64  ? -22.047 5.295   10.015  1.00 33.72  ? 64  GLN A C   1 
ATOM   504  O O   . GLN A 1 64  ? -21.087 5.050   10.742  1.00 37.11  ? 64  GLN A O   1 
ATOM   505  C CB  . GLN A 1 64  ? -22.596 2.880   9.999   1.00 33.75  ? 64  GLN A CB  1 
ATOM   506  C CG  . GLN A 1 64  ? -23.618 1.687   9.915   1.00 31.06  ? 64  GLN A CG  1 
ATOM   507  C CD  . GLN A 1 64  ? -22.937 0.300   9.919   1.00 33.11  ? 64  GLN A CD  1 
ATOM   508  O OE1 . GLN A 1 64  ? -22.155 -0.056  10.819  1.00 30.92  ? 64  GLN A OE1 1 
ATOM   509  N NE2 . GLN A 1 64  ? -23.186 -0.434  8.876   1.00 32.11  ? 64  GLN A NE2 1 
ATOM   510  N N   . GLY A 1 65  ? -22.114 6.346   9.228   1.00 33.41  ? 65  GLY A N   1 
ATOM   511  C CA  . GLY A 1 65  ? -21.124 7.413   9.266   1.00 27.93  ? 65  GLY A CA  1 
ATOM   512  C C   . GLY A 1 65  ? -19.778 6.973   8.844   1.00 26.27  ? 65  GLY A C   1 
ATOM   513  O O   . GLY A 1 65  ? -18.801 7.462   9.375   1.00 28.63  ? 65  GLY A O   1 
ATOM   514  N N   . ASN A 1 66  ? -19.676 6.086   7.861   1.00 24.95  ? 66  ASN A N   1 
ATOM   515  C CA  . ASN A 1 66  ? -18.347 5.639   7.457   1.00 28.59  ? 66  ASN A CA  1 
ATOM   516  C C   . ASN A 1 66  ? -18.343 5.764   5.965   1.00 28.39  ? 66  ASN A C   1 
ATOM   517  O O   . ASN A 1 66  ? -19.299 5.284   5.315   1.00 27.95  ? 66  ASN A O   1 
ATOM   518  C CB  . ASN A 1 66  ? -18.082 4.185   7.924   1.00 36.25  ? 66  ASN A CB  1 
ATOM   519  C CG  . ASN A 1 66  ? -17.548 4.121   9.363   1.00 42.62  ? 66  ASN A CG  1 
ATOM   520  O OD1 . ASN A 1 66  ? -16.329 4.095   9.547   1.00 41.04  ? 66  ASN A OD1 1 
ATOM   521  N ND2 . ASN A 1 66  ? -18.462 4.194   10.378  1.00 38.91  ? 66  ASN A ND2 1 
ATOM   522  N N   . PHE A 1 67  ? -17.336 6.455   5.438   1.00 30.80  ? 67  PHE A N   1 
ATOM   523  C CA  . PHE A 1 67  ? -17.241 6.754   3.985   1.00 33.95  ? 67  PHE A CA  1 
ATOM   524  C C   . PHE A 1 67  ? -15.867 6.433   3.512   1.00 34.30  ? 67  PHE A C   1 
ATOM   525  O O   . PHE A 1 67  ? -15.068 7.320   3.281   1.00 34.64  ? 67  PHE A O   1 
ATOM   526  C CB  . PHE A 1 67  ? -17.496 8.235   3.747   1.00 31.76  ? 67  PHE A CB  1 
ATOM   527  C CG  . PHE A 1 67  ? -18.679 8.767   4.555   1.00 32.69  ? 67  PHE A CG  1 
ATOM   528  C CD1 . PHE A 1 67  ? -18.514 9.187   5.870   1.00 30.11  ? 67  PHE A CD1 1 
ATOM   529  C CD2 . PHE A 1 67  ? -19.948 8.864   3.988   1.00 28.24  ? 67  PHE A CD2 1 
ATOM   530  C CE1 . PHE A 1 67  ? -19.577 9.659   6.605   1.00 29.18  ? 67  PHE A CE1 1 
ATOM   531  C CE2 . PHE A 1 67  ? -21.041 9.352   4.727   1.00 33.41  ? 67  PHE A CE2 1 
ATOM   532  C CZ  . PHE A 1 67  ? -20.838 9.761   6.043   1.00 32.82  ? 67  PHE A CZ  1 
ATOM   533  N N   . PRO A 1 68  ? -15.567 5.145   3.364   1.00 34.83  ? 68  PRO A N   1 
ATOM   534  C CA  . PRO A 1 68  ? -14.233 4.723   2.926   1.00 34.69  ? 68  PRO A CA  1 
ATOM   535  C C   . PRO A 1 68  ? -13.847 5.011   1.468   1.00 31.88  ? 68  PRO A C   1 
ATOM   536  O O   . PRO A 1 68  ? -14.704 5.180   0.622   1.00 26.53  ? 68  PRO A O   1 
ATOM   537  C CB  . PRO A 1 68  ? -14.230 3.232   3.218   1.00 38.95  ? 68  PRO A CB  1 
ATOM   538  C CG  . PRO A 1 68  ? -15.779 2.829   2.968   1.00 36.02  ? 68  PRO A CG  1 
ATOM   539  C CD  . PRO A 1 68  ? -16.513 4.005   3.550   1.00 30.14  ? 68  PRO A CD  1 
ATOM   540  N N   . LEU A 1 69  ? -12.533 5.041   1.207   1.00 30.85  ? 69  LEU A N   1 
ATOM   541  C CA  . LEU A 1 69  ? -12.037 5.297   -0.198  1.00 33.00  ? 69  LEU A CA  1 
ATOM   542  C C   . LEU A 1 69  ? -11.127 4.167   -0.423  1.00 32.23  ? 69  LEU A C   1 
ATOM   543  O O   . LEU A 1 69  ? -10.104 4.083   0.147   1.00 32.66  ? 69  LEU A O   1 
ATOM   544  C CB  . LEU A 1 69  ? -11.121 6.563   -0.276  1.00 31.47  ? 69  LEU A CB  1 
ATOM   545  C CG  . LEU A 1 69  ? -10.758 7.118   -1.679  1.00 30.30  ? 69  LEU A CG  1 
ATOM   546  C CD1 . LEU A 1 69  ? -9.275  7.268   -1.934  1.00 31.41  ? 69  LEU A CD1 1 
ATOM   547  C CD2 . LEU A 1 69  ? -11.383 6.323   -2.780  1.00 30.17  ? 69  LEU A CD2 1 
ATOM   548  N N   . ILE A 1 70  ? -11.639 3.237   -1.397  1.00 33.51  ? 70  ILE A N   1 
ATOM   549  C CA  . ILE A 1 70  ? -10.966 2.029   -1.759  1.00 34.62  ? 70  ILE A CA  1 
ATOM   550  C C   . ILE A 1 70  ? -10.364 2.182   -3.135  1.00 35.99  ? 70  ILE A C   1 
ATOM   551  O O   . ILE A 1 70  ? -11.007 2.684   -4.087  1.00 34.79  ? 70  ILE A O   1 
ATOM   552  C CB  . ILE A 1 70  ? -12.073 0.802   -1.891  1.00 35.93  ? 70  ILE A CB  1 
ATOM   553  C CG1 . ILE A 1 70  ? -12.639 0.437   -0.535  1.00 34.86  ? 70  ILE A CG1 1 
ATOM   554  C CG2 . ILE A 1 70  ? -11.458 -0.418  -2.586  1.00 32.94  ? 70  ILE A CG2 1 
ATOM   555  C CD1 . ILE A 1 70  ? -14.078 0.943   -0.230  1.00 35.11  ? 70  ILE A CD1 1 
ATOM   556  N N   . ILE A 1 71  ? -9.055  1.909   -3.287  1.00 36.15  ? 71  ILE A N   1 
ATOM   557  C CA  . ILE A 1 71  ? -8.330  2.033   -4.534  1.00 36.87  ? 71  ILE A CA  1 
ATOM   558  C C   . ILE A 1 71  ? -7.748  0.695   -4.846  1.00 38.40  ? 71  ILE A C   1 
ATOM   559  O O   . ILE A 1 71  ? -7.085  0.111   -3.967  1.00 39.04  ? 71  ILE A O   1 
ATOM   560  C CB  . ILE A 1 71  ? -7.144  3.103   -4.474  1.00 32.85  ? 71  ILE A CB  1 
ATOM   561  C CG1 . ILE A 1 71  ? -7.687  4.490   -4.165  1.00 33.60  ? 71  ILE A CG1 1 
ATOM   562  C CG2 . ILE A 1 71  ? -6.463  3.225   -5.840  1.00 26.66  ? 71  ILE A CG2 1 
ATOM   563  C CD1 . ILE A 1 71  ? -6.706  5.422   -3.428  1.00 30.37  ? 71  ILE A CD1 1 
ATOM   564  N N   . LYS A 1 72  ? -8.029  0.177   -6.049  1.00 41.31  ? 72  LYS A N   1 
ATOM   565  C CA  . LYS A 1 72  ? -7.463  -1.112  -6.479  1.00 45.60  ? 72  LYS A CA  1 
ATOM   566  C C   . LYS A 1 72  ? -6.345  -0.987  -7.478  1.00 46.37  ? 72  LYS A C   1 
ATOM   567  O O   . LYS A 1 72  ? -6.070  0.063   -8.012  1.00 43.14  ? 72  LYS A O   1 
ATOM   568  C CB  . LYS A 1 72  ? -8.499  -2.147  -6.966  1.00 46.69  ? 72  LYS A CB  1 
ATOM   569  C CG  . LYS A 1 72  ? -9.586  -1.635  -7.862  1.00 53.31  ? 72  LYS A CG  1 
ATOM   570  C CD  . LYS A 1 72  ? -10.942 -2.237  -7.439  1.00 59.09  ? 72  LYS A CD  1 
ATOM   571  C CE  . LYS A 1 72  ? -11.225 -2.018  -5.931  1.00 61.92  ? 72  LYS A CE  1 
ATOM   572  N NZ  . LYS A 1 72  ? -12.563 -2.415  -5.399  1.00 59.47  ? 72  LYS A NZ  1 
ATOM   573  N N   . ASN A 1 73  ? -5.647  -2.097  -7.639  1.00 49.56  ? 73  ASN A N   1 
ATOM   574  C CA  . ASN A 1 73  ? -4.508  -2.183  -8.529  1.00 50.42  ? 73  ASN A CA  1 
ATOM   575  C C   . ASN A 1 73  ? -3.674  -0.924  -8.296  1.00 47.15  ? 73  ASN A C   1 
ATOM   576  O O   . ASN A 1 73  ? -3.612  -0.027  -9.130  1.00 45.96  ? 73  ASN A O   1 
ATOM   577  C CB  . ASN A 1 73  ? -4.979  -2.317  -9.977  1.00 53.95  ? 73  ASN A CB  1 
ATOM   578  C CG  . ASN A 1 73  ? -3.876  -2.806  -10.904 1.00 62.38  ? 73  ASN A CG  1 
ATOM   579  O OD1 . ASN A 1 73  ? -3.562  -4.002  -10.949 1.00 62.86  ? 73  ASN A OD1 1 
ATOM   580  N ND2 . ASN A 1 73  ? -3.235  -1.869  -11.610 1.00 65.45  ? 73  ASN A ND2 1 
ATOM   581  N N   . LEU A 1 74  ? -3.127  -0.831  -7.096  1.00 45.51  ? 74  LEU A N   1 
ATOM   582  C CA  . LEU A 1 74  ? -2.328  0.320   -6.672  1.00 44.30  ? 74  LEU A CA  1 
ATOM   583  C C   . LEU A 1 74  ? -1.042  0.468   -7.473  1.00 45.57  ? 74  LEU A C   1 
ATOM   584  O O   . LEU A 1 74  ? -0.339  -0.517  -7.723  1.00 46.29  ? 74  LEU A O   1 
ATOM   585  C CB  . LEU A 1 74  ? -1.952  0.112   -5.206  1.00 39.75  ? 74  LEU A CB  1 
ATOM   586  C CG  . LEU A 1 74  ? -2.368  0.891   -3.969  1.00 39.94  ? 74  LEU A CG  1 
ATOM   587  C CD1 . LEU A 1 74  ? -3.461  1.897   -4.092  1.00 36.12  ? 74  LEU A CD1 1 
ATOM   588  C CD2 . LEU A 1 74  ? -2.682  -0.163  -3.013  1.00 38.44  ? 74  LEU A CD2 1 
ATOM   589  N N   . LYS A 1 75  ? -0.729  1.720   -7.826  1.00 46.49  ? 75  LYS A N   1 
ATOM   590  C CA  . LYS A 1 75  ? 0.487   2.112   -8.540  1.00 44.22  ? 75  LYS A CA  1 
ATOM   591  C C   . LYS A 1 75  ? 1.254   2.892   -7.461  1.00 46.02  ? 75  LYS A C   1 
ATOM   592  O O   . LYS A 1 75  ? 0.617   3.370   -6.518  1.00 46.49  ? 75  LYS A O   1 
ATOM   593  C CB  . LYS A 1 75  ? 0.092   3.080   -9.619  1.00 42.12  ? 75  LYS A CB  1 
ATOM   594  C CG  . LYS A 1 75  ? -1.065  2.624   -10.410 1.00 43.23  ? 75  LYS A CG  1 
ATOM   595  C CD  . LYS A 1 75  ? -1.021  3.216   -11.820 1.00 48.66  ? 75  LYS A CD  1 
ATOM   596  C CE  . LYS A 1 75  ? -2.167  2.732   -12.759 1.00 47.93  ? 75  LYS A CE  1 
ATOM   597  N NZ  . LYS A 1 75  ? -2.166  1.275   -12.920 1.00 51.17  ? 75  LYS A NZ  1 
ATOM   598  N N   . ILE A 1 76  ? 2.580   3.052   -7.545  1.00 45.87  ? 76  ILE A N   1 
ATOM   599  C CA  . ILE A 1 76  ? 3.233   3.826   -6.478  1.00 48.03  ? 76  ILE A CA  1 
ATOM   600  C C   . ILE A 1 76  ? 2.903   5.299   -6.678  1.00 46.26  ? 76  ILE A C   1 
ATOM   601  O O   . ILE A 1 76  ? 2.932   6.084   -5.748  1.00 45.71  ? 76  ILE A O   1 
ATOM   602  C CB  . ILE A 1 76  ? 4.806   3.583   -6.267  1.00 50.55  ? 76  ILE A CB  1 
ATOM   603  C CG1 . ILE A 1 76  ? 5.627   4.124   -7.414  1.00 50.63  ? 76  ILE A CG1 1 
ATOM   604  C CG2 . ILE A 1 76  ? 5.143   2.082   -6.110  1.00 50.51  ? 76  ILE A CG2 1 
ATOM   605  C CD1 . ILE A 1 76  ? 6.893   4.768   -6.918  1.00 53.64  ? 76  ILE A CD1 1 
ATOM   606  N N   . GLU A 1 77  ? 2.472   5.672   -7.876  1.00 43.79  ? 77  GLU A N   1 
ATOM   607  C CA  . GLU A 1 77  ? 2.113   7.073   -8.076  1.00 46.09  ? 77  GLU A CA  1 
ATOM   608  C C   . GLU A 1 77  ? 0.843   7.463   -7.296  1.00 44.94  ? 77  GLU A C   1 
ATOM   609  O O   . GLU A 1 77  ? 0.448   8.635   -7.301  1.00 43.91  ? 77  GLU A O   1 
ATOM   610  C CB  . GLU A 1 77  ? 1.897   7.412   -9.562  1.00 49.65  ? 77  GLU A CB  1 
ATOM   611  C CG  . GLU A 1 77  ? 2.956   6.880   -10.565 1.00 54.34  ? 77  GLU A CG  1 
ATOM   612  C CD  . GLU A 1 77  ? 2.701   5.435   -10.979 1.00 56.22  ? 77  GLU A CD  1 
ATOM   613  O OE1 . GLU A 1 77  ? 1.892   5.232   -11.937 1.00 55.22  ? 77  GLU A OE1 1 
ATOM   614  O OE2 . GLU A 1 77  ? 3.285   4.531   -10.319 1.00 53.97  ? 77  GLU A OE2 1 
ATOM   615  N N   . ASP A 1 78  ? 0.154   6.450   -6.736  1.00 45.71  ? 78  ASP A N   1 
ATOM   616  C CA  . ASP A 1 78  ? -1.084  6.630   -5.949  1.00 45.51  ? 78  ASP A CA  1 
ATOM   617  C C   . ASP A 1 78  ? -0.828  7.185   -4.558  1.00 42.23  ? 78  ASP A C   1 
ATOM   618  O O   . ASP A 1 78  ? -1.753  7.474   -3.843  1.00 38.72  ? 78  ASP A O   1 
ATOM   619  C CB  . ASP A 1 78  ? -1.827  5.299   -5.789  1.00 46.09  ? 78  ASP A CB  1 
ATOM   620  C CG  . ASP A 1 78  ? -2.382  4.762   -7.094  1.00 48.27  ? 78  ASP A CG  1 
ATOM   621  O OD1 . ASP A 1 78  ? -2.515  5.494   -8.082  1.00 45.95  ? 78  ASP A OD1 1 
ATOM   622  O OD2 . ASP A 1 78  ? -2.762  3.583   -7.128  1.00 51.61  ? 78  ASP A OD2 1 
ATOM   623  N N   . SER A 1 79  ? 0.424   7.153   -4.132  1.00 43.45  ? 79  SER A N   1 
ATOM   624  C CA  . SER A 1 79  ? 0.836   7.705   -2.856  1.00 45.46  ? 79  SER A CA  1 
ATOM   625  C C   . SER A 1 79  ? 0.635   9.208   -2.962  1.00 46.83  ? 79  SER A C   1 
ATOM   626  O O   . SER A 1 79  ? 1.017   9.863   -3.941  1.00 47.26  ? 79  SER A O   1 
ATOM   627  C CB  . SER A 1 79  ? 2.292   7.392   -2.571  1.00 44.76  ? 79  SER A CB  1 
ATOM   628  O OG  . SER A 1 79  ? 2.490   5.992   -2.583  1.00 49.12  ? 79  SER A OG  1 
ATOM   629  N N   . ASP A 1 80  ? 0.005   9.740   -1.941  1.00 47.18  ? 80  ASP A N   1 
ATOM   630  C CA  . ASP A 1 80  ? -0.361  11.127  -1.883  1.00 46.63  ? 80  ASP A CA  1 
ATOM   631  C C   . ASP A 1 80  ? -1.066  11.200  -0.550  1.00 45.98  ? 80  ASP A C   1 
ATOM   632  O O   . ASP A 1 80  ? -1.160  10.226  0.166   1.00 46.06  ? 80  ASP A O   1 
ATOM   633  C CB  . ASP A 1 80  ? -1.390  11.396  -2.981  1.00 51.63  ? 80  ASP A CB  1 
ATOM   634  C CG  . ASP A 1 80  ? -1.533  12.848  -3.318  1.00 55.19  ? 80  ASP A CG  1 
ATOM   635  O OD1 . ASP A 1 80  ? -0.659  13.638  -2.903  1.00 54.76  ? 80  ASP A OD1 1 
ATOM   636  O OD2 . ASP A 1 80  ? -2.503  13.181  -4.038  1.00 59.37  ? 80  ASP A OD2 1 
ATOM   637  N N   . THR A 1 81  ? -1.485  12.377  -0.178  1.00 44.20  ? 81  THR A N   1 
ATOM   638  C CA  . THR A 1 81  ? -2.207  12.548  1.049   1.00 43.70  ? 81  THR A CA  1 
ATOM   639  C C   . THR A 1 81  ? -3.581  12.809  0.453   1.00 44.99  ? 81  THR A C   1 
ATOM   640  O O   . THR A 1 81  ? -3.746  13.594  -0.495  1.00 46.07  ? 81  THR A O   1 
ATOM   641  C CB  . THR A 1 81  ? -1.720  13.799  1.840   1.00 40.88  ? 81  THR A CB  1 
ATOM   642  O OG1 . THR A 1 81  ? -0.368  13.632  2.248   1.00 42.57  ? 81  THR A OG1 1 
ATOM   643  C CG2 . THR A 1 81  ? -2.483  13.978  3.083   1.00 39.73  ? 81  THR A CG2 1 
ATOM   644  N N   . TYR A 1 82  ? -4.526  12.004  0.885   1.00 42.58  ? 82  TYR A N   1 
ATOM   645  C CA  . TYR A 1 82  ? -5.908  12.100  0.457   1.00 39.52  ? 82  TYR A CA  1 
ATOM   646  C C   . TYR A 1 82  ? -6.725  12.763  1.594   1.00 39.42  ? 82  TYR A C   1 
ATOM   647  O O   . TYR A 1 82  ? -6.470  12.554  2.805   1.00 38.05  ? 82  TYR A O   1 
ATOM   648  C CB  . TYR A 1 82  ? -6.425  10.698  0.104   1.00 35.80  ? 82  TYR A CB  1 
ATOM   649  C CG  . TYR A 1 82  ? -5.787  10.135  -1.141  1.00 34.11  ? 82  TYR A CG  1 
ATOM   650  C CD1 . TYR A 1 82  ? -6.321  10.397  -2.385  1.00 35.47  ? 82  TYR A CD1 1 
ATOM   651  C CD2 . TYR A 1 82  ? -4.643  9.347   -1.088  1.00 34.34  ? 82  TYR A CD2 1 
ATOM   652  C CE1 . TYR A 1 82  ? -5.741  9.886   -3.526  1.00 33.53  ? 82  TYR A CE1 1 
ATOM   653  C CE2 . TYR A 1 82  ? -4.063  8.835   -2.230  1.00 33.34  ? 82  TYR A CE2 1 
ATOM   654  C CZ  . TYR A 1 82  ? -4.622  9.121   -3.440  1.00 34.79  ? 82  TYR A CZ  1 
ATOM   655  O OH  . TYR A 1 82  ? -4.061  8.664   -4.615  1.00 39.59  ? 82  TYR A OH  1 
ATOM   656  N N   . ILE A 1 83  ? -7.795  13.421  1.196   1.00 37.79  ? 83  ILE A N   1 
ATOM   657  C CA  . ILE A 1 83  ? -8.586  14.175  2.114   1.00 37.01  ? 83  ILE A CA  1 
ATOM   658  C C   . ILE A 1 83  ? -10.034 13.797  2.049   1.00 35.23  ? 83  ILE A C   1 
ATOM   659  O O   . ILE A 1 83  ? -10.589 13.663  0.989   1.00 36.52  ? 83  ILE A O   1 
ATOM   660  C CB  . ILE A 1 83  ? -8.413  15.656  1.740   1.00 38.28  ? 83  ILE A CB  1 
ATOM   661  C CG1 . ILE A 1 83  ? -6.980  16.101  1.968   1.00 37.78  ? 83  ILE A CG1 1 
ATOM   662  C CG2 . ILE A 1 83  ? -9.412  16.477  2.425   1.00 40.38  ? 83  ILE A CG2 1 
ATOM   663  C CD1 . ILE A 1 83  ? -6.641  17.262  1.135   1.00 42.52  ? 83  ILE A CD1 1 
ATOM   664  N N   . CYS A 1 84  ? -10.631 13.543  3.195   1.00 32.42  ? 84  CYS A N   1 
ATOM   665  C CA  . CYS A 1 84  ? -12.024 13.205  3.251   1.00 34.60  ? 84  CYS A CA  1 
ATOM   666  C C   . CYS A 1 84  ? -12.667 14.310  4.010   1.00 33.97  ? 84  CYS A C   1 
ATOM   667  O O   . CYS A 1 84  ? -12.132 14.803  4.987   1.00 34.74  ? 84  CYS A O   1 
ATOM   668  C CB  . CYS A 1 84  ? -12.255 11.887  4.029   1.00 37.00  ? 84  CYS A CB  1 
ATOM   669  S SG  . CYS A 1 84  ? -13.996 11.463  4.438   1.00 28.78  ? 84  CYS A SG  1 
ATOM   670  N N   . GLU A 1 85  ? -13.789 14.766  3.507   1.00 34.75  ? 85  GLU A N   1 
ATOM   671  C CA  . GLU A 1 85  ? -14.540 15.768  4.190   1.00 36.39  ? 85  GLU A CA  1 
ATOM   672  C C   . GLU A 1 85  ? -15.970 15.267  4.295   1.00 37.79  ? 85  GLU A C   1 
ATOM   673  O O   . GLU A 1 85  ? -16.531 14.792  3.306   1.00 32.04  ? 85  GLU A O   1 
ATOM   674  C CB  . GLU A 1 85  ? -14.548 17.042  3.394   1.00 40.24  ? 85  GLU A CB  1 
ATOM   675  C CG  . GLU A 1 85  ? -13.347 17.837  3.547   1.00 45.14  ? 85  GLU A CG  1 
ATOM   676  C CD  . GLU A 1 85  ? -13.558 19.244  3.035   1.00 49.55  ? 85  GLU A CD  1 
ATOM   677  O OE1 . GLU A 1 85  ? -14.634 19.810  3.335   1.00 48.61  ? 85  GLU A OE1 1 
ATOM   678  O OE2 . GLU A 1 85  ? -12.645 19.769  2.353   1.00 53.50  ? 85  GLU A OE2 1 
ATOM   679  N N   . VAL A 1 86  ? -16.529 15.330  5.500   1.00 40.71  ? 86  VAL A N   1 
ATOM   680  C CA  . VAL A 1 86  ? -17.895 14.916  5.750   1.00 46.26  ? 86  VAL A CA  1 
ATOM   681  C C   . VAL A 1 86  ? -18.475 16.148  6.390   1.00 50.73  ? 86  VAL A C   1 
ATOM   682  O O   . VAL A 1 86  ? -17.945 16.610  7.394   1.00 49.37  ? 86  VAL A O   1 
ATOM   683  C CB  . VAL A 1 86  ? -17.952 13.725  6.698   1.00 45.74  ? 86  VAL A CB  1 
ATOM   684  C CG1 . VAL A 1 86  ? -19.356 13.171  6.705   1.00 48.18  ? 86  VAL A CG1 1 
ATOM   685  C CG2 . VAL A 1 86  ? -16.955 12.643  6.244   1.00 45.90  ? 86  VAL A CG2 1 
ATOM   686  N N   . GLU A 1 87  ? -19.541 16.693  5.802   1.00 56.11  ? 87  GLU A N   1 
ATOM   687  C CA  . GLU A 1 87  ? -20.147 17.943  6.292   1.00 62.06  ? 87  GLU A CA  1 
ATOM   688  C C   . GLU A 1 87  ? -18.976 18.886  6.507   1.00 64.13  ? 87  GLU A C   1 
ATOM   689  O O   . GLU A 1 87  ? -18.207 19.121  5.583   1.00 65.14  ? 87  GLU A O   1 
ATOM   690  C CB  . GLU A 1 87  ? -20.894 17.782  7.627   1.00 64.75  ? 87  GLU A CB  1 
ATOM   691  C CG  . GLU A 1 87  ? -22.277 17.162  7.579   1.00 69.49  ? 87  GLU A CG  1 
ATOM   692  C CD  . GLU A 1 87  ? -23.386 18.110  7.134   1.00 72.14  ? 87  GLU A CD  1 
ATOM   693  O OE1 . GLU A 1 87  ? -23.938 18.847  7.986   1.00 73.84  ? 87  GLU A OE1 1 
ATOM   694  O OE2 . GLU A 1 87  ? -23.745 18.091  5.943   1.00 71.83  ? 87  GLU A OE2 1 
ATOM   695  N N   . ASP A 1 88  ? -18.771 19.306  7.758   1.00 66.05  ? 88  ASP A N   1 
ATOM   696  C CA  . ASP A 1 88  ? -17.683 20.214  8.116   1.00 68.22  ? 88  ASP A CA  1 
ATOM   697  C C   . ASP A 1 88  ? -16.437 19.521  8.648   1.00 66.31  ? 88  ASP A C   1 
ATOM   698  O O   . ASP A 1 88  ? -15.370 20.136  8.743   1.00 68.52  ? 88  ASP A O   1 
ATOM   699  C CB  . ASP A 1 88  ? -18.148 21.291  9.123   1.00 72.97  ? 88  ASP A CB  1 
ATOM   700  C CG  . ASP A 1 88  ? -18.601 20.719  10.463  1.00 76.64  ? 88  ASP A CG  1 
ATOM   701  O OD1 . ASP A 1 88  ? -18.805 19.485  10.565  1.00 79.53  ? 88  ASP A OD1 1 
ATOM   702  O OD2 . ASP A 1 88  ? -18.766 21.523  11.416  1.00 75.74  ? 88  ASP A OD2 1 
ATOM   703  N N   . GLN A 1 89  ? -16.586 18.274  9.079   1.00 60.50  ? 89  GLN A N   1 
ATOM   704  C CA  . GLN A 1 89  ? -15.456 17.533  9.582   1.00 56.35  ? 89  GLN A CA  1 
ATOM   705  C C   . GLN A 1 89  ? -14.538 17.221  8.387   1.00 53.77  ? 89  GLN A C   1 
ATOM   706  O O   . GLN A 1 89  ? -15.037 16.874  7.289   1.00 53.04  ? 89  GLN A O   1 
ATOM   707  C CB  . GLN A 1 89  ? -15.913 16.227  10.284  1.00 56.08  ? 89  GLN A CB  1 
ATOM   708  C CG  . GLN A 1 89  ? -14.754 15.262  10.561  1.00 57.83  ? 89  GLN A CG  1 
ATOM   709  C CD  . GLN A 1 89  ? -15.128 13.976  11.243  1.00 59.52  ? 89  GLN A CD  1 
ATOM   710  O OE1 . GLN A 1 89  ? -16.177 13.865  11.872  1.00 61.48  ? 89  GLN A OE1 1 
ATOM   711  N NE2 . GLN A 1 89  ? -14.234 12.996  11.160  1.00 61.67  ? 89  GLN A NE2 1 
ATOM   712  N N   . LYS A 1 90  ? -13.224 17.444  8.564   1.00 48.65  ? 90  LYS A N   1 
ATOM   713  C CA  . LYS A 1 90  ? -12.245 17.132  7.547   1.00 46.32  ? 90  LYS A CA  1 
ATOM   714  C C   . LYS A 1 90  ? -11.214 16.204  8.170   1.00 44.81  ? 90  LYS A C   1 
ATOM   715  O O   . LYS A 1 90  ? -10.951 16.301  9.355   1.00 41.58  ? 90  LYS A O   1 
ATOM   716  C CB  . LYS A 1 90  ? -11.583 18.374  7.007   1.00 46.09  ? 90  LYS A CB  1 
ATOM   717  C CG  . LYS A 1 90  ? -10.429 18.042  6.064   1.00 48.80  ? 90  LYS A CG  1 
ATOM   718  C CD  . LYS A 1 90  ? -9.856  19.278  5.495   1.00 54.71  ? 90  LYS A CD  1 
ATOM   719  C CE  . LYS A 1 90  ? -8.577  19.025  4.773   1.00 59.37  ? 90  LYS A CE  1 
ATOM   720  N NZ  . LYS A 1 90  ? -7.599  18.430  5.733   1.00 63.00  ? 90  LYS A NZ  1 
ATOM   721  N N   . GLU A 1 91  ? -10.598 15.364  7.341   1.00 46.88  ? 91  GLU A N   1 
ATOM   722  C CA  . GLU A 1 91  ? -9.613  14.360  7.757   1.00 49.26  ? 91  GLU A CA  1 
ATOM   723  C C   . GLU A 1 91  ? -8.590  14.086  6.652   1.00 48.69  ? 91  GLU A C   1 
ATOM   724  O O   . GLU A 1 91  ? -8.939  14.118  5.478   1.00 50.51  ? 91  GLU A O   1 
ATOM   725  C CB  . GLU A 1 91  ? -10.395 13.064  8.004   1.00 54.60  ? 91  GLU A CB  1 
ATOM   726  C CG  . GLU A 1 91  ? -9.718  11.837  8.646   1.00 60.95  ? 91  GLU A CG  1 
ATOM   727  C CD  . GLU A 1 91  ? -10.657 10.617  8.656   1.00 62.91  ? 91  GLU A CD  1 
ATOM   728  O OE1 . GLU A 1 91  ? -11.881 10.853  8.821   1.00 63.34  ? 91  GLU A OE1 1 
ATOM   729  O OE2 . GLU A 1 91  ? -10.163 9.458   8.499   1.00 60.87  ? 91  GLU A OE2 1 
ATOM   730  N N   . GLU A 1 92  ? -7.353  13.780  7.034   1.00 47.56  ? 92  GLU A N   1 
ATOM   731  C CA  . GLU A 1 92  ? -6.300  13.458  6.075   1.00 46.74  ? 92  GLU A CA  1 
ATOM   732  C C   . GLU A 1 92  ? -5.707  12.082  6.267   1.00 43.12  ? 92  GLU A C   1 
ATOM   733  O O   . GLU A 1 92  ? -5.590  11.630  7.363   1.00 40.84  ? 92  GLU A O   1 
ATOM   734  C CB  . GLU A 1 92  ? -5.169  14.451  6.188   1.00 47.09  ? 92  GLU A CB  1 
ATOM   735  C CG  . GLU A 1 92  ? -5.636  15.878  6.094   1.00 52.48  ? 92  GLU A CG  1 
ATOM   736  C CD  . GLU A 1 92  ? -4.514  16.855  6.294   1.00 55.39  ? 92  GLU A CD  1 
ATOM   737  O OE1 . GLU A 1 92  ? -3.354  16.511  5.979   1.00 54.49  ? 92  GLU A OE1 1 
ATOM   738  O OE2 . GLU A 1 92  ? -4.802  17.958  6.801   1.00 58.84  ? 92  GLU A OE2 1 
ATOM   739  N N   . VAL A 1 93  ? -5.361  11.422  5.178   1.00 42.90  ? 93  VAL A N   1 
ATOM   740  C CA  . VAL A 1 93  ? -4.752  10.117  5.234   1.00 41.80  ? 93  VAL A CA  1 
ATOM   741  C C   . VAL A 1 93  ? -3.658  10.068  4.188   1.00 41.13  ? 93  VAL A C   1 
ATOM   742  O O   . VAL A 1 93  ? -3.942  10.225  3.030   1.00 40.19  ? 93  VAL A O   1 
ATOM   743  C CB  . VAL A 1 93  ? -5.750  8.960   4.921   1.00 41.89  ? 93  VAL A CB  1 
ATOM   744  C CG1 . VAL A 1 93  ? -4.988  7.584   5.046   1.00 39.55  ? 93  VAL A CG1 1 
ATOM   745  C CG2 . VAL A 1 93  ? -7.004  9.022   5.854   1.00 38.67  ? 93  VAL A CG2 1 
ATOM   746  N N   . GLN A 1 94  ? -2.408  9.912   4.604   1.00 41.55  ? 94  GLN A N   1 
ATOM   747  C CA  . GLN A 1 94  ? -1.303  9.791   3.666   1.00 44.57  ? 94  GLN A CA  1 
ATOM   748  C C   . GLN A 1 94  ? -1.171  8.275   3.340   1.00 44.35  ? 94  GLN A C   1 
ATOM   749  O O   . GLN A 1 94  ? -1.119  7.410   4.243   1.00 41.15  ? 94  GLN A O   1 
ATOM   750  C CB  . GLN A 1 94  ? 0.010   10.304  4.277   1.00 47.37  ? 94  GLN A CB  1 
ATOM   751  C CG  . GLN A 1 94  ? 1.225   10.125  3.384   1.00 51.14  ? 94  GLN A CG  1 
ATOM   752  C CD  . GLN A 1 94  ? 2.543   10.428  4.089   1.00 53.33  ? 94  GLN A CD  1 
ATOM   753  O OE1 . GLN A 1 94  ? 3.606   10.171  3.547   1.00 54.05  ? 94  GLN A OE1 1 
ATOM   754  N NE2 . GLN A 1 94  ? 2.471   10.983  5.290   1.00 54.76  ? 94  GLN A NE2 1 
ATOM   755  N N   . LEU A 1 95  ? -1.172  7.975   2.045   1.00 43.36  ? 95  LEU A N   1 
ATOM   756  C CA  . LEU A 1 95  ? -1.047  6.617   1.553   1.00 39.05  ? 95  LEU A CA  1 
ATOM   757  C C   . LEU A 1 95  ? 0.327   6.549   0.925   1.00 37.86  ? 95  LEU A C   1 
ATOM   758  O O   . LEU A 1 95  ? 0.700   7.411   0.133   1.00 35.30  ? 95  LEU A O   1 
ATOM   759  C CB  . LEU A 1 95  ? -2.114  6.321   0.474   1.00 38.52  ? 95  LEU A CB  1 
ATOM   760  C CG  . LEU A 1 95  ? -2.577  4.912   -0.017  1.00 38.53  ? 95  LEU A CG  1 
ATOM   761  C CD1 . LEU A 1 95  ? -2.735  4.945   -1.487  1.00 33.28  ? 95  LEU A CD1 1 
ATOM   762  C CD2 . LEU A 1 95  ? -1.652  3.775   0.342   1.00 34.49  ? 95  LEU A CD2 1 
ATOM   763  N N   . LEU A 1 96  ? 1.092   5.552   1.354   1.00 37.04  ? 96  LEU A N   1 
ATOM   764  C CA  . LEU A 1 96  ? 2.421   5.261   0.858   1.00 39.25  ? 96  LEU A CA  1 
ATOM   765  C C   . LEU A 1 96  ? 2.301   3.875   0.289   1.00 41.24  ? 96  LEU A C   1 
ATOM   766  O O   . LEU A 1 96  ? 1.924   2.960   0.995   1.00 39.78  ? 96  LEU A O   1 
ATOM   767  C CB  . LEU A 1 96  ? 3.472   5.229   1.961   1.00 41.13  ? 96  LEU A CB  1 
ATOM   768  C CG  . LEU A 1 96  ? 4.117   6.511   2.518   1.00 45.06  ? 96  LEU A CG  1 
ATOM   769  C CD1 . LEU A 1 96  ? 4.047   7.707   1.499   1.00 46.31  ? 96  LEU A CD1 1 
ATOM   770  C CD2 . LEU A 1 96  ? 3.467   6.883   3.862   1.00 45.74  ? 96  LEU A CD2 1 
ATOM   771  N N   . VAL A 1 97  ? 2.524   3.750   -1.002  1.00 41.15  ? 97  VAL A N   1 
ATOM   772  C CA  . VAL A 1 97  ? 2.425   2.483   -1.670  1.00 43.44  ? 97  VAL A CA  1 
ATOM   773  C C   . VAL A 1 97  ? 3.847   2.013   -1.914  1.00 45.71  ? 97  VAL A C   1 
ATOM   774  O O   . VAL A 1 97  ? 4.679   2.790   -2.340  1.00 46.51  ? 97  VAL A O   1 
ATOM   775  C CB  . VAL A 1 97  ? 1.706   2.642   -2.999  1.00 42.13  ? 97  VAL A CB  1 
ATOM   776  C CG1 . VAL A 1 97  ? 1.652   1.310   -3.714  1.00 43.23  ? 97  VAL A CG1 1 
ATOM   777  C CG2 . VAL A 1 97  ? 0.338   3.225   -2.777  1.00 39.89  ? 97  VAL A CG2 1 
ATOM   778  N N   . PHE A 1 98  ? 4.143   0.762   -1.615  1.00 47.34  ? 98  PHE A N   1 
ATOM   779  C CA  . PHE A 1 98  ? 5.469   0.218   -1.814  1.00 50.55  ? 98  PHE A CA  1 
ATOM   780  C C   . PHE A 1 98  ? 5.423   -1.053  -2.624  1.00 54.51  ? 98  PHE A C   1 
ATOM   781  O O   . PHE A 1 98  ? 4.415   -1.723  -2.705  1.00 54.46  ? 98  PHE A O   1 
ATOM   782  C CB  . PHE A 1 98  ? 6.138   -0.096  -0.476  1.00 51.22  ? 98  PHE A CB  1 
ATOM   783  C CG  . PHE A 1 98  ? 6.469   1.112   0.351   1.00 51.28  ? 98  PHE A CG  1 
ATOM   784  C CD1 . PHE A 1 98  ? 7.297   2.109   -0.151  1.00 51.33  ? 98  PHE A CD1 1 
ATOM   785  C CD2 . PHE A 1 98  ? 5.949   1.263   1.631   1.00 50.52  ? 98  PHE A CD2 1 
ATOM   786  C CE1 . PHE A 1 98  ? 7.624   3.216   0.624   1.00 51.85  ? 98  PHE A CE1 1 
ATOM   787  C CE2 . PHE A 1 98  ? 6.269   2.347   2.397   1.00 49.98  ? 98  PHE A CE2 1 
ATOM   788  C CZ  . PHE A 1 98  ? 7.088   3.333   1.901   1.00 50.94  ? 98  PHE A CZ  1 
ATOM   789  N N   . GLY A 1 99  ? 6.540   -1.383  -3.229  1.00 59.46  ? 99  GLY A N   1 
ATOM   790  C CA  . GLY A 1 99  ? 6.648   -2.621  -3.971  1.00 62.33  ? 99  GLY A CA  1 
ATOM   791  C C   . GLY A 1 99  ? 7.934   -3.326  -3.525  1.00 65.49  ? 99  GLY A C   1 
ATOM   792  O O   . GLY A 1 99  ? 8.918   -2.675  -3.114  1.00 65.07  ? 99  GLY A O   1 
ATOM   793  N N   . LEU A 1 100 ? 7.935   -4.651  -3.577  1.00 67.03  ? 100 LEU A N   1 
ATOM   794  C CA  . LEU A 1 100 ? 9.115   -5.412  -3.202  1.00 69.86  ? 100 LEU A CA  1 
ATOM   795  C C   . LEU A 1 100 ? 9.274   -6.555  -4.200  1.00 72.87  ? 100 LEU A C   1 
ATOM   796  O O   . LEU A 1 100 ? 8.629   -7.616  -4.105  1.00 70.83  ? 100 LEU A O   1 
ATOM   797  C CB  . LEU A 1 100 ? 8.988   -5.924  -1.782  1.00 70.63  ? 100 LEU A CB  1 
ATOM   798  C CG  . LEU A 1 100 ? 10.181  -5.625  -0.877  1.00 72.05  ? 100 LEU A CG  1 
ATOM   799  C CD1 . LEU A 1 100 ? 9.706   -5.073  0.464   1.00 72.57  ? 100 LEU A CD1 1 
ATOM   800  C CD2 . LEU A 1 100 ? 11.007  -6.876  -0.682  1.00 71.42  ? 100 LEU A CD2 1 
ATOM   801  N N   . THR A 1 101 ? 10.114  -6.282  -5.189  1.00 75.29  ? 101 THR A N   1 
ATOM   802  C CA  . THR A 1 101 ? 10.403  -7.188  -6.297  1.00 77.81  ? 101 THR A CA  1 
ATOM   803  C C   . THR A 1 101 ? 11.763  -7.890  -6.245  1.00 77.71  ? 101 THR A C   1 
ATOM   804  O O   . THR A 1 101 ? 12.605  -7.594  -5.407  1.00 77.39  ? 101 THR A O   1 
ATOM   805  C CB  . THR A 1 101 ? 10.280  -6.410  -7.624  1.00 78.64  ? 101 THR A CB  1 
ATOM   806  O OG1 . THR A 1 101 ? 10.855  -5.105  -7.461  1.00 80.21  ? 101 THR A OG1 1 
ATOM   807  C CG2 . THR A 1 101 ? 8.815   -6.234  -7.992  1.00 79.53  ? 101 THR A CG2 1 
ATOM   808  N N   . ALA A 1 102 ? 11.953  -8.836  -7.156  1.00 79.56  ? 102 ALA A N   1 
ATOM   809  C CA  . ALA A 1 102 ? 13.185  -9.604  -7.252  1.00 80.95  ? 102 ALA A CA  1 
ATOM   810  C C   . ALA A 1 102 ? 13.398  -9.932  -8.703  1.00 84.07  ? 102 ALA A C   1 
ATOM   811  O O   . ALA A 1 102 ? 12.581  -10.602 -9.315  1.00 84.33  ? 102 ALA A O   1 
ATOM   812  C CB  . ALA A 1 102 ? 13.085  -10.864 -6.476  1.00 78.43  ? 102 ALA A CB  1 
ATOM   813  N N   . ASN A 1 103 ? 14.482  -9.410  -9.261  1.00 88.56  ? 103 ASN A N   1 
ATOM   814  C CA  . ASN A 1 103 ? 14.828  -9.653  -10.652 1.00 93.31  ? 103 ASN A CA  1 
ATOM   815  C C   . ASN A 1 103 ? 15.731  -10.882 -10.750 1.00 97.55  ? 103 ASN A C   1 
ATOM   816  O O   . ASN A 1 103 ? 15.879  -11.471 -11.820 1.00 97.75  ? 103 ASN A O   1 
ATOM   817  C CB  . ASN A 1 103 ? 15.551  -8.438  -11.224 1.00 91.73  ? 103 ASN A CB  1 
ATOM   818  C CG  . ASN A 1 103 ? 16.743  -8.049  -10.407 1.00 90.22  ? 103 ASN A CG  1 
ATOM   819  O OD1 . ASN A 1 103 ? 17.389  -8.889  -9.792  1.00 87.95  ? 103 ASN A OD1 1 
ATOM   820  N ND2 . ASN A 1 103 ? 17.028  -6.763  -10.370 1.00 91.32  ? 103 ASN A ND2 1 
ATOM   821  N N   . SER A 1 104 ? 16.297  -11.281 -9.613  1.00 101.76 ? 104 SER A N   1 
ATOM   822  C CA  . SER A 1 104 ? 17.203  -12.421 -9.541  1.00 106.23 ? 104 SER A CA  1 
ATOM   823  C C   . SER A 1 104 ? 16.604  -13.808 -9.817  1.00 109.29 ? 104 SER A C   1 
ATOM   824  O O   . SER A 1 104 ? 16.562  -14.644 -8.926  1.00 109.50 ? 104 SER A O   1 
ATOM   825  C CB  . SER A 1 104 ? 17.933  -12.416 -8.194  1.00 106.15 ? 104 SER A CB  1 
ATOM   826  O OG  . SER A 1 104 ? 18.666  -11.220 -8.015  1.00 105.27 ? 104 SER A OG  1 
ATOM   827  N N   . ASP A 1 105 ? 16.151  -14.020 -11.050 1.00 111.03 ? 105 ASP A N   1 
ATOM   828  C CA  . ASP A 1 105 ? 15.581  -15.269 -11.567 1.00 112.63 ? 105 ASP A CA  1 
ATOM   829  C C   . ASP A 1 105 ? 14.500  -16.013 -10.786 1.00 111.48 ? 105 ASP A C   1 
ATOM   830  O O   . ASP A 1 105 ? 13.737  -16.765 -11.389 1.00 111.55 ? 105 ASP A O   1 
ATOM   831  C CB  . ASP A 1 105 ? 16.716  -16.244 -11.920 1.00 115.55 ? 105 ASP A CB  1 
ATOM   832  C CG  . ASP A 1 105 ? 16.328  -17.249 -13.019 1.00 119.58 ? 105 ASP A CG  1 
ATOM   833  O OD1 . ASP A 1 105 ? 16.479  -16.932 -14.221 1.00 120.93 ? 105 ASP A OD1 1 
ATOM   834  O OD2 . ASP A 1 105 ? 15.900  -18.374 -12.690 1.00 120.80 ? 105 ASP A OD2 1 
ATOM   835  N N   . THR A 1 106 ? 14.446  -15.819 -9.474  1.00 107.93 ? 106 THR A N   1 
ATOM   836  C CA  . THR A 1 106 ? 13.508  -16.481 -8.557  1.00 105.31 ? 106 THR A CA  1 
ATOM   837  C C   . THR A 1 106 ? 13.770  -17.981 -8.417  1.00 103.35 ? 106 THR A C   1 
ATOM   838  O O   . THR A 1 106 ? 13.249  -18.632 -7.503  1.00 104.03 ? 106 THR A O   1 
ATOM   839  C CB  . THR A 1 106 ? 12.004  -16.229 -8.891  1.00 105.32 ? 106 THR A CB  1 
ATOM   840  O OG1 . THR A 1 106 ? 11.658  -16.753 -10.182 1.00 103.82 ? 106 THR A OG1 1 
ATOM   841  C CG2 . THR A 1 106 ? 11.712  -14.748 -8.858  1.00 105.60 ? 106 THR A CG2 1 
ATOM   842  N N   . HIS A 1 107 ? 14.551  -18.523 -9.306  1.00 101.42 ? 107 HIS A N   1 
ATOM   843  C CA  . HIS A 1 107 ? 14.862  -19.943 -9.259  1.00 99.43  ? 107 HIS A CA  1 
ATOM   844  C C   . HIS A 1 107 ? 16.346  -19.867 -9.535  1.00 97.08  ? 107 HIS A C   1 
ATOM   845  O O   . HIS A 1 107 ? 16.756  -19.655 -10.677 1.00 96.74  ? 107 HIS A O   1 
ATOM   846  C CB  . HIS A 1 107 ? 14.063  -20.646 -10.357 1.00 100.51 ? 107 HIS A CB  1 
ATOM   847  C CG  . HIS A 1 107 ? 12.717  -19.999 -10.650 1.00 102.09 ? 107 HIS A CG  1 
ATOM   848  N ND1 . HIS A 1 107 ? 11.707  -19.938 -9.694  1.00 101.86 ? 107 HIS A ND1 1 
ATOM   849  C CD2 . HIS A 1 107 ? 12.272  -19.348 -11.721 1.00 101.28 ? 107 HIS A CD2 1 
ATOM   850  C CE1 . HIS A 1 107 ? 10.703  -19.268 -10.202 1.00 101.42 ? 107 HIS A CE1 1 
ATOM   851  N NE2 . HIS A 1 107 ? 10.991  -18.889 -11.423 1.00 100.77 ? 107 HIS A NE2 1 
ATOM   852  N N   . LEU A 1 108 ? 17.133  -19.888 -8.461  1.00 92.25  ? 108 LEU A N   1 
ATOM   853  C CA  . LEU A 1 108 ? 18.581  -19.725 -8.555  1.00 87.82  ? 108 LEU A CA  1 
ATOM   854  C C   . LEU A 1 108 ? 19.458  -20.915 -8.245  1.00 86.81  ? 108 LEU A C   1 
ATOM   855  O O   . LEU A 1 108 ? 19.071  -21.798 -7.514  1.00 84.54  ? 108 LEU A O   1 
ATOM   856  C CB  . LEU A 1 108 ? 19.030  -18.559 -7.666  1.00 85.27  ? 108 LEU A CB  1 
ATOM   857  C CG  . LEU A 1 108 ? 18.369  -17.197 -7.877  1.00 82.13  ? 108 LEU A CG  1 
ATOM   858  C CD1 . LEU A 1 108 ? 17.551  -16.832 -6.644  1.00 79.48  ? 108 LEU A CD1 1 
ATOM   859  C CD2 . LEU A 1 108 ? 19.439  -16.144 -8.218  1.00 81.00  ? 108 LEU A CD2 1 
ATOM   860  N N   . LEU A 1 109 ? 20.673  -20.900 -8.784  1.00 87.64  ? 109 LEU A N   1 
ATOM   861  C CA  . LEU A 1 109 ? 21.655  -21.965 -8.566  1.00 87.24  ? 109 LEU A CA  1 
ATOM   862  C C   . LEU A 1 109 ? 22.471  -21.679 -7.318  1.00 86.15  ? 109 LEU A C   1 
ATOM   863  O O   . LEU A 1 109 ? 22.798  -20.525 -7.039  1.00 86.78  ? 109 LEU A O   1 
ATOM   864  C CB  . LEU A 1 109 ? 22.584  -22.099 -9.791  1.00 88.42  ? 109 LEU A CB  1 
ATOM   865  C CG  . LEU A 1 109 ? 21.959  -22.559 -11.126 1.00 89.24  ? 109 LEU A CG  1 
ATOM   866  C CD1 . LEU A 1 109 ? 22.968  -22.348 -12.216 1.00 90.04  ? 109 LEU A CD1 1 
ATOM   867  C CD2 . LEU A 1 109 ? 21.541  -24.040 -11.086 1.00 88.25  ? 109 LEU A CD2 1 
ATOM   868  N N   . GLN A 1 110 ? 22.768  -22.723 -6.560  1.00 84.98  ? 110 GLN A N   1 
ATOM   869  C CA  . GLN A 1 110 ? 23.519  -22.581 -5.319  1.00 84.19  ? 110 GLN A CA  1 
ATOM   870  C C   . GLN A 1 110 ? 24.773  -21.683 -5.412  1.00 81.49  ? 110 GLN A C   1 
ATOM   871  O O   . GLN A 1 110 ? 25.502  -21.723 -6.409  1.00 80.95  ? 110 GLN A O   1 
ATOM   872  C CB  . GLN A 1 110 ? 23.857  -23.972 -4.762  1.00 86.21  ? 110 GLN A CB  1 
ATOM   873  C CG  . GLN A 1 110 ? 24.478  -24.954 -5.759  1.00 89.87  ? 110 GLN A CG  1 
ATOM   874  C CD  . GLN A 1 110 ? 25.960  -25.244 -5.487  1.00 92.04  ? 110 GLN A CD  1 
ATOM   875  O OE1 . GLN A 1 110 ? 26.540  -24.725 -4.541  1.00 93.17  ? 110 GLN A OE1 1 
ATOM   876  N NE2 . GLN A 1 110 ? 26.569  -26.078 -6.323  1.00 93.31  ? 110 GLN A NE2 1 
ATOM   877  N N   . GLY A 1 111 ? 24.975  -20.847 -4.390  1.00 77.82  ? 111 GLY A N   1 
ATOM   878  C CA  . GLY A 1 111 ? 26.109  -19.942 -4.354  1.00 75.81  ? 111 GLY A CA  1 
ATOM   879  C C   . GLY A 1 111 ? 25.853  -18.610 -5.044  1.00 74.24  ? 111 GLY A C   1 
ATOM   880  O O   . GLY A 1 111 ? 26.715  -17.726 -5.098  1.00 71.73  ? 111 GLY A O   1 
ATOM   881  N N   . GLN A 1 112 ? 24.653  -18.464 -5.581  1.00 74.40  ? 112 GLN A N   1 
ATOM   882  C CA  . GLN A 1 112 ? 24.267  -17.241 -6.283  1.00 73.26  ? 112 GLN A CA  1 
ATOM   883  C C   . GLN A 1 112 ? 23.762  -16.138 -5.396  1.00 72.86  ? 112 GLN A C   1 
ATOM   884  O O   . GLN A 1 112 ? 23.548  -16.315 -4.203  1.00 71.70  ? 112 GLN A O   1 
ATOM   885  C CB  . GLN A 1 112 ? 23.257  -17.532 -7.408  1.00 72.15  ? 112 GLN A CB  1 
ATOM   886  C CG  . GLN A 1 112 ? 23.915  -18.243 -8.566  1.00 71.71  ? 112 GLN A CG  1 
ATOM   887  C CD  . GLN A 1 112 ? 23.070  -18.343 -9.795  1.00 71.25  ? 112 GLN A CD  1 
ATOM   888  O OE1 . GLN A 1 112 ? 21.847  -18.336 -9.737  1.00 72.99  ? 112 GLN A OE1 1 
ATOM   889  N NE2 . GLN A 1 112 ? 23.723  -18.479 -10.931 1.00 69.94  ? 112 GLN A NE2 1 
ATOM   890  N N   . SER A 1 113 ? 23.592  -14.988 -6.005  1.00 73.41  ? 113 SER A N   1 
ATOM   891  C CA  . SER A 1 113 ? 23.132  -13.822 -5.303  1.00 75.57  ? 113 SER A CA  1 
ATOM   892  C C   . SER A 1 113 ? 21.739  -13.406 -5.745  1.00 75.90  ? 113 SER A C   1 
ATOM   893  O O   . SER A 1 113 ? 21.413  -13.386 -6.934  1.00 76.43  ? 113 SER A O   1 
ATOM   894  C CB  . SER A 1 113 ? 24.109  -12.677 -5.546  1.00 78.81  ? 113 SER A CB  1 
ATOM   895  O OG  . SER A 1 113 ? 25.455  -13.100 -5.354  1.00 82.16  ? 113 SER A OG  1 
ATOM   896  N N   . LEU A 1 114 ? 20.896  -13.141 -4.765  1.00 75.36  ? 114 LEU A N   1 
ATOM   897  C CA  . LEU A 1 114 ? 19.548  -12.687 -5.031  1.00 74.51  ? 114 LEU A CA  1 
ATOM   898  C C   . LEU A 1 114 ? 19.627  -11.231 -4.654  1.00 74.19  ? 114 LEU A C   1 
ATOM   899  O O   . LEU A 1 114 ? 20.457  -10.855 -3.821  1.00 74.78  ? 114 LEU A O   1 
ATOM   900  C CB  . LEU A 1 114 ? 18.546  -13.407 -4.130  1.00 73.40  ? 114 LEU A CB  1 
ATOM   901  C CG  . LEU A 1 114 ? 17.236  -12.666 -3.915  1.00 72.50  ? 114 LEU A CG  1 
ATOM   902  C CD1 . LEU A 1 114 ? 16.456  -12.511 -5.212  1.00 72.05  ? 114 LEU A CD1 1 
ATOM   903  C CD2 . LEU A 1 114 ? 16.479  -13.410 -2.894  1.00 72.68  ? 114 LEU A CD2 1 
ATOM   904  N N   . THR A 1 115 ? 18.772  -10.419 -5.253  1.00 74.51  ? 115 THR A N   1 
ATOM   905  C CA  . THR A 1 115 ? 18.746  -9.008  -4.958  1.00 73.27  ? 115 THR A CA  1 
ATOM   906  C C   . THR A 1 115 ? 17.266  -8.621  -4.966  1.00 72.33  ? 115 THR A C   1 
ATOM   907  O O   . THR A 1 115 ? 16.496  -9.079  -5.840  1.00 71.48  ? 115 THR A O   1 
ATOM   908  C CB  . THR A 1 115 ? 19.514  -8.264  -6.036  1.00 72.89  ? 115 THR A CB  1 
ATOM   909  O OG1 . THR A 1 115 ? 20.804  -8.867  -6.187  1.00 75.10  ? 115 THR A OG1 1 
ATOM   910  C CG2 . THR A 1 115 ? 19.671  -6.808  -5.682  1.00 74.08  ? 115 THR A CG2 1 
ATOM   911  N N   . LEU A 1 116 ? 16.842  -7.911  -3.921  1.00 69.62  ? 116 LEU A N   1 
ATOM   912  C CA  . LEU A 1 116 ? 15.457  -7.468  -3.814  1.00 64.85  ? 116 LEU A CA  1 
ATOM   913  C C   . LEU A 1 116 ? 15.481  -5.975  -3.980  1.00 63.68  ? 116 LEU A C   1 
ATOM   914  O O   . LEU A 1 116 ? 16.438  -5.323  -3.606  1.00 62.30  ? 116 LEU A O   1 
ATOM   915  C CB  . LEU A 1 116 ? 14.842  -7.865  -2.478  1.00 61.82  ? 116 LEU A CB  1 
ATOM   916  C CG  . LEU A 1 116 ? 15.063  -9.348  -2.184  1.00 59.77  ? 116 LEU A CG  1 
ATOM   917  C CD1 . LEU A 1 116 ? 14.493  -9.762  -0.800  1.00 58.89  ? 116 LEU A CD1 1 
ATOM   918  C CD2 . LEU A 1 116 ? 14.423  -10.145 -3.263  1.00 58.67  ? 116 LEU A CD2 1 
ATOM   919  N N   . THR A 1 117 ? 14.456  -5.453  -4.624  1.00 65.58  ? 117 THR A N   1 
ATOM   920  C CA  . THR A 1 117 ? 14.361  -4.032  -4.879  1.00 65.71  ? 117 THR A CA  1 
ATOM   921  C C   . THR A 1 117 ? 13.035  -3.499  -4.323  1.00 64.21  ? 117 THR A C   1 
ATOM   922  O O   . THR A 1 117 ? 11.958  -4.055  -4.588  1.00 64.17  ? 117 THR A O   1 
ATOM   923  C CB  . THR A 1 117 ? 14.498  -3.747  -6.402  1.00 65.58  ? 117 THR A CB  1 
ATOM   924  O OG1 . THR A 1 117 ? 15.641  -4.442  -6.913  1.00 67.78  ? 117 THR A OG1 1 
ATOM   925  C CG2 . THR A 1 117 ? 14.678  -2.276  -6.663  1.00 66.86  ? 117 THR A CG2 1 
ATOM   926  N N   . LEU A 1 118 ? 13.158  -2.539  -3.406  1.00 61.22  ? 118 LEU A N   1 
ATOM   927  C CA  . LEU A 1 118 ? 12.021  -1.894  -2.815  1.00 57.90  ? 118 LEU A CA  1 
ATOM   928  C C   . LEU A 1 118 ? 11.832  -0.700  -3.690  1.00 57.34  ? 118 LEU A C   1 
ATOM   929  O O   . LEU A 1 118 ? 12.795  -0.021  -3.996  1.00 56.02  ? 118 LEU A O   1 
ATOM   930  C CB  . LEU A 1 118 ? 12.324  -1.426  -1.404  1.00 56.76  ? 118 LEU A CB  1 
ATOM   931  C CG  . LEU A 1 118 ? 11.195  -0.713  -0.641  1.00 56.60  ? 118 LEU A CG  1 
ATOM   932  C CD1 . LEU A 1 118 ? 10.084  -1.710  -0.239  1.00 54.09  ? 118 LEU A CD1 1 
ATOM   933  C CD2 . LEU A 1 118 ? 11.784  -0.018  0.603   1.00 56.92  ? 118 LEU A CD2 1 
ATOM   934  N N   . GLU A 1 119 ? 10.613  -0.538  -4.190  1.00 57.69  ? 119 GLU A N   1 
ATOM   935  C CA  . GLU A 1 119 ? 10.231  0.567   -5.044  1.00 55.76  ? 119 GLU A CA  1 
ATOM   936  C C   . GLU A 1 119 ? 9.377   1.431   -4.125  1.00 55.67  ? 119 GLU A C   1 
ATOM   937  O O   . GLU A 1 119 ? 8.402   0.957   -3.575  1.00 52.67  ? 119 GLU A O   1 
ATOM   938  C CB  . GLU A 1 119 ? 9.406   0.022   -6.210  1.00 53.94  ? 119 GLU A CB  1 
ATOM   939  C CG  . GLU A 1 119 ? 9.196   0.995   -7.377  1.00 54.26  ? 119 GLU A CG  1 
ATOM   940  C CD  . GLU A 1 119 ? 8.164   0.486   -8.406  1.00 54.29  ? 119 GLU A CD  1 
ATOM   941  O OE1 . GLU A 1 119 ? 7.686   -0.680  -8.313  1.00 54.13  ? 119 GLU A OE1 1 
ATOM   942  O OE2 . GLU A 1 119 ? 7.816   1.261   -9.319  1.00 55.12  ? 119 GLU A OE2 1 
ATOM   943  N N   . SER A 1 120 ? 9.808   2.666   -3.883  1.00 57.56  ? 120 SER A N   1 
ATOM   944  C CA  . SER A 1 120 ? 9.079   3.577   -3.004  1.00 60.90  ? 120 SER A CA  1 
ATOM   945  C C   . SER A 1 120 ? 8.596   4.858   -3.745  1.00 63.89  ? 120 SER A C   1 
ATOM   946  O O   . SER A 1 120 ? 9.131   5.215   -4.815  1.00 66.03  ? 120 SER A O   1 
ATOM   947  C CB  . SER A 1 120 ? 9.991   3.998   -1.842  1.00 60.92  ? 120 SER A CB  1 
ATOM   948  O OG  . SER A 1 120 ? 10.599  2.895   -1.211  1.00 60.33  ? 120 SER A OG  1 
ATOM   949  N N   . PRO A 1 121 ? 7.546   5.545   -3.207  1.00 64.58  ? 121 PRO A N   1 
ATOM   950  C CA  . PRO A 1 121 ? 7.016   6.781   -3.818  1.00 64.84  ? 121 PRO A CA  1 
ATOM   951  C C   . PRO A 1 121 ? 8.046   7.872   -3.599  1.00 68.58  ? 121 PRO A C   1 
ATOM   952  O O   . PRO A 1 121 ? 8.893   7.744   -2.712  1.00 66.51  ? 121 PRO A O   1 
ATOM   953  C CB  . PRO A 1 121 ? 5.776   7.068   -2.998  1.00 63.62  ? 121 PRO A CB  1 
ATOM   954  C CG  . PRO A 1 121 ? 6.027   6.331   -1.663  1.00 64.00  ? 121 PRO A CG  1 
ATOM   955  C CD  . PRO A 1 121 ? 6.764   5.110   -2.024  1.00 62.42  ? 121 PRO A CD  1 
ATOM   956  N N   . PRO A 1 122 ? 8.036   8.945   -4.424  1.00 74.33  ? 122 PRO A N   1 
ATOM   957  C CA  . PRO A 1 122 ? 9.044   9.995   -4.215  1.00 77.78  ? 122 PRO A CA  1 
ATOM   958  C C   . PRO A 1 122 ? 9.071   10.585  -2.801  1.00 81.11  ? 122 PRO A C   1 
ATOM   959  O O   . PRO A 1 122 ? 8.041   10.767  -2.152  1.00 81.74  ? 122 PRO A O   1 
ATOM   960  C CB  . PRO A 1 122 ? 8.717   11.043  -5.293  1.00 77.63  ? 122 PRO A CB  1 
ATOM   961  C CG  . PRO A 1 122 ? 7.374   10.669  -5.834  1.00 77.69  ? 122 PRO A CG  1 
ATOM   962  C CD  . PRO A 1 122 ? 7.299   9.172   -5.679  1.00 76.83  ? 122 PRO A CD  1 
ATOM   963  N N   . GLY A 1 123 ? 10.275  10.804  -2.307  1.00 85.01  ? 123 GLY A N   1 
ATOM   964  C CA  . GLY A 1 123 ? 10.440  11.335  -0.968  1.00 88.08  ? 123 GLY A CA  1 
ATOM   965  C C   . GLY A 1 123 ? 10.582  10.235  0.072   1.00 90.59  ? 123 GLY A C   1 
ATOM   966  O O   . GLY A 1 123 ? 11.378  10.353  1.012   1.00 92.35  ? 123 GLY A O   1 
ATOM   967  N N   . SER A 1 124 ? 9.835   9.146   -0.111  1.00 90.74  ? 124 SER A N   1 
ATOM   968  C CA  . SER A 1 124 ? 9.871   8.026   0.821   1.00 91.77  ? 124 SER A CA  1 
ATOM   969  C C   . SER A 1 124 ? 11.226  7.342   1.023   1.00 92.67  ? 124 SER A C   1 
ATOM   970  O O   . SER A 1 124 ? 11.933  6.973   0.068   1.00 92.31  ? 124 SER A O   1 
ATOM   971  C CB  . SER A 1 124 ? 8.816   6.978   0.468   1.00 89.80  ? 124 SER A CB  1 
ATOM   972  O OG  . SER A 1 124 ? 7.521   7.519   0.591   1.00 88.35  ? 124 SER A OG  1 
ATOM   973  N N   . SER A 1 125 ? 11.542  7.175   2.299   1.00 92.43  ? 125 SER A N   1 
ATOM   974  C CA  . SER A 1 125 ? 12.762  6.544   2.753   1.00 92.79  ? 125 SER A CA  1 
ATOM   975  C C   . SER A 1 125 ? 12.221  5.696   3.907   1.00 91.13  ? 125 SER A C   1 
ATOM   976  O O   . SER A 1 125 ? 11.711  6.236   4.895   1.00 92.06  ? 125 SER A O   1 
ATOM   977  C CB  . SER A 1 125 ? 13.747  7.619   3.251   1.00 94.03  ? 125 SER A CB  1 
ATOM   978  O OG  . SER A 1 125 ? 15.092  7.151   3.309   1.00 96.05  ? 125 SER A OG  1 
ATOM   979  N N   . PRO A 1 126 ? 12.172  4.362   3.706   1.00 88.64  ? 126 PRO A N   1 
ATOM   980  C CA  . PRO A 1 126 ? 11.702  3.379   4.695   1.00 86.04  ? 126 PRO A CA  1 
ATOM   981  C C   . PRO A 1 126 ? 12.825  2.409   5.026   1.00 83.73  ? 126 PRO A C   1 
ATOM   982  O O   . PRO A 1 126 ? 13.978  2.760   4.875   1.00 83.50  ? 126 PRO A O   1 
ATOM   983  C CB  . PRO A 1 126 ? 10.613  2.666   3.917   1.00 86.20  ? 126 PRO A CB  1 
ATOM   984  C CG  . PRO A 1 126 ? 11.239  2.589   2.518   1.00 87.58  ? 126 PRO A CG  1 
ATOM   985  C CD  . PRO A 1 126 ? 12.269  3.727   2.391   1.00 88.17  ? 126 PRO A CD  1 
ATOM   986  N N   . SER A 1 127 ? 12.495  1.170   5.364   1.00 82.38  ? 127 SER A N   1 
ATOM   987  C CA  . SER A 1 127 ? 13.506  0.175   5.722   1.00 81.68  ? 127 SER A CA  1 
ATOM   988  C C   . SER A 1 127 ? 13.013  -1.263  5.508   1.00 80.78  ? 127 SER A C   1 
ATOM   989  O O   . SER A 1 127 ? 11.972  -1.635  6.052   1.00 81.04  ? 127 SER A O   1 
ATOM   990  C CB  . SER A 1 127 ? 13.893  0.386   7.183   1.00 82.88  ? 127 SER A CB  1 
ATOM   991  O OG  . SER A 1 127 ? 12.746  0.451   8.020   1.00 84.58  ? 127 SER A OG  1 
ATOM   992  N N   . VAL A 1 128 ? 13.765  -2.081  4.767   1.00 80.23  ? 128 VAL A N   1 
ATOM   993  C CA  . VAL A 1 128 ? 13.362  -3.481  4.461   1.00 78.07  ? 128 VAL A CA  1 
ATOM   994  C C   . VAL A 1 128 ? 14.027  -4.610  5.266   1.00 79.00  ? 128 VAL A C   1 
ATOM   995  O O   . VAL A 1 128 ? 15.209  -4.856  5.076   1.00 79.91  ? 128 VAL A O   1 
ATOM   996  C CB  . VAL A 1 128 ? 13.617  -3.799  2.966   1.00 75.62  ? 128 VAL A CB  1 
ATOM   997  C CG1 . VAL A 1 128 ? 13.096  -5.179  2.622   1.00 73.48  ? 128 VAL A CG1 1 
ATOM   998  C CG2 . VAL A 1 128 ? 12.984  -2.746  2.097   1.00 73.09  ? 128 VAL A CG2 1 
ATOM   999  N N   . GLN A 1 129 ? 13.256  -5.370  6.048   1.00 79.13  ? 129 GLN A N   1 
ATOM   1000 C CA  . GLN A 1 129 ? 13.821  -6.460  6.858   1.00 79.66  ? 129 GLN A CA  1 
ATOM   1001 C C   . GLN A 1 129 ? 13.350  -7.865  6.522   1.00 80.75  ? 129 GLN A C   1 
ATOM   1002 O O   . GLN A 1 129 ? 12.464  -8.414  7.188   1.00 80.90  ? 129 GLN A O   1 
ATOM   1003 C CB  . GLN A 1 129 ? 13.628  -6.201  8.363   1.00 79.73  ? 129 GLN A CB  1 
ATOM   1004 C CG  . GLN A 1 129 ? 12.357  -5.437  8.759   1.00 80.76  ? 129 GLN A CG  1 
ATOM   1005 C CD  . GLN A 1 129 ? 12.112  -5.409  10.264  1.00 80.61  ? 129 GLN A CD  1 
ATOM   1006 O OE1 . GLN A 1 129 ? 13.044  -5.250  11.061  1.00 79.59  ? 129 GLN A OE1 1 
ATOM   1007 N NE2 . GLN A 1 129 ? 10.849  -5.570  10.656  1.00 81.28  ? 129 GLN A NE2 1 
ATOM   1008 N N   . CYS A 1 130 ? 14.014  -8.473  5.538   1.00 83.73  ? 130 CYS A N   1 
ATOM   1009 C CA  . CYS A 1 130 ? 13.684  -9.832  5.074   1.00 84.25  ? 130 CYS A CA  1 
ATOM   1010 C C   . CYS A 1 130 ? 14.189  -10.976 5.980   1.00 87.31  ? 130 CYS A C   1 
ATOM   1011 O O   . CYS A 1 130 ? 15.397  -11.092 6.229   1.00 87.31  ? 130 CYS A O   1 
ATOM   1012 C CB  . CYS A 1 130 ? 14.210  -10.049 3.637   1.00 81.43  ? 130 CYS A CB  1 
ATOM   1013 S SG  . CYS A 1 130 ? 13.757  -8.817  2.353   1.00 78.07  ? 130 CYS A SG  1 
ATOM   1014 N N   . ARG A 1 131 ? 13.265  -11.804 6.465   1.00 88.80  ? 131 ARG A N   1 
ATOM   1015 C CA  . ARG A 1 131 ? 13.597  -12.963 7.300   1.00 91.43  ? 131 ARG A CA  1 
ATOM   1016 C C   . ARG A 1 131 ? 13.532  -14.160 6.354   1.00 93.27  ? 131 ARG A C   1 
ATOM   1017 O O   . ARG A 1 131 ? 12.477  -14.479 5.791   1.00 92.83  ? 131 ARG A O   1 
ATOM   1018 C CB  . ARG A 1 131 ? 12.576  -13.141 8.418   1.00 92.92  ? 131 ARG A CB  1 
ATOM   1019 C CG  . ARG A 1 131 ? 13.147  -13.581 9.762   1.00 93.75  ? 131 ARG A CG  1 
ATOM   1020 C CD  . ARG A 1 131 ? 12.966  -12.473 10.794  1.00 96.53  ? 131 ARG A CD  1 
ATOM   1021 N NE  . ARG A 1 131 ? 13.440  -11.200 10.265  1.00 101.20 ? 131 ARG A NE  1 
ATOM   1022 C CZ  . ARG A 1 131 ? 12.698  -10.100 10.147  1.00 103.16 ? 131 ARG A CZ  1 
ATOM   1023 N NH1 . ARG A 1 131 ? 11.429  -10.075 10.557  1.00 103.87 ? 131 ARG A NH1 1 
ATOM   1024 N NH2 . ARG A 1 131 ? 13.237  -9.002  9.633   1.00 104.34 ? 131 ARG A NH2 1 
ATOM   1025 N N   . SER A 1 132 ? 14.681  -14.782 6.125   1.00 96.28  ? 132 SER A N   1 
ATOM   1026 C CA  . SER A 1 132 ? 14.777  -15.927 5.226   1.00 98.85  ? 132 SER A CA  1 
ATOM   1027 C C   . SER A 1 132 ? 13.993  -17.112 5.749   1.00 99.88  ? 132 SER A C   1 
ATOM   1028 O O   . SER A 1 132 ? 13.621  -17.151 6.916   1.00 101.79 ? 132 SER A O   1 
ATOM   1029 C CB  . SER A 1 132 ? 16.251  -16.309 4.983   1.00 99.88  ? 132 SER A CB  1 
ATOM   1030 O OG  . SER A 1 132 ? 16.987  -16.482 6.179   1.00 101.47 ? 132 SER A OG  1 
ATOM   1031 N N   . PRO A 1 133 ? 13.789  -18.132 4.911   1.00 100.42 ? 133 PRO A N   1 
ATOM   1032 C CA  . PRO A 1 133 ? 13.034  -19.300 5.366   1.00 100.52 ? 133 PRO A CA  1 
ATOM   1033 C C   . PRO A 1 133 ? 13.662  -19.987 6.572   1.00 100.92 ? 133 PRO A C   1 
ATOM   1034 O O   . PRO A 1 133 ? 13.078  -20.913 7.122   1.00 101.71 ? 133 PRO A O   1 
ATOM   1035 C CB  . PRO A 1 133 ? 13.056  -20.217 4.141   1.00 101.04 ? 133 PRO A CB  1 
ATOM   1036 C CG  . PRO A 1 133 ? 13.241  -19.284 2.985   1.00 100.70 ? 133 PRO A CG  1 
ATOM   1037 C CD  . PRO A 1 133 ? 14.213  -18.288 3.511   1.00 100.74 ? 133 PRO A CD  1 
ATOM   1038 N N   . ARG A 1 134 ? 14.829  -19.519 7.001   1.00 100.97 ? 134 ARG A N   1 
ATOM   1039 C CA  . ARG A 1 134 ? 15.517  -20.125 8.135   1.00 101.02 ? 134 ARG A CA  1 
ATOM   1040 C C   . ARG A 1 134 ? 16.007  -19.127 9.203   1.00 99.98  ? 134 ARG A C   1 
ATOM   1041 O O   . ARG A 1 134 ? 17.155  -19.191 9.660   1.00 99.39  ? 134 ARG A O   1 
ATOM   1042 C CB  . ARG A 1 134 ? 16.670  -20.977 7.614   1.00 102.47 ? 134 ARG A CB  1 
ATOM   1043 C CG  . ARG A 1 134 ? 17.411  -21.778 8.654   1.00 103.38 ? 134 ARG A CG  1 
ATOM   1044 C CD  . ARG A 1 134 ? 18.863  -21.881 8.244   1.00 104.73 ? 134 ARG A CD  1 
ATOM   1045 N NE  . ARG A 1 134 ? 19.592  -20.645 8.526   1.00 105.86 ? 134 ARG A NE  1 
ATOM   1046 C CZ  . ARG A 1 134 ? 20.645  -20.218 7.840   1.00 105.88 ? 134 ARG A CZ  1 
ATOM   1047 N NH1 . ARG A 1 134 ? 21.077  -20.897 6.787   1.00 105.55 ? 134 ARG A NH1 1 
ATOM   1048 N NH2 . ARG A 1 134 ? 21.240  -19.086 8.187   1.00 106.31 ? 134 ARG A NH2 1 
ATOM   1049 N N   . GLY A 1 135 ? 15.132  -18.198 9.570   1.00 99.30  ? 135 GLY A N   1 
ATOM   1050 C CA  . GLY A 1 135 ? 15.434  -17.193 10.579  1.00 96.73  ? 135 GLY A CA  1 
ATOM   1051 C C   . GLY A 1 135 ? 16.543  -16.189 10.321  1.00 95.55  ? 135 GLY A C   1 
ATOM   1052 O O   . GLY A 1 135 ? 16.667  -15.228 11.085  1.00 95.42  ? 135 GLY A O   1 
ATOM   1053 N N   . LYS A 1 136 ? 17.383  -16.420 9.311   1.00 94.05  ? 136 LYS A N   1 
ATOM   1054 C CA  . LYS A 1 136 ? 18.467  -15.481 9.028   1.00 91.10  ? 136 LYS A CA  1 
ATOM   1055 C C   . LYS A 1 136 ? 17.770  -14.251 8.566   1.00 89.43  ? 136 LYS A C   1 
ATOM   1056 O O   . LYS A 1 136 ? 16.633  -14.328 8.105   1.00 89.47  ? 136 LYS A O   1 
ATOM   1057 C CB  . LYS A 1 136 ? 19.434  -15.967 7.950   1.00 90.45  ? 136 LYS A CB  1 
ATOM   1058 C CG  . LYS A 1 136 ? 20.772  -15.289 8.050   1.00 91.28  ? 136 LYS A CG  1 
ATOM   1059 C CD  . LYS A 1 136 ? 21.275  -15.312 9.504   1.00 90.81  ? 136 LYS A CD  1 
ATOM   1060 C CE  . LYS A 1 136 ? 22.679  -14.736 9.679   1.00 91.20  ? 136 LYS A CE  1 
ATOM   1061 N NZ  . LYS A 1 136 ? 23.652  -15.375 8.762   1.00 91.50  ? 136 LYS A NZ  1 
ATOM   1062 N N   . ASN A 1 137 ? 18.432  -13.113 8.714   1.00 87.59  ? 137 ASN A N   1 
ATOM   1063 C CA  . ASN A 1 137 ? 17.814  -11.862 8.350   1.00 84.82  ? 137 ASN A CA  1 
ATOM   1064 C C   . ASN A 1 137 ? 18.771  -10.916 7.630   1.00 83.70  ? 137 ASN A C   1 
ATOM   1065 O O   . ASN A 1 137 ? 19.966  -10.882 7.919   1.00 83.15  ? 137 ASN A O   1 
ATOM   1066 C CB  . ASN A 1 137 ? 17.246  -11.194 9.618   1.00 83.58  ? 137 ASN A CB  1 
ATOM   1067 C CG  . ASN A 1 137 ? 16.756  -12.207 10.657  1.00 81.23  ? 137 ASN A CG  1 
ATOM   1068 O OD1 . ASN A 1 137 ? 15.721  -12.840 10.497  1.00 78.26  ? 137 ASN A OD1 1 
ATOM   1069 N ND2 . ASN A 1 137 ? 17.524  -12.365 11.719  1.00 82.14  ? 137 ASN A ND2 1 
ATOM   1070 N N   . ILE A 1 138 ? 18.242  -10.195 6.648   1.00 84.05  ? 138 ILE A N   1 
ATOM   1071 C CA  . ILE A 1 138 ? 19.016  -9.216  5.901   1.00 83.40  ? 138 ILE A CA  1 
ATOM   1072 C C   . ILE A 1 138 ? 18.341  -7.891  6.224   1.00 83.48  ? 138 ILE A C   1 
ATOM   1073 O O   . ILE A 1 138 ? 17.406  -7.849  7.047   1.00 82.95  ? 138 ILE A O   1 
ATOM   1074 C CB  . ILE A 1 138 ? 18.928  -9.424  4.364   1.00 83.29  ? 138 ILE A CB  1 
ATOM   1075 C CG1 . ILE A 1 138 ? 18.765  -10.906 4.004   1.00 83.06  ? 138 ILE A CG1 1 
ATOM   1076 C CG2 . ILE A 1 138 ? 20.188  -8.841  3.684   1.00 84.13  ? 138 ILE A CG2 1 
ATOM   1077 C CD1 . ILE A 1 138 ? 17.335  -11.380 3.974   1.00 82.33  ? 138 ILE A CD1 1 
ATOM   1078 N N   . GLN A 1 139 ? 18.864  -6.804  5.656   1.00 84.33  ? 139 GLN A N   1 
ATOM   1079 C CA  . GLN A 1 139 ? 18.276  -5.473  5.845   1.00 85.30  ? 139 GLN A CA  1 
ATOM   1080 C C   . GLN A 1 139 ? 18.767  -4.478  4.781   1.00 85.21  ? 139 GLN A C   1 
ATOM   1081 O O   . GLN A 1 139 ? 19.853  -4.655  4.230   1.00 86.45  ? 139 GLN A O   1 
ATOM   1082 C CB  . GLN A 1 139 ? 18.487  -4.920  7.272   1.00 85.22  ? 139 GLN A CB  1 
ATOM   1083 C CG  . GLN A 1 139 ? 19.106  -5.851  8.294   1.00 84.07  ? 139 GLN A CG  1 
ATOM   1084 C CD  . GLN A 1 139 ? 20.597  -5.790  8.246   1.00 82.93  ? 139 GLN A CD  1 
ATOM   1085 O OE1 . GLN A 1 139 ? 21.155  -4.905  7.621   1.00 82.51  ? 139 GLN A OE1 1 
ATOM   1086 N NE2 . GLN A 1 139 ? 21.254  -6.713  8.921   1.00 83.75  ? 139 GLN A NE2 1 
ATOM   1087 N N   . GLY A 1 140 ? 17.953  -3.463  4.457   1.00 84.76  ? 140 GLY A N   1 
ATOM   1088 C CA  . GLY A 1 140 ? 18.356  -2.490  3.451   1.00 86.89  ? 140 GLY A CA  1 
ATOM   1089 C C   . GLY A 1 140 ? 17.387  -1.326  3.277   1.00 87.69  ? 140 GLY A C   1 
ATOM   1090 O O   . GLY A 1 140 ? 16.436  -1.152  4.074   1.00 87.82  ? 140 GLY A O   1 
ATOM   1091 N N   . GLY A 1 141 ? 17.610  -0.549  2.213   1.00 87.98  ? 141 GLY A N   1 
ATOM   1092 C CA  . GLY A 1 141 ? 16.777  0.617   1.920   1.00 87.73  ? 141 GLY A CA  1 
ATOM   1093 C C   . GLY A 1 141 ? 16.046  0.573   0.579   1.00 86.15  ? 141 GLY A C   1 
ATOM   1094 O O   . GLY A 1 141 ? 14.897  1.022   0.445   1.00 86.84  ? 141 GLY A O   1 
ATOM   1095 N N   . LYS A 1 142 ? 16.736  0.097   -0.441  1.00 83.64  ? 142 LYS A N   1 
ATOM   1096 C CA  . LYS A 1 142 ? 16.129  -0.036  -1.744  1.00 82.56  ? 142 LYS A CA  1 
ATOM   1097 C C   . LYS A 1 142 ? 16.493  -1.403  -2.271  1.00 81.63  ? 142 LYS A C   1 
ATOM   1098 O O   . LYS A 1 142 ? 15.781  -1.953  -3.096  1.00 82.14  ? 142 LYS A O   1 
ATOM   1099 C CB  . LYS A 1 142 ? 16.639  1.028   -2.717  1.00 83.21  ? 142 LYS A CB  1 
ATOM   1100 C CG  . LYS A 1 142 ? 15.786  2.269   -2.774  1.00 84.45  ? 142 LYS A CG  1 
ATOM   1101 C CD  . LYS A 1 142 ? 15.987  3.050   -4.089  1.00 86.09  ? 142 LYS A CD  1 
ATOM   1102 C CE  . LYS A 1 142 ? 15.044  4.308   -4.195  1.00 86.79  ? 142 LYS A CE  1 
ATOM   1103 N NZ  . LYS A 1 142 ? 13.534  4.059   -4.157  1.00 86.07  ? 142 LYS A NZ  1 
ATOM   1104 N N   . THR A 1 143 ? 17.574  -1.966  -1.740  1.00 79.21  ? 143 THR A N   1 
ATOM   1105 C CA  . THR A 1 143 ? 18.089  -3.262  -2.191  1.00 77.18  ? 143 THR A CA  1 
ATOM   1106 C C   . THR A 1 143 ? 18.658  -4.117  -1.055  1.00 76.69  ? 143 THR A C   1 
ATOM   1107 O O   . THR A 1 143 ? 19.258  -3.611  -0.112  1.00 77.91  ? 143 THR A O   1 
ATOM   1108 C CB  . THR A 1 143 ? 19.246  -3.060  -3.258  1.00 76.00  ? 143 THR A CB  1 
ATOM   1109 O OG1 . THR A 1 143 ? 18.785  -2.278  -4.371  1.00 73.87  ? 143 THR A OG1 1 
ATOM   1110 C CG2 . THR A 1 143 ? 19.752  -4.394  -3.773  1.00 74.53  ? 143 THR A CG2 1 
ATOM   1111 N N   . LEU A 1 144 ? 18.448  -5.417  -1.137  1.00 75.88  ? 144 LEU A N   1 
ATOM   1112 C CA  . LEU A 1 144 ? 18.987  -6.330  -0.152  1.00 74.55  ? 144 LEU A CA  1 
ATOM   1113 C C   . LEU A 1 144 ? 19.517  -7.500  -0.974  1.00 74.16  ? 144 LEU A C   1 
ATOM   1114 O O   . LEU A 1 144 ? 18.995  -7.802  -2.058  1.00 72.68  ? 144 LEU A O   1 
ATOM   1115 C CB  . LEU A 1 144 ? 17.899  -6.813  0.817   1.00 76.16  ? 144 LEU A CB  1 
ATOM   1116 C CG  . LEU A 1 144 ? 16.912  -5.817  1.427   1.00 78.22  ? 144 LEU A CG  1 
ATOM   1117 C CD1 . LEU A 1 144 ? 15.736  -5.658  0.494   1.00 78.57  ? 144 LEU A CD1 1 
ATOM   1118 C CD2 . LEU A 1 144 ? 16.425  -6.328  2.762   1.00 78.64  ? 144 LEU A CD2 1 
ATOM   1119 N N   . SER A 1 145 ? 20.588  -8.115  -0.509  1.00 73.28  ? 145 SER A N   1 
ATOM   1120 C CA  . SER A 1 145 ? 21.133  -9.244  -1.223  1.00 73.80  ? 145 SER A CA  1 
ATOM   1121 C C   . SER A 1 145 ? 21.657  -10.267 -0.263  1.00 73.70  ? 145 SER A C   1 
ATOM   1122 O O   . SER A 1 145 ? 21.919  -9.950  0.896   1.00 74.46  ? 145 SER A O   1 
ATOM   1123 C CB  . SER A 1 145 ? 22.258  -8.804  -2.157  1.00 74.77  ? 145 SER A CB  1 
ATOM   1124 O OG  . SER A 1 145 ? 21.790  -7.925  -3.175  1.00 76.90  ? 145 SER A OG  1 
ATOM   1125 N N   . VAL A 1 146 ? 21.704  -11.509 -0.743  1.00 73.35  ? 146 VAL A N   1 
ATOM   1126 C CA  . VAL A 1 146 ? 22.232  -12.661 -0.030  1.00 73.67  ? 146 VAL A CA  1 
ATOM   1127 C C   . VAL A 1 146 ? 23.089  -13.268 -1.131  1.00 77.14  ? 146 VAL A C   1 
ATOM   1128 O O   . VAL A 1 146 ? 22.564  -13.983 -1.988  1.00 78.32  ? 146 VAL A O   1 
ATOM   1129 C CB  . VAL A 1 146 ? 21.139  -13.666 0.329   1.00 70.42  ? 146 VAL A CB  1 
ATOM   1130 C CG1 . VAL A 1 146 ? 21.770  -14.925 0.906   1.00 69.59  ? 146 VAL A CG1 1 
ATOM   1131 C CG2 . VAL A 1 146 ? 20.192  -13.073 1.313   1.00 68.80  ? 146 VAL A CG2 1 
ATOM   1132 N N   . SER A 1 147 ? 24.386  -12.958 -1.140  1.00 78.91  ? 147 SER A N   1 
ATOM   1133 C CA  . SER A 1 147 ? 25.276  -13.439 -2.186  1.00 80.95  ? 147 SER A CA  1 
ATOM   1134 C C   . SER A 1 147 ? 25.902  -14.819 -2.036  1.00 83.41  ? 147 SER A C   1 
ATOM   1135 O O   . SER A 1 147 ? 26.851  -15.168 -2.731  1.00 83.08  ? 147 SER A O   1 
ATOM   1136 C CB  . SER A 1 147 ? 26.306  -12.374 -2.472  1.00 80.93  ? 147 SER A CB  1 
ATOM   1137 O OG  . SER A 1 147 ? 25.631  -11.151 -2.726  1.00 81.58  ? 147 SER A OG  1 
ATOM   1138 N N   . GLN A 1 148 ? 25.322  -15.623 -1.171  1.00 85.64  ? 148 GLN A N   1 
ATOM   1139 C CA  . GLN A 1 148 ? 25.823  -16.962 -0.963  1.00 87.44  ? 148 GLN A CA  1 
ATOM   1140 C C   . GLN A 1 148 ? 24.541  -17.754 -0.620  1.00 87.34  ? 148 GLN A C   1 
ATOM   1141 O O   . GLN A 1 148 ? 24.172  -17.969 0.545   1.00 87.88  ? 148 GLN A O   1 
ATOM   1142 C CB  . GLN A 1 148 ? 26.893  -16.921 0.167   1.00 90.31  ? 148 GLN A CB  1 
ATOM   1143 C CG  . GLN A 1 148 ? 27.829  -18.078 0.304   1.00 91.74  ? 148 GLN A CG  1 
ATOM   1144 C CD  . GLN A 1 148 ? 29.241  -17.616 0.241   1.00 92.43  ? 148 GLN A CD  1 
ATOM   1145 O OE1 . GLN A 1 148 ? 29.883  -17.363 1.254   1.00 93.18  ? 148 GLN A OE1 1 
ATOM   1146 N NE2 . GLN A 1 148 ? 29.708  -17.376 -0.965  1.00 93.35  ? 148 GLN A NE2 1 
ATOM   1147 N N   . LEU A 1 149 ? 23.835  -18.113 -1.659  1.00 86.16  ? 149 LEU A N   1 
ATOM   1148 C CA  . LEU A 1 149 ? 22.574  -18.815 -1.522  1.00 84.73  ? 149 LEU A CA  1 
ATOM   1149 C C   . LEU A 1 149 ? 22.681  -20.292 -1.270  1.00 82.63  ? 149 LEU A C   1 
ATOM   1150 O O   . LEU A 1 149 ? 23.323  -21.021 -2.028  1.00 82.02  ? 149 LEU A O   1 
ATOM   1151 C CB  . LEU A 1 149 ? 21.708  -18.587 -2.764  1.00 85.28  ? 149 LEU A CB  1 
ATOM   1152 C CG  . LEU A 1 149 ? 20.189  -18.763 -2.651  1.00 83.85  ? 149 LEU A CG  1 
ATOM   1153 C CD1 . LEU A 1 149 ? 19.597  -17.717 -1.699  1.00 83.30  ? 149 LEU A CD1 1 
ATOM   1154 C CD2 . LEU A 1 149 ? 19.580  -18.627 -4.039  1.00 82.72  ? 149 LEU A CD2 1 
ATOM   1155 N N   . GLU A 1 150 ? 22.035  -20.716 -0.199  1.00 82.06  ? 150 GLU A N   1 
ATOM   1156 C CA  . GLU A 1 150 ? 21.992  -22.114 0.174   1.00 84.76  ? 150 GLU A CA  1 
ATOM   1157 C C   . GLU A 1 150 ? 20.757  -22.733 -0.453  1.00 87.79  ? 150 GLU A C   1 
ATOM   1158 O O   . GLU A 1 150 ? 19.830  -22.013 -0.844  1.00 87.73  ? 150 GLU A O   1 
ATOM   1159 C CB  . GLU A 1 150 ? 21.904  -22.270 1.696   1.00 82.66  ? 150 GLU A CB  1 
ATOM   1160 C CG  . GLU A 1 150 ? 23.231  -22.568 2.375   1.00 81.73  ? 150 GLU A CG  1 
ATOM   1161 C CD  . GLU A 1 150 ? 24.220  -21.452 2.224   1.00 81.25  ? 150 GLU A CD  1 
ATOM   1162 O OE1 . GLU A 1 150 ? 24.121  -20.474 2.987   1.00 81.79  ? 150 GLU A OE1 1 
ATOM   1163 O OE2 . GLU A 1 150 ? 25.105  -21.549 1.352   1.00 80.94  ? 150 GLU A OE2 1 
ATOM   1164 N N   . LEU A 1 151 ? 20.726  -24.064 -0.536  1.00 89.26  ? 151 LEU A N   1 
ATOM   1165 C CA  . LEU A 1 151 ? 19.554  -24.736 -1.081  1.00 90.67  ? 151 LEU A CA  1 
ATOM   1166 C C   . LEU A 1 151 ? 18.501  -24.628 -0.029  1.00 94.14  ? 151 LEU A C   1 
ATOM   1167 O O   . LEU A 1 151 ? 17.374  -24.213 -0.326  1.00 96.19  ? 151 LEU A O   1 
ATOM   1168 C CB  . LEU A 1 151 ? 19.781  -26.217 -1.370  1.00 88.47  ? 151 LEU A CB  1 
ATOM   1169 C CG  . LEU A 1 151 ? 20.036  -27.289 -0.307  1.00 87.74  ? 151 LEU A CG  1 
ATOM   1170 C CD1 . LEU A 1 151 ? 18.713  -27.927 -0.020  1.00 87.88  ? 151 LEU A CD1 1 
ATOM   1171 C CD2 . LEU A 1 151 ? 20.984  -28.356 -0.823  1.00 87.60  ? 151 LEU A CD2 1 
ATOM   1172 N N   . GLN A 1 152 ? 18.899  -24.921 1.213   1.00 96.99  ? 152 GLN A N   1 
ATOM   1173 C CA  . GLN A 1 152 ? 17.977  -24.874 2.346   1.00 97.85  ? 152 GLN A CA  1 
ATOM   1174 C C   . GLN A 1 152 ? 17.339  -23.476 2.521   1.00 97.23  ? 152 GLN A C   1 
ATOM   1175 O O   . GLN A 1 152 ? 16.426  -23.288 3.349   1.00 98.74  ? 152 GLN A O   1 
ATOM   1176 C CB  . GLN A 1 152 ? 18.660  -25.395 3.624   1.00 99.46  ? 152 GLN A CB  1 
ATOM   1177 C CG  . GLN A 1 152 ? 18.789  -24.409 4.780   1.00 102.75 ? 152 GLN A CG  1 
ATOM   1178 C CD  . GLN A 1 152 ? 19.929  -23.437 4.615   1.00 104.00 ? 152 GLN A CD  1 
ATOM   1179 O OE1 . GLN A 1 152 ? 19.878  -22.530 3.794   1.00 105.11 ? 152 GLN A OE1 1 
ATOM   1180 N NE2 . GLN A 1 152 ? 20.967  -23.624 5.398   1.00 104.34 ? 152 GLN A NE2 1 
ATOM   1181 N N   . ASP A 1 153 ? 17.815  -22.502 1.737   1.00 95.17  ? 153 ASP A N   1 
ATOM   1182 C CA  . ASP A 1 153 ? 17.234  -21.179 1.785   1.00 91.62  ? 153 ASP A CA  1 
ATOM   1183 C C   . ASP A 1 153 ? 16.028  -21.092 0.848   1.00 91.20  ? 153 ASP A C   1 
ATOM   1184 O O   . ASP A 1 153 ? 15.438  -20.019 0.671   1.00 91.46  ? 153 ASP A O   1 
ATOM   1185 C CB  . ASP A 1 153 ? 18.273  -20.097 1.516   1.00 90.57  ? 153 ASP A CB  1 
ATOM   1186 C CG  . ASP A 1 153 ? 18.799  -19.488 2.795   1.00 90.08  ? 153 ASP A CG  1 
ATOM   1187 O OD1 . ASP A 1 153 ? 18.023  -19.357 3.760   1.00 90.61  ? 153 ASP A OD1 1 
ATOM   1188 O OD2 . ASP A 1 153 ? 19.987  -19.131 2.851   1.00 89.81  ? 153 ASP A OD2 1 
ATOM   1189 N N   . SER A 1 154 ? 15.655  -22.240 0.274   1.00 89.69  ? 154 SER A N   1 
ATOM   1190 C CA  . SER A 1 154 ? 14.493  -22.348 -0.610  1.00 87.80  ? 154 SER A CA  1 
ATOM   1191 C C   . SER A 1 154 ? 13.248  -22.026 0.212   1.00 86.26  ? 154 SER A C   1 
ATOM   1192 O O   . SER A 1 154 ? 13.272  -22.129 1.439   1.00 86.79  ? 154 SER A O   1 
ATOM   1193 C CB  . SER A 1 154 ? 14.345  -23.780 -1.145  1.00 87.36  ? 154 SER A CB  1 
ATOM   1194 O OG  . SER A 1 154 ? 15.311  -24.098 -2.123  1.00 85.96  ? 154 SER A OG  1 
ATOM   1195 N N   . GLY A 1 155 ? 12.166  -21.643 -0.458  1.00 84.82  ? 155 GLY A N   1 
ATOM   1196 C CA  . GLY A 1 155 ? 10.928  -21.347 0.248   1.00 84.03  ? 155 GLY A CA  1 
ATOM   1197 C C   . GLY A 1 155 ? 10.434  -19.914 0.275   1.00 81.77  ? 155 GLY A C   1 
ATOM   1198 O O   . GLY A 1 155 ? 10.763  -19.117 -0.581  1.00 79.19  ? 155 GLY A O   1 
ATOM   1199 N N   . THR A 1 156 ? 9.574   -19.611 1.239   1.00 82.41  ? 156 THR A N   1 
ATOM   1200 C CA  . THR A 1 156 ? 9.018   -18.276 1.379   1.00 83.77  ? 156 THR A CA  1 
ATOM   1201 C C   . THR A 1 156 ? 9.910   -17.478 2.297   1.00 83.22  ? 156 THR A C   1 
ATOM   1202 O O   . THR A 1 156 ? 10.461  -18.031 3.218   1.00 84.69  ? 156 THR A O   1 
ATOM   1203 C CB  . THR A 1 156 ? 7.581   -18.299 2.020   1.00 84.80  ? 156 THR A CB  1 
ATOM   1204 O OG1 . THR A 1 156 ? 6.729   -19.214 1.315   1.00 86.04  ? 156 THR A OG1 1 
ATOM   1205 C CG2 . THR A 1 156 ? 6.937   -16.914 1.950   1.00 85.24  ? 156 THR A CG2 1 
ATOM   1206 N N   . TRP A 1 157 ? 10.058  -16.191 2.019   1.00 83.70  ? 157 TRP A N   1 
ATOM   1207 C CA  . TRP A 1 157 ? 10.839  -15.266 2.840   1.00 82.05  ? 157 TRP A CA  1 
ATOM   1208 C C   . TRP A 1 157 ? 9.806   -14.260 3.325   1.00 80.28  ? 157 TRP A C   1 
ATOM   1209 O O   . TRP A 1 157 ? 8.652   -14.294 2.891   1.00 78.63  ? 157 TRP A O   1 
ATOM   1210 C CB  . TRP A 1 157 ? 11.878  -14.518 1.981   1.00 82.30  ? 157 TRP A CB  1 
ATOM   1211 C CG  . TRP A 1 157 ? 13.045  -15.369 1.496   1.00 83.71  ? 157 TRP A CG  1 
ATOM   1212 C CD1 . TRP A 1 157 ? 12.966  -16.529 0.786   1.00 84.83  ? 157 TRP A CD1 1 
ATOM   1213 C CD2 . TRP A 1 157 ? 14.438  -15.143 1.722   1.00 83.80  ? 157 TRP A CD2 1 
ATOM   1214 N NE1 . TRP A 1 157 ? 14.220  -17.040 0.559   1.00 83.44  ? 157 TRP A NE1 1 
ATOM   1215 C CE2 . TRP A 1 157 ? 15.149  -16.202 1.114   1.00 83.22  ? 157 TRP A CE2 1 
ATOM   1216 C CE3 . TRP A 1 157 ? 15.173  -14.142 2.365   1.00 84.01  ? 157 TRP A CE3 1 
ATOM   1217 C CZ2 . TRP A 1 157 ? 16.521  -16.307 1.142   1.00 81.70  ? 157 TRP A CZ2 1 
ATOM   1218 C CZ3 . TRP A 1 157 ? 16.541  -14.248 2.395   1.00 83.74  ? 157 TRP A CZ3 1 
ATOM   1219 C CH2 . TRP A 1 157 ? 17.202  -15.319 1.775   1.00 81.52  ? 157 TRP A CH2 1 
ATOM   1220 N N   . THR A 1 158 ? 10.200  -13.387 4.235   1.00 79.94  ? 158 THR A N   1 
ATOM   1221 C CA  . THR A 1 158 ? 9.290   -12.356 4.701   1.00 79.38  ? 158 THR A CA  1 
ATOM   1222 C C   . THR A 1 158 ? 9.991   -11.020 4.850   1.00 78.30  ? 158 THR A C   1 
ATOM   1223 O O   . THR A 1 158 ? 10.744  -10.777 5.807   1.00 76.67  ? 158 THR A O   1 
ATOM   1224 C CB  . THR A 1 158 ? 8.562   -12.743 5.977   1.00 81.04  ? 158 THR A CB  1 
ATOM   1225 O OG1 . THR A 1 158 ? 7.673   -13.827 5.686   1.00 82.65  ? 158 THR A OG1 1 
ATOM   1226 C CG2 . THR A 1 158 ? 7.727   -11.563 6.488   1.00 82.83  ? 158 THR A CG2 1 
ATOM   1227 N N   . CYS A 1 159 ? 9.822   -10.210 3.811   1.00 76.20  ? 159 CYS A N   1 
ATOM   1228 C CA  . CYS A 1 159 ? 10.400  -8.890  3.756   1.00 75.30  ? 159 CYS A CA  1 
ATOM   1229 C C   . CYS A 1 159 ? 9.328   -7.981  4.306   1.00 75.25  ? 159 CYS A C   1 
ATOM   1230 O O   . CYS A 1 159 ? 8.153   -8.164  4.025   1.00 74.23  ? 159 CYS A O   1 
ATOM   1231 C CB  . CYS A 1 159 ? 10.759  -8.520  2.312   1.00 75.02  ? 159 CYS A CB  1 
ATOM   1232 S SG  . CYS A 1 159 ? 12.051  -9.541  1.525   1.00 75.13  ? 159 CYS A SG  1 
ATOM   1233 N N   . THR A 1 160 ? 9.723   -7.077  5.184   1.00 75.27  ? 160 THR A N   1 
ATOM   1234 C CA  . THR A 1 160 ? 8.781   -6.149  5.765   1.00 75.84  ? 160 THR A CA  1 
ATOM   1235 C C   . THR A 1 160 ? 9.366   -4.749  5.768   1.00 75.55  ? 160 THR A C   1 
ATOM   1236 O O   . THR A 1 160 ? 10.454  -4.518  6.318   1.00 73.89  ? 160 THR A O   1 
ATOM   1237 C CB  . THR A 1 160 ? 8.314   -6.578  7.199   1.00 75.65  ? 160 THR A CB  1 
ATOM   1238 O OG1 . THR A 1 160 ? 9.413   -6.687  8.123   1.00 76.73  ? 160 THR A OG1 1 
ATOM   1239 C CG2 . THR A 1 160 ? 7.561   -7.883  7.141   1.00 76.81  ? 160 THR A CG2 1 
ATOM   1240 N N   . VAL A 1 161 ? 8.733   -3.863  5.006   1.00 75.91  ? 161 VAL A N   1 
ATOM   1241 C CA  . VAL A 1 161 ? 9.174   -2.492  4.959   1.00 76.58  ? 161 VAL A CA  1 
ATOM   1242 C C   . VAL A 1 161 ? 8.447   -1.766  6.098   1.00 77.03  ? 161 VAL A C   1 
ATOM   1243 O O   . VAL A 1 161 ? 7.452   -2.270  6.656   1.00 72.78  ? 161 VAL A O   1 
ATOM   1244 C CB  . VAL A 1 161 ? 8.916   -1.848  3.576   1.00 77.08  ? 161 VAL A CB  1 
ATOM   1245 C CG1 . VAL A 1 161 ? 7.441   -1.825  3.270   1.00 79.76  ? 161 VAL A CG1 1 
ATOM   1246 C CG2 . VAL A 1 161 ? 9.484   -0.436  3.524   1.00 77.11  ? 161 VAL A CG2 1 
ATOM   1247 N N   . LEU A 1 162 ? 9.001   -0.620  6.477   1.00 79.63  ? 162 LEU A N   1 
ATOM   1248 C CA  . LEU A 1 162 ? 8.475   0.198   7.553   1.00 79.92  ? 162 LEU A CA  1 
ATOM   1249 C C   . LEU A 1 162 ? 8.492   1.639   7.120   1.00 77.83  ? 162 LEU A C   1 
ATOM   1250 O O   . LEU A 1 162 ? 9.360   2.053   6.360   1.00 78.09  ? 162 LEU A O   1 
ATOM   1251 C CB  . LEU A 1 162 ? 9.354   0.073   8.810   1.00 83.86  ? 162 LEU A CB  1 
ATOM   1252 C CG  . LEU A 1 162 ? 9.075   -1.086  9.765   1.00 87.63  ? 162 LEU A CG  1 
ATOM   1253 C CD1 . LEU A 1 162 ? 10.365  -1.806  10.164  1.00 89.12  ? 162 LEU A CD1 1 
ATOM   1254 C CD2 . LEU A 1 162 ? 8.349   -0.555  10.974  1.00 89.14  ? 162 LEU A CD2 1 
ATOM   1255 N N   . GLN A 1 163 ? 7.523   2.385   7.609   1.00 75.96  ? 163 GLN A N   1 
ATOM   1256 C CA  . GLN A 1 163 ? 7.413   3.809   7.353   1.00 73.73  ? 163 GLN A CA  1 
ATOM   1257 C C   . GLN A 1 163 ? 6.316   4.300   8.267   1.00 72.47  ? 163 GLN A C   1 
ATOM   1258 O O   . GLN A 1 163 ? 5.189   3.811   8.230   1.00 72.20  ? 163 GLN A O   1 
ATOM   1259 C CB  . GLN A 1 163 ? 7.046   4.094   5.905   1.00 74.30  ? 163 GLN A CB  1 
ATOM   1260 C CG  . GLN A 1 163 ? 6.893   5.591   5.564   1.00 75.02  ? 163 GLN A CG  1 
ATOM   1261 C CD  . GLN A 1 163 ? 8.195   6.250   5.136   1.00 75.18  ? 163 GLN A CD  1 
ATOM   1262 O OE1 . GLN A 1 163 ? 8.294   6.802   4.029   1.00 74.66  ? 163 GLN A OE1 1 
ATOM   1263 N NE2 . GLN A 1 163 ? 9.209   6.186   6.000   1.00 76.21  ? 163 GLN A NE2 1 
ATOM   1264 N N   . ASN A 1 164 ? 6.697   5.172   9.189   1.00 70.53  ? 164 ASN A N   1 
ATOM   1265 C CA  . ASN A 1 164 ? 5.771   5.749   10.137  1.00 70.94  ? 164 ASN A CA  1 
ATOM   1266 C C   . ASN A 1 164 ? 5.044   4.758   11.090  1.00 70.50  ? 164 ASN A C   1 
ATOM   1267 O O   . ASN A 1 164 ? 3.814   4.693   11.096  1.00 69.62  ? 164 ASN A O   1 
ATOM   1268 C CB  . ASN A 1 164 ? 4.696   6.550   9.378   1.00 71.36  ? 164 ASN A CB  1 
ATOM   1269 C CG  . ASN A 1 164 ? 5.244   7.740   8.608   1.00 69.78  ? 164 ASN A CG  1 
ATOM   1270 O OD1 . ASN A 1 164 ? 5.472   7.640   7.421   1.00 69.64  ? 164 ASN A OD1 1 
ATOM   1271 N ND2 . ASN A 1 164 ? 5.340   8.897   9.257   1.00 69.51  ? 164 ASN A ND2 1 
ATOM   1272 N N   . GLN A 1 165 ? 5.774   3.973   11.877  1.00 71.16  ? 165 GLN A N   1 
ATOM   1273 C CA  . GLN A 1 165 ? 5.158   3.045   12.843  1.00 73.47  ? 165 GLN A CA  1 
ATOM   1274 C C   . GLN A 1 165 ? 4.380   1.876   12.221  1.00 73.30  ? 165 GLN A C   1 
ATOM   1275 O O   . GLN A 1 165 ? 4.176   0.815   12.850  1.00 73.44  ? 165 GLN A O   1 
ATOM   1276 C CB  . GLN A 1 165 ? 4.237   3.829   13.799  1.00 77.41  ? 165 GLN A CB  1 
ATOM   1277 C CG  . GLN A 1 165 ? 4.460   3.580   15.285  1.00 80.38  ? 165 GLN A CG  1 
ATOM   1278 C CD  . GLN A 1 165 ? 3.163   3.337   16.042  1.00 83.01  ? 165 GLN A CD  1 
ATOM   1279 O OE1 . GLN A 1 165 ? 3.172   2.697   17.096  1.00 83.56  ? 165 GLN A OE1 1 
ATOM   1280 N NE2 . GLN A 1 165 ? 2.031   3.831   15.500  1.00 84.22  ? 165 GLN A NE2 1 
ATOM   1281 N N   . LYS A 1 166 ? 3.872   2.097   11.019  1.00 71.83  ? 166 LYS A N   1 
ATOM   1282 C CA  . LYS A 1 166 ? 3.139   1.059   10.339  1.00 69.53  ? 166 LYS A CA  1 
ATOM   1283 C C   . LYS A 1 166 ? 4.105   0.272   9.479   1.00 69.05  ? 166 LYS A C   1 
ATOM   1284 O O   . LYS A 1 166 ? 5.226   0.701   9.217   1.00 67.75  ? 166 LYS A O   1 
ATOM   1285 C CB  . LYS A 1 166 ? 1.997   1.640   9.490   1.00 67.86  ? 166 LYS A CB  1 
ATOM   1286 C CG  . LYS A 1 166 ? 0.789   2.195   10.299  1.00 63.06  ? 166 LYS A CG  1 
ATOM   1287 C CD  . LYS A 1 166 ? -0.453  2.122   9.444   1.00 60.15  ? 166 LYS A CD  1 
ATOM   1288 C CE  . LYS A 1 166 ? -1.697  2.564   10.142  1.00 58.34  ? 166 LYS A CE  1 
ATOM   1289 N NZ  . LYS A 1 166 ? -2.894  2.506   9.241   1.00 56.34  ? 166 LYS A NZ  1 
ATOM   1290 N N   . LYS A 1 167 ? 3.668   -0.907  9.071   1.00 69.14  ? 167 LYS A N   1 
ATOM   1291 C CA  . LYS A 1 167 ? 4.473   -1.778  8.243   1.00 70.05  ? 167 LYS A CA  1 
ATOM   1292 C C   . LYS A 1 167 ? 3.632   -2.782  7.421   1.00 69.09  ? 167 LYS A C   1 
ATOM   1293 O O   . LYS A 1 167 ? 2.460   -3.066  7.737   1.00 67.56  ? 167 LYS A O   1 
ATOM   1294 C CB  . LYS A 1 167 ? 5.571   -2.465  9.102   1.00 71.06  ? 167 LYS A CB  1 
ATOM   1295 C CG  . LYS A 1 167 ? 5.178   -2.944  10.542  1.00 71.10  ? 167 LYS A CG  1 
ATOM   1296 C CD  . LYS A 1 167 ? 4.156   -4.078  10.527  1.00 71.01  ? 167 LYS A CD  1 
ATOM   1297 C CE  . LYS A 1 167 ? 4.548   -5.202  9.577   1.00 70.29  ? 167 LYS A CE  1 
ATOM   1298 N NZ  . LYS A 1 167 ? 3.391   -6.104  9.252   1.00 70.33  ? 167 LYS A NZ  1 
ATOM   1299 N N   . VAL A 1 168 ? 4.223   -3.254  6.326   1.00 68.93  ? 168 VAL A N   1 
ATOM   1300 C CA  . VAL A 1 168 ? 3.579   -4.222  5.442   1.00 67.80  ? 168 VAL A CA  1 
ATOM   1301 C C   . VAL A 1 168 ? 4.453   -5.482  5.272   1.00 68.13  ? 168 VAL A C   1 
ATOM   1302 O O   . VAL A 1 168 ? 5.671   -5.419  5.375   1.00 67.16  ? 168 VAL A O   1 
ATOM   1303 C CB  . VAL A 1 168 ? 3.299   -3.599  4.036   1.00 66.84  ? 168 VAL A CB  1 
ATOM   1304 C CG1 . VAL A 1 168 ? 1.942   -2.929  4.018   1.00 66.12  ? 168 VAL A CG1 1 
ATOM   1305 C CG2 . VAL A 1 168 ? 4.359   -2.573  3.671   1.00 65.33  ? 168 VAL A CG2 1 
ATOM   1306 N N   . GLU A 1 169 ? 3.824   -6.638  5.119   1.00 68.58  ? 169 GLU A N   1 
ATOM   1307 C CA  . GLU A 1 169 ? 4.579   -7.845  4.894   1.00 71.49  ? 169 GLU A CA  1 
ATOM   1308 C C   . GLU A 1 169 ? 4.651   -8.013  3.375   1.00 71.60  ? 169 GLU A C   1 
ATOM   1309 O O   . GLU A 1 169 ? 3.778   -7.551  2.646   1.00 71.05  ? 169 GLU A O   1 
ATOM   1310 C CB  . GLU A 1 169 ? 3.909   -9.067  5.526   1.00 74.97  ? 169 GLU A CB  1 
ATOM   1311 C CG  . GLU A 1 169 ? 4.096   -9.215  7.069   1.00 80.34  ? 169 GLU A CG  1 
ATOM   1312 C CD  . GLU A 1 169 ? 4.049   -10.674 7.576   1.00 82.81  ? 169 GLU A CD  1 
ATOM   1313 O OE1 . GLU A 1 169 ? 3.171   -11.430 7.121   1.00 84.18  ? 169 GLU A OE1 1 
ATOM   1314 O OE2 . GLU A 1 169 ? 4.881   -11.066 8.438   1.00 84.17  ? 169 GLU A OE2 1 
ATOM   1315 N N   . PHE A 1 170 ? 5.735   -8.604  2.906   1.00 70.89  ? 170 PHE A N   1 
ATOM   1316 C CA  . PHE A 1 170 ? 5.967   -8.858  1.488   1.00 69.48  ? 170 PHE A CA  1 
ATOM   1317 C C   . PHE A 1 170 ? 6.605   -10.249 1.478   1.00 72.66  ? 170 PHE A C   1 
ATOM   1318 O O   . PHE A 1 170 ? 7.742   -10.434 1.931   1.00 72.33  ? 170 PHE A O   1 
ATOM   1319 C CB  . PHE A 1 170 ? 6.955   -7.853  0.900   1.00 64.29  ? 170 PHE A CB  1 
ATOM   1320 C CG  . PHE A 1 170 ? 6.349   -6.602  0.365   1.00 61.23  ? 170 PHE A CG  1 
ATOM   1321 C CD1 . PHE A 1 170 ? 5.643   -6.613  -0.826  1.00 60.84  ? 170 PHE A CD1 1 
ATOM   1322 C CD2 . PHE A 1 170 ? 6.543   -5.384  0.996   1.00 60.71  ? 170 PHE A CD2 1 
ATOM   1323 C CE1 . PHE A 1 170 ? 5.170   -5.404  -1.424  1.00 59.16  ? 170 PHE A CE1 1 
ATOM   1324 C CE2 . PHE A 1 170 ? 6.073   -4.172  0.401   1.00 60.50  ? 170 PHE A CE2 1 
ATOM   1325 C CZ  . PHE A 1 170 ? 5.371   -4.197  -0.798  1.00 58.02  ? 170 PHE A CZ  1 
ATOM   1326 N N   . LYS A 1 171 ? 5.841   -11.230 1.016   1.00 74.67  ? 171 LYS A N   1 
ATOM   1327 C CA  . LYS A 1 171 ? 6.284   -12.614 0.938   1.00 76.68  ? 171 LYS A CA  1 
ATOM   1328 C C   . LYS A 1 171 ? 6.703   -13.010 -0.462  1.00 77.60  ? 171 LYS A C   1 
ATOM   1329 O O   . LYS A 1 171 ? 5.950   -12.776 -1.420  1.00 77.31  ? 171 LYS A O   1 
ATOM   1330 C CB  . LYS A 1 171 ? 5.144   -13.536 1.367   1.00 78.69  ? 171 LYS A CB  1 
ATOM   1331 C CG  . LYS A 1 171 ? 5.072   -13.873 2.863   1.00 80.93  ? 171 LYS A CG  1 
ATOM   1332 C CD  . LYS A 1 171 ? 4.888   -12.671 3.762   1.00 81.82  ? 171 LYS A CD  1 
ATOM   1333 C CE  . LYS A 1 171 ? 4.207   -13.121 5.016   1.00 82.86  ? 171 LYS A CE  1 
ATOM   1334 N NZ  . LYS A 1 171 ? 4.811   -14.357 5.591   1.00 82.84  ? 171 LYS A NZ  1 
ATOM   1335 N N   . ILE A 1 172 ? 7.859   -13.669 -0.569  1.00 78.60  ? 172 ILE A N   1 
ATOM   1336 C CA  . ILE A 1 172 ? 8.380   -14.147 -1.861  1.00 79.35  ? 172 ILE A CA  1 
ATOM   1337 C C   . ILE A 1 172 ? 8.940   -15.565 -1.739  1.00 77.70  ? 172 ILE A C   1 
ATOM   1338 O O   . ILE A 1 172 ? 9.581   -15.898 -0.749  1.00 77.90  ? 172 ILE A O   1 
ATOM   1339 C CB  . ILE A 1 172 ? 9.512   -13.227 -2.440  1.00 82.25  ? 172 ILE A CB  1 
ATOM   1340 C CG1 . ILE A 1 172 ? 10.030  -12.249 -1.373  1.00 83.68  ? 172 ILE A CG1 1 
ATOM   1341 C CG2 . ILE A 1 172 ? 9.020   -12.478 -3.696  1.00 82.76  ? 172 ILE A CG2 1 
ATOM   1342 C CD1 . ILE A 1 172 ? 10.986  -11.196 -1.909  1.00 83.31  ? 172 ILE A CD1 1 
ATOM   1343 N N   . ASP A 1 173 ? 8.669   -16.407 -2.722  1.00 78.40  ? 173 ASP A N   1 
ATOM   1344 C CA  . ASP A 1 173 ? 9.177   -17.774 -2.694  1.00 79.05  ? 173 ASP A CA  1 
ATOM   1345 C C   . ASP A 1 173 ? 10.497  -17.881 -3.436  1.00 77.32  ? 173 ASP A C   1 
ATOM   1346 O O   . ASP A 1 173 ? 10.526  -17.720 -4.660  1.00 76.77  ? 173 ASP A O   1 
ATOM   1347 C CB  . ASP A 1 173 ? 8.162   -18.758 -3.296  1.00 81.84  ? 173 ASP A CB  1 
ATOM   1348 C CG  . ASP A 1 173 ? 6.897   -18.907 -2.438  1.00 84.76  ? 173 ASP A CG  1 
ATOM   1349 O OD1 . ASP A 1 173 ? 6.683   -18.079 -1.508  1.00 86.19  ? 173 ASP A OD1 1 
ATOM   1350 O OD2 . ASP A 1 173 ? 6.110   -19.853 -2.711  1.00 86.39  ? 173 ASP A OD2 1 
ATOM   1351 N N   . ILE A 1 174 ? 11.593  -18.036 -2.680  1.00 76.39  ? 174 ILE A N   1 
ATOM   1352 C CA  . ILE A 1 174 ? 12.934  -18.193 -3.246  1.00 74.39  ? 174 ILE A CA  1 
ATOM   1353 C C   . ILE A 1 174 ? 13.210  -19.670 -3.558  1.00 74.55  ? 174 ILE A C   1 
ATOM   1354 O O   . ILE A 1 174 ? 13.162  -20.528 -2.682  1.00 73.66  ? 174 ILE A O   1 
ATOM   1355 C CB  . ILE A 1 174 ? 14.053  -17.545 -2.339  1.00 71.71  ? 174 ILE A CB  1 
ATOM   1356 C CG1 . ILE A 1 174 ? 14.399  -16.137 -2.830  1.00 71.06  ? 174 ILE A CG1 1 
ATOM   1357 C CG2 . ILE A 1 174 ? 15.366  -18.292 -2.428  1.00 70.55  ? 174 ILE A CG2 1 
ATOM   1358 C CD1 . ILE A 1 174 ? 13.221  -15.224 -3.168  1.00 71.09  ? 174 ILE A CD1 1 
ATOM   1359 N N   . VAL A 1 175 ? 13.427  -19.958 -4.830  1.00 73.17  ? 175 VAL A N   1 
ATOM   1360 C CA  . VAL A 1 175 ? 13.693  -21.309 -5.300  1.00 72.88  ? 175 VAL A CA  1 
ATOM   1361 C C   . VAL A 1 175 ? 15.202  -21.546 -5.557  1.00 73.16  ? 175 VAL A C   1 
ATOM   1362 O O   . VAL A 1 175 ? 15.805  -20.920 -6.428  1.00 71.74  ? 175 VAL A O   1 
ATOM   1363 C CB  . VAL A 1 175 ? 12.882  -21.572 -6.568  1.00 73.18  ? 175 VAL A CB  1 
ATOM   1364 C CG1 . VAL A 1 175 ? 13.211  -22.952 -7.132  1.00 72.50  ? 175 VAL A CG1 1 
ATOM   1365 C CG2 . VAL A 1 175 ? 11.377  -21.415 -6.288  1.00 70.97  ? 175 VAL A CG2 1 
ATOM   1366 N N   . VAL A 1 176 ? 15.784  -22.497 -4.836  1.00 75.17  ? 176 VAL A N   1 
ATOM   1367 C CA  . VAL A 1 176 ? 17.227  -22.783 -4.927  1.00 77.70  ? 176 VAL A CA  1 
ATOM   1368 C C   . VAL A 1 176 ? 17.656  -24.102 -5.612  1.00 79.89  ? 176 VAL A C   1 
ATOM   1369 O O   . VAL A 1 176 ? 17.645  -25.199 -5.016  1.00 78.92  ? 176 VAL A O   1 
ATOM   1370 C CB  . VAL A 1 176 ? 17.944  -22.677 -3.510  1.00 77.20  ? 176 VAL A CB  1 
ATOM   1371 C CG1 . VAL A 1 176 ? 19.458  -22.653 -3.673  1.00 76.03  ? 176 VAL A CG1 1 
ATOM   1372 C CG2 . VAL A 1 176 ? 17.486  -21.446 -2.739  1.00 76.50  ? 176 VAL A CG2 1 
ATOM   1373 N N   . LEU A 1 177 ? 18.086  -23.954 -6.864  1.00 80.89  ? 177 LEU A N   1 
ATOM   1374 C CA  . LEU A 1 177 ? 18.566  -25.048 -7.690  1.00 82.62  ? 177 LEU A CA  1 
ATOM   1375 C C   . LEU A 1 177 ? 19.952  -25.531 -7.239  1.00 83.73  ? 177 LEU A C   1 
ATOM   1376 O O   . LEU A 1 177 ? 20.894  -24.728 -7.093  1.00 84.49  ? 177 LEU A O   1 
ATOM   1377 C CB  . LEU A 1 177 ? 18.695  -24.584 -9.154  1.00 82.21  ? 177 LEU A CB  1 
ATOM   1378 C CG  . LEU A 1 177 ? 17.531  -24.258 -10.089 1.00 81.79  ? 177 LEU A CG  1 
ATOM   1379 C CD1 . LEU A 1 177 ? 18.040  -23.565 -11.337 1.00 80.54  ? 177 LEU A CD1 1 
ATOM   1380 C CD2 . LEU A 1 177 ? 16.804  -25.535 -10.453 1.00 82.90  ? 177 LEU A CD2 1 
ATOM   1381 N N   . ALA A 1 178 ? 20.093  -26.836 -7.063  1.00 85.11  ? 178 ALA A N   1 
ATOM   1382 C CA  . ALA A 1 178 ? 21.392  -27.394 -6.707  1.00 86.29  ? 178 ALA A CA  1 
ATOM   1383 C C   . ALA A 1 178 ? 22.243  -27.556 -7.979  1.00 87.68  ? 178 ALA A C   1 
ATOM   1384 O O   . ALA A 1 178 ? 21.655  -27.795 -9.065  1.00 88.97  ? 178 ALA A O   1 
ATOM   1385 C CB  . ALA A 1 178 ? 21.226  -28.730 -6.022  1.00 87.56  ? 178 ALA A CB  1 
HETATM 1386 O O   . HOH B 2 .   ? -6.974  -1.271  3.509   1.00 50.33  ? 201 HOH A O   1 
HETATM 1387 O O   . HOH B 2 .   ? -11.339 -2.594  0.811   1.00 46.92  ? 202 HOH A O   1 
HETATM 1388 O O   . HOH B 2 .   ? -14.471 4.443   6.986   1.00 39.45  ? 203 HOH A O   1 
HETATM 1389 O O   . HOH B 2 .   ? -17.336 6.674   -13.158 1.00 48.94  ? 204 HOH A O   1 
HETATM 1390 O O   . HOH B 2 .   ? -3.156  10.902  -5.927  1.00 56.68  ? 205 HOH A O   1 
HETATM 1391 O O   . HOH B 2 .   ? -12.691 9.324   -9.467  1.00 40.50  ? 206 HOH A O   1 
HETATM 1392 O O   . HOH B 2 .   ? -7.644  5.943   11.709  1.00 49.60  ? 207 HOH A O   1 
HETATM 1393 O O   . HOH B 2 .   ? -14.382 2.051   6.140   1.00 46.25  ? 208 HOH A O   1 
HETATM 1394 O O   . HOH B 2 .   ? -1.113  6.538   11.235  1.00 47.32  ? 209 HOH A O   1 
HETATM 1395 O O   . HOH B 2 .   ? -2.509  -2.507  -0.290  1.00 42.45  ? 210 HOH A O   1 
HETATM 1396 O O   . HOH B 2 .   ? -0.377  -0.227  6.780   1.00 67.23  ? 211 HOH A O   1 
HETATM 1397 O O   . HOH B 2 .   ? -22.298 -1.224  0.079   1.00 45.12  ? 212 HOH A O   1 
HETATM 1398 O O   . HOH B 2 .   ? -1.478  -8.856  0.316   1.00 62.67  ? 213 HOH A O   1 
HETATM 1399 O O   . HOH B 2 .   ? 7.770   3.940   -9.562  1.00 54.62  ? 214 HOH A O   1 
HETATM 1400 O O   . HOH B 2 .   ? 0.725   -6.861  4.894   1.00 51.71  ? 215 HOH A O   1 
HETATM 1401 O O   . HOH B 2 .   ? -7.122  1.318   -14.682 1.00 49.49  ? 216 HOH A O   1 
HETATM 1402 O O   . HOH B 2 .   ? -2.824  8.523   13.238  1.00 55.76  ? 217 HOH A O   1 
HETATM 1403 O O   . HOH B 2 .   ? -10.108 -7.180  -1.744  1.00 58.66  ? 218 HOH A O   1 
HETATM 1404 O O   . HOH B 2 .   ? 7.536   -9.497  10.199  1.00 78.38  ? 219 HOH A O   1 
HETATM 1405 O O   . HOH B 2 .   ? -1.340  14.936  -5.722  1.00 52.16  ? 220 HOH A O   1 
HETATM 1406 O O   . HOH B 2 .   ? -27.854 6.798   3.587   1.00 63.18  ? 221 HOH A O   1 
HETATM 1407 O O   . HOH B 2 .   ? -30.825 10.354  15.824  1.00 60.06  ? 222 HOH A O   1 
HETATM 1408 O O   . HOH B 2 .   ? -12.662 18.494  11.241  1.00 59.20  ? 223 HOH A O   1 
HETATM 1409 O O   . HOH B 2 .   ? -15.621 3.923   -12.756 1.00 66.18  ? 224 HOH A O   1 
HETATM 1410 O O   . HOH B 2 .   ? 3.472   1.700   -9.921  1.00 56.48  ? 225 HOH A O   1 
HETATM 1411 O O   . HOH B 2 .   ? -11.251 14.532  12.519  1.00 67.17  ? 226 HOH A O   1 
HETATM 1412 O O   . HOH B 2 .   ? 3.594   -5.142  -12.198 1.00 89.67  ? 227 HOH A O   1 
HETATM 1413 O O   . HOH B 2 .   ? 5.854   -6.357  -5.086  1.00 83.81  ? 228 HOH A O   1 
HETATM 1414 O O   . HOH B 2 .   ? 26.041  -14.036 0.978   1.00 59.12  ? 229 HOH A O   1 
HETATM 1415 O O   . HOH B 2 .   ? -3.289  -6.602  -9.447  1.00 70.47  ? 230 HOH A O   1 
HETATM 1416 O O   . HOH B 2 .   ? -14.855 20.360  11.400  1.00 78.18  ? 231 HOH A O   1 
HETATM 1417 O O   . HOH B 2 .   ? -0.931  13.841  7.233   1.00 71.37  ? 232 HOH A O   1 
HETATM 1418 O O   . HOH B 2 .   ? 22.466  -22.805 10.125  1.00 72.33  ? 233 HOH A O   1 
HETATM 1419 O O   . HOH B 2 .   ? -25.500 0.882   7.682   1.00 73.32  ? 234 HOH A O   1 
HETATM 1420 O O   . HOH B 2 .   ? -13.889 -3.539  -8.531  1.00 59.77  ? 235 HOH A O   1 
HETATM 1421 O O   . HOH B 2 .   ? -2.856  8.140   -9.283  1.00 72.94  ? 236 HOH A O   1 
HETATM 1422 O O   . HOH B 2 .   ? -9.018  -0.909  -13.251 1.00 94.79  ? 237 HOH A O   1 
HETATM 1423 O O   . HOH B 2 .   ? -17.810 -1.331  -2.546  1.00 42.57  ? 238 HOH A O   1 
HETATM 1424 O O   . HOH B 2 .   ? 9.886   -9.546  7.960   1.00 66.29  ? 239 HOH A O   1 
HETATM 1425 O O   . HOH B 2 .   ? -31.014 4.676   6.314   1.00 75.29  ? 240 HOH A O   1 
HETATM 1426 O O   . HOH B 2 .   ? -11.691 9.645   11.929  1.00 63.80  ? 241 HOH A O   1 
HETATM 1427 O O   . HOH B 2 .   ? -4.729  1.890   -14.648 1.00 50.65  ? 242 HOH A O   1 
HETATM 1428 O O   . HOH B 2 .   ? 1.582   15.262  0.027   1.00 62.15  ? 243 HOH A O   1 
HETATM 1429 O O   . HOH B 2 .   ? 10.000  -16.539 7.196   1.00 75.74  ? 244 HOH A O   1 
HETATM 1430 O O   . HOH B 2 .   ? -9.235  20.493  1.951   1.00 53.99  ? 245 HOH A O   1 
HETATM 1431 O O   . HOH B 2 .   ? -20.700 18.293  -2.175  1.00 78.94  ? 246 HOH A O   1 
HETATM 1432 O O   . HOH B 2 .   ? -8.917  7.335   -14.586 1.00 60.75  ? 247 HOH A O   1 
HETATM 1433 O O   . HOH B 2 .   ? 0.759   -7.278  -12.263 1.00 75.14  ? 248 HOH A O   1 
HETATM 1434 O O   . HOH B 2 .   ? -21.098 15.630  -1.619  1.00 52.64  ? 249 HOH A O   1 
HETATM 1435 O O   . HOH B 2 .   ? -12.689 -3.712  -2.497  1.00 61.57  ? 250 HOH A O   1 
HETATM 1436 O O   . HOH B 2 .   ? 2.054   0.249   -12.448 1.00 61.16  ? 251 HOH A O   1 
HETATM 1437 O O   . HOH B 2 .   ? -11.124 -2.484  -10.464 1.00 56.08  ? 252 HOH A O   1 
HETATM 1438 O O   . HOH B 2 .   ? -12.318 15.903  -10.346 1.00 49.73  ? 253 HOH A O   1 
HETATM 1439 O O   . HOH B 2 .   ? -13.094 13.454  8.306   1.00 68.07  ? 254 HOH A O   1 
HETATM 1440 O O   . HOH B 2 .   ? 9.037   6.094   9.841   1.00 75.00  ? 255 HOH A O   1 
HETATM 1441 O O   . HOH B 2 .   ? -15.529 19.742  6.124   1.00 76.71  ? 256 HOH A O   1 
HETATM 1442 O O   . HOH B 2 .   ? 9.454   -21.892 2.898   1.00 55.88  ? 257 HOH A O   1 
HETATM 1443 O O   . HOH B 2 .   ? -25.275 -0.437  -1.113  1.00 100.48 ? 258 HOH A O   1 
HETATM 1444 O O   . HOH B 2 .   ? -0.583  6.909   -12.888 1.00 68.35  ? 259 HOH A O   1 
HETATM 1445 O O   . HOH B 2 .   ? -6.216  -4.723  -6.437  1.00 40.85  ? 260 HOH A O   1 
HETATM 1446 O O   . HOH B 2 .   ? -14.751 7.833   15.945  0.5  76.57  ? 261 HOH A O   1 
HETATM 1447 O O   . HOH B 2 .   ? -10.633 -5.246  -3.755  1.00 60.55  ? 262 HOH A O   1 
HETATM 1448 O O   . HOH B 2 .   ? 1.650   -7.726  -0.245  1.00 50.15  ? 263 HOH A O   1 
HETATM 1449 O O   . HOH B 2 .   ? -22.194 15.805  -6.150  1.00 64.38  ? 264 HOH A O   1 
HETATM 1450 O O   . HOH B 2 .   ? -17.155 12.791  -7.047  1.00 60.96  ? 265 HOH A O   1 
HETATM 1451 O O   . HOH B 2 .   ? 25.909  -8.737  -0.588  1.00 75.56  ? 266 HOH A O   1 
HETATM 1452 O O   . HOH B 2 .   ? 8.260   -3.077  -7.112  1.00 70.57  ? 267 HOH A O   1 
HETATM 1453 O O   . HOH B 2 .   ? 13.530  -5.924  -7.959  1.00 65.62  ? 268 HOH A O   1 
HETATM 1454 O O   . HOH B 2 .   ? -23.479 17.389  10.702  1.00 60.66  ? 269 HOH A O   1 
HETATM 1455 O O   . HOH B 2 .   ? 6.346   -5.157  -10.924 1.00 75.76  ? 270 HOH A O   1 
HETATM 1456 O O   . HOH B 2 .   ? 4.103   -2.570  -13.903 1.00 100.55 ? 271 HOH A O   1 
HETATM 1457 O O   . HOH B 2 .   ? 26.176  -25.452 -8.840  1.00 74.73  ? 272 HOH A O   1 
HETATM 1458 O O   . HOH B 2 .   ? 11.927  8.342   -3.477  1.00 86.77  ? 273 HOH A O   1 
HETATM 1459 O O   . HOH B 2 .   ? -0.151  15.693  5.119   1.00 73.80  ? 274 HOH A O   1 
HETATM 1460 O O   . HOH B 2 .   ? -0.675  17.165  2.208   1.00 82.11  ? 275 HOH A O   1 
HETATM 1461 O O   . HOH B 2 .   ? -1.959  -9.821  3.411   1.00 73.94  ? 276 HOH A O   1 
HETATM 1462 O O   . HOH B 2 .   ? 5.242   -1.175  -10.178 1.00 63.08  ? 277 HOH A O   1 
HETATM 1463 O O   . HOH B 2 .   ? -21.294 -0.783  -2.455  1.00 68.43  ? 278 HOH A O   1 
HETATM 1464 O O   . HOH B 2 .   ? -29.088 4.951   -3.469  1.00 51.73  ? 279 HOH A O   1 
HETATM 1465 O O   . HOH B 2 .   ? -26.493 9.336   1.367   1.00 63.70  ? 280 HOH A O   1 
HETATM 1466 O O   . HOH B 2 .   ? 3.442   -17.283 -0.919  1.00 76.49  ? 281 HOH A O   1 
HETATM 1467 O O   . HOH B 2 .   ? -25.566 10.719  3.300   1.00 66.33  ? 282 HOH A O   1 
HETATM 1468 O O   . HOH B 2 .   ? 5.372   10.002  6.139   1.00 58.20  ? 283 HOH A O   1 
HETATM 1469 O O   . HOH B 2 .   ? -6.428  13.004  -11.831 1.00 61.06  ? 284 HOH A O   1 
HETATM 1470 O O   . HOH B 2 .   ? -24.041 19.962  4.038   1.00 55.61  ? 285 HOH A O   1 
HETATM 1471 O O   . HOH B 2 .   ? -18.895 16.720  -2.828  1.00 74.72  ? 286 HOH A O   1 
HETATM 1472 O O   . HOH B 2 .   ? -11.519 12.850  10.608  1.00 44.29  ? 287 HOH A O   1 
HETATM 1473 O O   . HOH B 2 .   ? -24.614 -3.430  -3.407  1.00 86.01  ? 288 HOH A O   1 
HETATM 1474 O O   . HOH B 2 .   ? -18.946 23.406  7.427   1.00 60.34  ? 289 HOH A O   1 
HETATM 1475 O O   . HOH B 2 .   ? 17.472  -13.592 -14.832 1.00 70.99  ? 290 HOH A O   1 
HETATM 1476 O O   . HOH B 2 .   ? -1.507  12.422  -12.644 1.00 64.97  ? 291 HOH A O   1 
HETATM 1477 O O   . HOH B 2 .   ? -8.853  -3.395  0.654   1.00 60.98  ? 292 HOH A O   1 
HETATM 1478 O O   . HOH B 2 .   ? -10.681 21.592  4.377   1.00 61.55  ? 293 HOH A O   1 
HETATM 1479 O O   . HOH B 2 .   ? 2.250   9.501   -18.218 1.00 68.38  ? 294 HOH A O   1 
HETATM 1480 O O   . HOH B 2 .   ? -20.452 2.050   -3.652  1.00 85.87  ? 295 HOH A O   1 
HETATM 1481 O O   . HOH B 2 .   ? 1.829   14.257  -2.432  1.00 97.07  ? 296 HOH A O   1 
HETATM 1482 O O   . HOH B 2 .   ? -5.366  16.660  9.232   1.00 61.78  ? 297 HOH A O   1 
HETATM 1483 O O   . HOH B 2 .   ? -20.959 -3.507  -0.096  1.00 87.56  ? 298 HOH A O   1 
HETATM 1484 O O   . HOH B 2 .   ? -21.410 10.489  17.454  1.00 71.82  ? 299 HOH A O   1 
HETATM 1485 O O   . HOH B 2 .   ? 19.610  -30.019 -4.085  1.00 73.79  ? 300 HOH A O   1 
HETATM 1486 O O   . HOH B 2 .   ? 24.305  -16.197 2.386   1.00 77.86  ? 301 HOH A O   1 
HETATM 1487 O O   . HOH B 2 .   ? 6.533   -21.715 2.952   1.00 76.63  ? 302 HOH A O   1 
HETATM 1488 O O   . HOH B 2 .   ? -12.094 0.494   -5.892  1.00 64.34  ? 303 HOH A O   1 
HETATM 1489 O O   . HOH B 2 .   ? -6.364  7.182   -15.716 1.00 66.37  ? 304 HOH A O   1 
HETATM 1490 O O   . HOH B 2 .   ? 5.956   -4.801  -7.070  1.00 91.94  ? 305 HOH A O   1 
HETATM 1491 O O   . HOH B 2 .   ? 5.053   -6.889  -8.409  1.00 91.17  ? 306 HOH A O   1 
HETATM 1492 O O   . HOH B 2 .   ? 6.766   -4.631  7.906   1.00 72.31  ? 307 HOH A O   1 
HETATM 1493 O O   . HOH B 2 .   ? -12.688 23.024  3.360   1.00 72.59  ? 308 HOH A O   1 
HETATM 1494 O O   . HOH B 2 .   ? -31.690 7.363   -3.775  1.00 82.99  ? 309 HOH A O   1 
HETATM 1495 O O   . HOH B 2 .   ? -1.759  21.607  -4.537  1.00 75.08  ? 310 HOH A O   1 
HETATM 1496 O O   . HOH B 2 .   ? -21.958 -0.106  -9.006  1.00 80.82  ? 311 HOH A O   1 
HETATM 1497 O O   . HOH B 2 .   ? 23.353  -26.453 2.080   1.00 73.61  ? 312 HOH A O   1 
HETATM 1498 O O   . HOH B 2 .   ? -23.000 1.878   -10.164 1.00 79.09  ? 313 HOH A O   1 
HETATM 1499 O O   . HOH B 2 .   ? 7.531   2.166   11.541  1.00 83.94  ? 314 HOH A O   1 
HETATM 1500 O O   . HOH B 2 .   ? -29.980 9.254   2.367   1.00 72.96  ? 315 HOH A O   1 
HETATM 1501 O O   . HOH B 2 .   ? -21.920 15.571  5.406   1.00 69.34  ? 316 HOH A O   1 
HETATM 1502 O O   . HOH B 2 .   ? 3.138   -18.025 2.385   1.00 94.23  ? 317 HOH A O   1 
HETATM 1503 O O   . HOH B 2 .   ? 2.074   -9.398  -4.448  1.00 88.07  ? 318 HOH A O   1 
HETATM 1504 O O   . HOH B 2 .   ? -1.107  9.956   -18.459 1.00 87.06  ? 319 HOH A O   1 
HETATM 1505 O O   . HOH B 2 .   ? -32.789 6.548   0.627   1.00 84.15  ? 320 HOH A O   1 
HETATM 1506 O O   . HOH B 2 .   ? 25.744  23.928  -5.494  1.00 73.35  ? 321 HOH A O   1 
HETATM 1507 O O   . HOH B 2 .   ? -5.001  18.649  -12.170 1.00 86.26  ? 322 HOH A O   1 
HETATM 1508 O O   . HOH B 2 .   ? -2.900  -12.770 3.029   1.00 86.76  ? 323 HOH A O   1 
HETATM 1509 O O   . HOH B 2 .   ? -19.276 15.158  8.972   1.00 85.25  ? 324 HOH A O   1 
HETATM 1510 O O   . HOH B 2 .   ? 26.024  26.813  -6.907  1.00 86.20  ? 325 HOH A O   1 
HETATM 1511 O O   . HOH B 2 .   ? -7.356  10.366  9.161   1.00 83.80  ? 326 HOH A O   1 
HETATM 1512 O O   . HOH B 2 .   ? -14.027 4.777   -16.477 1.00 99.18  ? 327 HOH A O   1 
HETATM 1513 O O   . HOH B 2 .   ? -16.779 -3.671  -7.798  1.00 86.62  ? 328 HOH A O   1 
HETATM 1514 O O   . HOH B 2 .   ? -9.472  16.346  4.895   1.00 86.04  ? 329 HOH A O   1 
HETATM 1515 O O   . HOH B 2 .   ? 1.616   1.138   13.967  1.00 98.04  ? 330 HOH A O   1 
HETATM 1516 O O   . HOH B 2 .   ? 0.180   -2.204  -10.990 1.00 74.87  ? 331 HOH A O   1 
HETATM 1517 O O   . HOH B 2 .   ? 12.161  2.594   -3.301  1.00 79.94  ? 332 HOH A O   1 
HETATM 1518 O O   . HOH B 2 .   ? 3.623   -13.906 -3.125  1.00 83.70  ? 333 HOH A O   1 
HETATM 1519 O O   . HOH B 2 .   ? 3.486   10.182  -8.109  1.00 80.56  ? 334 HOH A O   1 
HETATM 1520 O O   . HOH B 2 .   ? -10.616 7.146   12.754  1.00 78.27  ? 335 HOH A O   1 
HETATM 1521 O O   . HOH B 2 .   ? 4.426   10.744  -4.211  1.00 94.34  ? 336 HOH A O   1 
HETATM 1522 O O   . HOH B 2 .   ? -15.814 17.933  -7.421  1.00 94.55  ? 337 HOH A O   1 
HETATM 1523 O O   . HOH B 2 .   ? 1.054   -3.697  -14.410 1.00 101.25 ? 338 HOH A O   1 
HETATM 1524 O O   . HOH B 2 .   ? -3.680  19.092  8.791   1.00 67.79  ? 339 HOH A O   1 
HETATM 1525 O O   . HOH B 2 .   ? -35.140 25.145  12.631  1.00 93.97  ? 340 HOH A O   1 
HETATM 1526 O O   . HOH B 2 .   ? -1.377  -4.641  -10.044 1.00 82.58  ? 341 HOH A O   1 
HETATM 1527 O O   . HOH B 2 .   ? -12.513 -6.484  -0.894  1.00 79.86  ? 342 HOH A O   1 
HETATM 1528 O O   . HOH B 2 .   ? -4.842  -6.366  0.429   1.00 72.99  ? 343 HOH A O   1 
HETATM 1529 O O   . HOH B 2 .   ? 2.547   -10.542 9.974   1.00 66.45  ? 344 HOH A O   1 
HETATM 1530 O O   . HOH B 2 .   ? -6.641  4.489   -12.857 1.00 99.34  ? 345 HOH A O   1 
HETATM 1531 O O   . HOH B 2 .   ? -6.410  7.941   13.284  1.00 99.07  ? 346 HOH A O   1 
HETATM 1532 O O   . HOH B 2 .   ? 5.270   -8.020  9.307   1.00 93.86  ? 347 HOH A O   1 
HETATM 1533 O O   . HOH B 2 .   ? -0.865  22.737  -1.827  1.00 85.54  ? 348 HOH A O   1 
HETATM 1534 O O   . HOH B 2 .   ? -4.924  16.166  -13.962 1.00 88.77  ? 349 HOH A O   1 
HETATM 1535 O O   . HOH B 2 .   ? 0.477   -7.481  -6.629  1.00 83.11  ? 350 HOH A O   1 
HETATM 1536 O O   . HOH B 2 .   ? 12.817  -8.201  12.801  1.00 91.53  ? 351 HOH A O   1 
HETATM 1537 O O   . HOH B 2 .   ? -12.928 19.759  13.684  1.00 80.01  ? 352 HOH A O   1 
HETATM 1538 O O   . HOH B 2 .   ? 6.725   10.978  3.914   1.00 91.81  ? 353 HOH A O   1 
HETATM 1539 O O   . HOH B 2 .   ? -5.252  1.863   -1.187  1.00 73.55  ? 354 HOH A O   1 
HETATM 1540 O O   . HOH B 2 .   ? -8.621  -5.856  -0.236  1.00 94.40  ? 355 HOH A O   1 
HETATM 1541 O O   . HOH B 2 .   ? -14.570 -0.503  -6.724  1.00 83.74  ? 356 HOH A O   1 
HETATM 1542 O O   . HOH B 2 .   ? -4.478  5.971   -5.443  1.00 85.56  ? 357 HOH A O   1 
HETATM 1543 O O   . HOH B 2 .   ? -0.123  17.114  -5.696  1.00 88.42  ? 358 HOH A O   1 
HETATM 1544 O O   . HOH B 2 .   ? 2.091   8.404   -14.300 1.00 84.58  ? 359 HOH A O   1 
HETATM 1545 O O   . HOH B 2 .   ? 3.970   -7.114  -14.413 1.00 92.31  ? 360 HOH A O   1 
HETATM 1546 O O   . HOH B 2 .   ? 4.412   8.242   -5.333  1.00 77.53  ? 361 HOH A O   1 
HETATM 1547 O O   . HOH B 2 .   ? -33.527 7.678   -1.845  1.00 88.75  ? 362 HOH A O   1 
HETATM 1548 O O   . HOH B 2 .   ? -11.854 5.372   11.300  1.00 85.85  ? 363 HOH A O   1 
HETATM 1549 O O   . HOH B 2 .   ? 26.394  -19.505 5.195   1.00 85.94  ? 364 HOH A O   1 
HETATM 1550 O O   . HOH B 2 .   ? -21.915 2.590   -7.424  1.00 67.40  ? 365 HOH A O   1 
HETATM 1551 O O   . HOH B 2 .   ? 10.298  -7.643  14.390  1.00 86.54  ? 366 HOH A O   1 
HETATM 1552 O O   . HOH B 2 .   ? 5.937   -23.195 -4.154  1.00 66.16  ? 367 HOH A O   1 
HETATM 1553 O O   . HOH B 2 .   ? -23.747 12.160  16.447  1.00 86.04  ? 368 HOH A O   1 
HETATM 1554 O O   . HOH B 2 .   ? -0.583  20.260  5.739   1.00 92.81  ? 369 HOH A O   1 
HETATM 1555 O O   . HOH B 2 .   ? -9.938  11.860  5.711   1.00 86.48  ? 370 HOH A O   1 
HETATM 1556 O O   . HOH B 2 .   ? -22.371 5.268   -8.641  1.00 81.20  ? 371 HOH A O   1 
HETATM 1557 O O   . HOH B 2 .   ? -6.695  16.500  11.595  1.00 92.57  ? 372 HOH A O   1 
HETATM 1558 O O   . HOH B 2 .   ? 4.804   -0.729  15.683  1.00 63.92  ? 373 HOH A O   1 
HETATM 1559 O O   . HOH B 2 .   ? 13.870  -25.379 -8.219  1.00 81.82  ? 374 HOH A O   1 
HETATM 1560 O O   . HOH B 2 .   ? -7.925  6.073   5.884   1.00 64.58  ? 375 HOH A O   1 
HETATM 1561 O O   . HOH B 2 .   ? 4.209   -20.312 4.495   1.00 100.23 ? 376 HOH A O   1 
HETATM 1562 O O   . HOH B 2 .   ? -11.266 1.870   0.652   1.00 71.16  ? 377 HOH A O   1 
HETATM 1563 O O   . HOH B 2 .   ? -5.745  20.240  -0.692  1.00 89.28  ? 378 HOH A O   1 
HETATM 1564 O O   . HOH B 2 .   ? 13.864  -17.106 -5.606  1.00 95.14  ? 379 HOH A O   1 
HETATM 1565 O O   . HOH B 2 .   ? -4.223  0.532   -17.029 1.00 93.98  ? 380 HOH A O   1 
HETATM 1566 O O   . HOH B 2 .   ? 27.834  22.761  -7.664  1.00 66.68  ? 381 HOH A O   1 
HETATM 1567 O O   . HOH B 2 .   ? -9.432  -6.445  -5.372  1.00 64.42  ? 382 HOH A O   1 
HETATM 1568 O O   . HOH B 2 .   ? 21.774  -17.730 10.688  1.00 90.17  ? 383 HOH A O   1 
HETATM 1569 O O   . HOH B 2 .   ? -8.696  5.225   -7.203  1.00 90.53  ? 384 HOH A O   1 
HETATM 1570 O O   . HOH B 2 .   ? -29.482 2.690   -1.498  1.00 81.25  ? 385 HOH A O   1 
HETATM 1571 O O   . HOH B 2 .   ? 11.360  -25.025 -0.236  1.00 86.15  ? 386 HOH A O   1 
HETATM 1572 O O   . HOH B 2 .   ? 21.308  -19.904 -10.973 1.00 90.64  ? 387 HOH A O   1 
HETATM 1573 O O   . HOH B 2 .   ? 26.099  -17.906 2.277   1.00 55.61  ? 388 HOH A O   1 
HETATM 1574 O O   . HOH B 2 .   ? -11.907 22.013  -4.230  1.00 70.27  ? 389 HOH A O   1 
HETATM 1575 O O   . HOH B 2 .   ? 5.732   7.901   -8.924  1.00 67.74  ? 390 HOH A O   1 
HETATM 1576 O O   . HOH B 2 .   ? 18.009  -18.504 7.559   1.00 69.65  ? 391 HOH A O   1 
HETATM 1577 O O   . HOH B 2 .   ? 7.537   14.396  -6.332  1.00 66.94  ? 392 HOH A O   1 
HETATM 1578 O O   . HOH B 2 .   ? 4.367   -23.503 -1.127  1.00 90.13  ? 393 HOH A O   1 
HETATM 1579 O O   . HOH B 2 .   ? 21.878  -26.025 -3.053  1.00 69.44  ? 394 HOH A O   1 
HETATM 1580 O O   . HOH B 2 .   ? 10.640  -23.520 3.062   1.00 80.65  ? 395 HOH A O   1 
HETATM 1581 O O   . HOH B 2 .   ? 1.262   11.156  -10.303 1.00 68.74  ? 396 HOH A O   1 
HETATM 1582 O O   . HOH B 2 .   ? 23.437  -24.833 5.463   1.00 69.84  ? 397 HOH A O   1 
HETATM 1583 O O   . HOH B 2 .   ? 8.946   -12.442 9.801   1.00 89.74  ? 398 HOH A O   1 
HETATM 1584 O O   . HOH B 2 .   ? 1.239   12.874  0.394   1.00 68.30  ? 399 HOH A O   1 
HETATM 1585 O O   . HOH B 2 .   ? 1.367   -2.012  -16.073 1.00 67.96  ? 400 HOH A O   1 
HETATM 1586 O O   . HOH B 2 .   ? 17.118  -13.764 15.050  1.00 82.87  ? 401 HOH A O   1 
HETATM 1587 O O   . HOH B 2 .   ? -16.922 14.105  -9.464  1.00 67.75  ? 402 HOH A O   1 
HETATM 1588 O O   . HOH B 2 .   ? -36.382 26.648  15.439  1.00 68.62  ? 403 HOH A O   1 
HETATM 1589 O O   . HOH B 2 .   ? 2.533   18.337  4.055   1.00 63.52  ? 404 HOH A O   1 
HETATM 1590 O O   . HOH B 2 .   ? -7.091  12.202  -7.867  1.00 71.77  ? 405 HOH A O   1 
HETATM 1591 O O   . HOH B 2 .   ? -18.396 -3.792  -0.577  1.00 73.53  ? 406 HOH A O   1 
HETATM 1592 O O   . HOH B 2 .   ? -14.388 11.991  2.191   1.00 70.40  ? 407 HOH A O   1 
# 
